data_1HII
# 
_entry.id   1HII 
# 
_audit_conform.dict_name       mmcif_pdbx.dic 
_audit_conform.dict_version    5.386 
_audit_conform.dict_location   http://mmcif.pdb.org/dictionaries/ascii/mmcif_pdbx.dic 
# 
loop_
_database_2.database_id 
_database_2.database_code 
_database_2.pdbx_database_accession 
_database_2.pdbx_DOI 
PDB   1HII         pdb_00001hii 10.2210/pdb1hii/pdb 
WWPDB D_1000173865 ?            ?                   
# 
loop_
_pdbx_audit_revision_history.ordinal 
_pdbx_audit_revision_history.data_content_type 
_pdbx_audit_revision_history.major_revision 
_pdbx_audit_revision_history.minor_revision 
_pdbx_audit_revision_history.revision_date 
1 'Structure model' 1 0 1995-07-10 
2 'Structure model' 1 1 2008-03-03 
3 'Structure model' 1 2 2011-07-13 
4 'Structure model' 1 3 2018-04-18 
5 'Structure model' 1 4 2024-02-07 
# 
_pdbx_audit_revision_details.ordinal             1 
_pdbx_audit_revision_details.revision_ordinal    1 
_pdbx_audit_revision_details.data_content_type   'Structure model' 
_pdbx_audit_revision_details.provider            repository 
_pdbx_audit_revision_details.type                'Initial release' 
_pdbx_audit_revision_details.description         ? 
_pdbx_audit_revision_details.details             ? 
# 
loop_
_pdbx_audit_revision_group.ordinal 
_pdbx_audit_revision_group.revision_ordinal 
_pdbx_audit_revision_group.data_content_type 
_pdbx_audit_revision_group.group 
1 2 'Structure model' 'Version format compliance' 
2 3 'Structure model' 'Version format compliance' 
3 4 'Structure model' 'Data collection'           
4 4 'Structure model' Other                       
5 5 'Structure model' 'Data collection'           
6 5 'Structure model' 'Database references'       
7 5 'Structure model' 'Derived calculations'      
# 
loop_
_pdbx_audit_revision_category.ordinal 
_pdbx_audit_revision_category.revision_ordinal 
_pdbx_audit_revision_category.data_content_type 
_pdbx_audit_revision_category.category 
1 4 'Structure model' diffrn_detector      
2 4 'Structure model' pdbx_database_status 
3 5 'Structure model' chem_comp_atom       
4 5 'Structure model' chem_comp_bond       
5 5 'Structure model' database_2           
6 5 'Structure model' struct_site          
# 
loop_
_pdbx_audit_revision_item.ordinal 
_pdbx_audit_revision_item.revision_ordinal 
_pdbx_audit_revision_item.data_content_type 
_pdbx_audit_revision_item.item 
1 4 'Structure model' '_diffrn_detector.detector'           
2 4 'Structure model' '_pdbx_database_status.process_site'  
3 5 'Structure model' '_database_2.pdbx_DOI'                
4 5 'Structure model' '_database_2.pdbx_database_accession' 
5 5 'Structure model' '_struct_site.pdbx_auth_asym_id'      
6 5 'Structure model' '_struct_site.pdbx_auth_comp_id'      
7 5 'Structure model' '_struct_site.pdbx_auth_seq_id'       
# 
_pdbx_database_status.status_code                     REL 
_pdbx_database_status.entry_id                        1HII 
_pdbx_database_status.recvd_initial_deposition_date   1995-03-31 
_pdbx_database_status.deposit_site                    ? 
_pdbx_database_status.process_site                    BNL 
_pdbx_database_status.SG_entry                        . 
_pdbx_database_status.pdb_format_compatible           Y 
_pdbx_database_status.status_code_mr                  ? 
_pdbx_database_status.status_code_sf                  ? 
_pdbx_database_status.status_code_cs                  ? 
_pdbx_database_status.methods_development_category    ? 
_pdbx_database_status.status_code_nmr_data            ? 
# 
loop_
_audit_author.name 
_audit_author.pdbx_ordinal 
'Priestle, J.P.' 1 
'Gruetter, M.G.' 2 
# 
loop_
_citation.id 
_citation.title 
_citation.journal_abbrev 
_citation.journal_volume 
_citation.page_first 
_citation.page_last 
_citation.year 
_citation.journal_id_ASTM 
_citation.country 
_citation.journal_id_ISSN 
_citation.journal_id_CSD 
_citation.book_publisher 
_citation.pdbx_database_id_PubMed 
_citation.pdbx_database_id_DOI 
primary 
;Comparative analysis of the X-ray structures of HIV-1 and HIV-2 proteases in complex with CGP 53820, a novel pseudosymmetric inhibitor.
;
Structure             3 381  389 1995 STRUE6 UK 0969-2126 2005 ? 7613867 '10.1016/S0969-2126(01)00169-1' 
1       'Novel Pseudosymmetric Inhibitors of HIV-1 Protease' Bioorg.Med.Chem.Lett. 3 2837 ?   1993 BMCLE8 UK 0960-894X 1127 ? ? ? 
# 
loop_
_citation_author.citation_id 
_citation_author.name 
_citation_author.ordinal 
_citation_author.identifier_ORCID 
primary 'Priestle, J.P.'        1  ? 
primary 'Fassler, A.'           2  ? 
primary 'Rosel, J.'             3  ? 
primary 'Tintelnot-Blomley, M.' 4  ? 
primary 'Strop, P.'             5  ? 
primary 'Grutter, M.G.'         6  ? 
1       'Fassler, A.'           7  ? 
1       'Rosel, J.'             8  ? 
1       'Tintelnot-Blomley, M.' 9  ? 
1       'Alteri, E.'            10 ? 
1       'Bold, G.'              11 ? 
1       'Lang, M.'              12 ? 
# 
loop_
_entity.id 
_entity.type 
_entity.src_method 
_entity.pdbx_description 
_entity.formula_weight 
_entity.pdbx_number_of_molecules 
_entity.pdbx_ec 
_entity.pdbx_mutation 
_entity.pdbx_fragment 
_entity.details 
1 polymer     man 'HIV-2 PROTEASE'                                                 10728.337 2   3.4.23.- ? ? ? 
2 non-polymer syn 'SULFATE ION'                                                    96.063    2   ?        ? ? ? 
3 non-polymer syn 'ACETYL-NH-VAL-CYCLOHEXYL-CH2[NCH2CHOH]CH2-BENZYL-VAL-NH-ACETYL' 573.767   1   ?        ? ? ? 
4 water       nat water                                                            18.015    194 ?        ? ? ? 
# 
_entity_poly.entity_id                      1 
_entity_poly.type                           'polypeptide(L)' 
_entity_poly.nstd_linkage                   no 
_entity_poly.nstd_monomer                   no 
_entity_poly.pdbx_seq_one_letter_code       
;PQFSLWKRPVVTAYIEGQPVEVLLDTGADDSIVAGIELGNNYSPKIVGGIGGFINTKEYKNVEIEVLNKKVRATIMTGDT
PINIFGRNILTALGMSLNL
;
_entity_poly.pdbx_seq_one_letter_code_can   
;PQFSLWKRPVVTAYIEGQPVEVLLDTGADDSIVAGIELGNNYSPKIVGGIGGFINTKEYKNVEIEVLNKKVRATIMTGDT
PINIFGRNILTALGMSLNL
;
_entity_poly.pdbx_strand_id                 A,B 
_entity_poly.pdbx_target_identifier         ? 
# 
loop_
_pdbx_entity_nonpoly.entity_id 
_pdbx_entity_nonpoly.name 
_pdbx_entity_nonpoly.comp_id 
2 'SULFATE ION'                                                    SO4 
3 'ACETYL-NH-VAL-CYCLOHEXYL-CH2[NCH2CHOH]CH2-BENZYL-VAL-NH-ACETYL' C20 
4 water                                                            HOH 
# 
loop_
_entity_poly_seq.entity_id 
_entity_poly_seq.num 
_entity_poly_seq.mon_id 
_entity_poly_seq.hetero 
1 1  PRO n 
1 2  GLN n 
1 3  PHE n 
1 4  SER n 
1 5  LEU n 
1 6  TRP n 
1 7  LYS n 
1 8  ARG n 
1 9  PRO n 
1 10 VAL n 
1 11 VAL n 
1 12 THR n 
1 13 ALA n 
1 14 TYR n 
1 15 ILE n 
1 16 GLU n 
1 17 GLY n 
1 18 GLN n 
1 19 PRO n 
1 20 VAL n 
1 21 GLU n 
1 22 VAL n 
1 23 LEU n 
1 24 LEU n 
1 25 ASP n 
1 26 THR n 
1 27 GLY n 
1 28 ALA n 
1 29 ASP n 
1 30 ASP n 
1 31 SER n 
1 32 ILE n 
1 33 VAL n 
1 34 ALA n 
1 35 GLY n 
1 36 ILE n 
1 37 GLU n 
1 38 LEU n 
1 39 GLY n 
1 40 ASN n 
1 41 ASN n 
1 42 TYR n 
1 43 SER n 
1 44 PRO n 
1 45 LYS n 
1 46 ILE n 
1 47 VAL n 
1 48 GLY n 
1 49 GLY n 
1 50 ILE n 
1 51 GLY n 
1 52 GLY n 
1 53 PHE n 
1 54 ILE n 
1 55 ASN n 
1 56 THR n 
1 57 LYS n 
1 58 GLU n 
1 59 TYR n 
1 60 LYS n 
1 61 ASN n 
1 62 VAL n 
1 63 GLU n 
1 64 ILE n 
1 65 GLU n 
1 66 VAL n 
1 67 LEU n 
1 68 ASN n 
1 69 LYS n 
1 70 LYS n 
1 71 VAL n 
1 72 ARG n 
1 73 ALA n 
1 74 THR n 
1 75 ILE n 
1 76 MET n 
1 77 THR n 
1 78 GLY n 
1 79 ASP n 
1 80 THR n 
1 81 PRO n 
1 82 ILE n 
1 83 ASN n 
1 84 ILE n 
1 85 PHE n 
1 86 GLY n 
1 87 ARG n 
1 88 ASN n 
1 89 ILE n 
1 90 LEU n 
1 91 THR n 
1 92 ALA n 
1 93 LEU n 
1 94 GLY n 
1 95 MET n 
1 96 SER n 
1 97 LEU n 
1 98 ASN n 
1 99 LEU n 
# 
_entity_src_gen.entity_id                          1 
_entity_src_gen.pdbx_src_id                        1 
_entity_src_gen.pdbx_alt_source_flag               sample 
_entity_src_gen.pdbx_seq_type                      ? 
_entity_src_gen.pdbx_beg_seq_num                   ? 
_entity_src_gen.pdbx_end_seq_num                   ? 
_entity_src_gen.gene_src_common_name               ? 
_entity_src_gen.gene_src_genus                     Lentivirus 
_entity_src_gen.pdbx_gene_src_gene                 POL 
_entity_src_gen.gene_src_species                   ? 
_entity_src_gen.gene_src_strain                    ? 
_entity_src_gen.gene_src_tissue                    ? 
_entity_src_gen.gene_src_tissue_fraction           ? 
_entity_src_gen.gene_src_details                   ? 
_entity_src_gen.pdbx_gene_src_fragment             ? 
_entity_src_gen.pdbx_gene_src_scientific_name      'Human immunodeficiency virus 2' 
_entity_src_gen.pdbx_gene_src_ncbi_taxonomy_id     11709 
_entity_src_gen.pdbx_gene_src_variant              ? 
_entity_src_gen.pdbx_gene_src_cell_line            S2 
_entity_src_gen.pdbx_gene_src_atcc                 ? 
_entity_src_gen.pdbx_gene_src_organ                ? 
_entity_src_gen.pdbx_gene_src_organelle            ? 
_entity_src_gen.pdbx_gene_src_cell                 ? 
_entity_src_gen.pdbx_gene_src_cellular_location    ? 
_entity_src_gen.host_org_common_name               ? 
_entity_src_gen.pdbx_host_org_scientific_name      'Escherichia coli' 
_entity_src_gen.pdbx_host_org_ncbi_taxonomy_id     562 
_entity_src_gen.host_org_genus                     Escherichia 
_entity_src_gen.pdbx_host_org_gene                 POL 
_entity_src_gen.pdbx_host_org_organ                ? 
_entity_src_gen.host_org_species                   ? 
_entity_src_gen.pdbx_host_org_tissue               ? 
_entity_src_gen.pdbx_host_org_tissue_fraction      ? 
_entity_src_gen.pdbx_host_org_strain               ? 
_entity_src_gen.pdbx_host_org_variant              ? 
_entity_src_gen.pdbx_host_org_cell_line            ? 
_entity_src_gen.pdbx_host_org_atcc                 ? 
_entity_src_gen.pdbx_host_org_culture_collection   ? 
_entity_src_gen.pdbx_host_org_cell                 ? 
_entity_src_gen.pdbx_host_org_organelle            ? 
_entity_src_gen.pdbx_host_org_cellular_location    ? 
_entity_src_gen.pdbx_host_org_vector_type          ? 
_entity_src_gen.pdbx_host_org_vector               ? 
_entity_src_gen.host_org_details                   ? 
_entity_src_gen.expression_system_id               ? 
_entity_src_gen.plasmid_name                       PT7Q10H 
_entity_src_gen.plasmid_details                    ? 
_entity_src_gen.pdbx_description                   ? 
# 
loop_
_chem_comp.id 
_chem_comp.type 
_chem_comp.mon_nstd_flag 
_chem_comp.name 
_chem_comp.pdbx_synonyms 
_chem_comp.formula 
_chem_comp.formula_weight 
ALA 'L-peptide linking' y ALANINE                                                          ?           'C3 H7 N O2'     89.093  
ARG 'L-peptide linking' y ARGININE                                                         ?           'C6 H15 N4 O2 1' 175.209 
ASN 'L-peptide linking' y ASPARAGINE                                                       ?           'C4 H8 N2 O3'    132.118 
ASP 'L-peptide linking' y 'ASPARTIC ACID'                                                  ?           'C4 H7 N O4'     133.103 
C20 non-polymer         . 'ACETYL-NH-VAL-CYCLOHEXYL-CH2[NCH2CHOH]CH2-BENZYL-VAL-NH-ACETYL' 'CGP 53820' 'C31 H51 N5 O5'  573.767 
GLN 'L-peptide linking' y GLUTAMINE                                                        ?           'C5 H10 N2 O3'   146.144 
GLU 'L-peptide linking' y 'GLUTAMIC ACID'                                                  ?           'C5 H9 N O4'     147.129 
GLY 'peptide linking'   y GLYCINE                                                          ?           'C2 H5 N O2'     75.067  
HOH non-polymer         . WATER                                                            ?           'H2 O'           18.015  
ILE 'L-peptide linking' y ISOLEUCINE                                                       ?           'C6 H13 N O2'    131.173 
LEU 'L-peptide linking' y LEUCINE                                                          ?           'C6 H13 N O2'    131.173 
LYS 'L-peptide linking' y LYSINE                                                           ?           'C6 H15 N2 O2 1' 147.195 
MET 'L-peptide linking' y METHIONINE                                                       ?           'C5 H11 N O2 S'  149.211 
PHE 'L-peptide linking' y PHENYLALANINE                                                    ?           'C9 H11 N O2'    165.189 
PRO 'L-peptide linking' y PROLINE                                                          ?           'C5 H9 N O2'     115.130 
SER 'L-peptide linking' y SERINE                                                           ?           'C3 H7 N O3'     105.093 
SO4 non-polymer         . 'SULFATE ION'                                                    ?           'O4 S -2'        96.063  
THR 'L-peptide linking' y THREONINE                                                        ?           'C4 H9 N O3'     119.119 
TRP 'L-peptide linking' y TRYPTOPHAN                                                       ?           'C11 H12 N2 O2'  204.225 
TYR 'L-peptide linking' y TYROSINE                                                         ?           'C9 H11 N O3'    181.189 
VAL 'L-peptide linking' y VALINE                                                           ?           'C5 H11 N O2'    117.146 
# 
loop_
_pdbx_poly_seq_scheme.asym_id 
_pdbx_poly_seq_scheme.entity_id 
_pdbx_poly_seq_scheme.seq_id 
_pdbx_poly_seq_scheme.mon_id 
_pdbx_poly_seq_scheme.ndb_seq_num 
_pdbx_poly_seq_scheme.pdb_seq_num 
_pdbx_poly_seq_scheme.auth_seq_num 
_pdbx_poly_seq_scheme.pdb_mon_id 
_pdbx_poly_seq_scheme.auth_mon_id 
_pdbx_poly_seq_scheme.pdb_strand_id 
_pdbx_poly_seq_scheme.pdb_ins_code 
_pdbx_poly_seq_scheme.hetero 
A 1 1  PRO 1  1  1  PRO PRO A . n 
A 1 2  GLN 2  2  2  GLN GLN A . n 
A 1 3  PHE 3  3  3  PHE PHE A . n 
A 1 4  SER 4  4  4  SER SER A . n 
A 1 5  LEU 5  5  5  LEU LEU A . n 
A 1 6  TRP 6  6  6  TRP TRP A . n 
A 1 7  LYS 7  7  7  LYS LYS A . n 
A 1 8  ARG 8  8  8  ARG ARG A . n 
A 1 9  PRO 9  9  9  PRO PRO A . n 
A 1 10 VAL 10 10 10 VAL VAL A . n 
A 1 11 VAL 11 11 11 VAL VAL A . n 
A 1 12 THR 12 12 12 THR THR A . n 
A 1 13 ALA 13 13 13 ALA ALA A . n 
A 1 14 TYR 14 14 14 TYR TYR A . n 
A 1 15 ILE 15 15 15 ILE ILE A . n 
A 1 16 GLU 16 16 16 GLU GLU A . n 
A 1 17 GLY 17 17 17 GLY GLY A . n 
A 1 18 GLN 18 18 18 GLN GLN A . n 
A 1 19 PRO 19 19 19 PRO PRO A . n 
A 1 20 VAL 20 20 20 VAL VAL A . n 
A 1 21 GLU 21 21 21 GLU GLU A . n 
A 1 22 VAL 22 22 22 VAL VAL A . n 
A 1 23 LEU 23 23 23 LEU LEU A . n 
A 1 24 LEU 24 24 24 LEU LEU A . n 
A 1 25 ASP 25 25 25 ASP ASP A . n 
A 1 26 THR 26 26 26 THR THR A . n 
A 1 27 GLY 27 27 27 GLY GLY A . n 
A 1 28 ALA 28 28 28 ALA ALA A . n 
A 1 29 ASP 29 29 29 ASP ASP A . n 
A 1 30 ASP 30 30 30 ASP ASP A . n 
A 1 31 SER 31 31 31 SER SER A . n 
A 1 32 ILE 32 32 32 ILE ILE A . n 
A 1 33 VAL 33 33 33 VAL VAL A . n 
A 1 34 ALA 34 34 34 ALA ALA A . n 
A 1 35 GLY 35 35 35 GLY GLY A . n 
A 1 36 ILE 36 36 36 ILE ILE A . n 
A 1 37 GLU 37 37 37 GLU GLU A . n 
A 1 38 LEU 38 38 38 LEU LEU A . n 
A 1 39 GLY 39 39 39 GLY GLY A . n 
A 1 40 ASN 40 40 40 ASN ASN A . n 
A 1 41 ASN 41 41 41 ASN ASN A . n 
A 1 42 TYR 42 42 42 TYR TYR A . n 
A 1 43 SER 43 43 43 SER SER A . n 
A 1 44 PRO 44 44 44 PRO PRO A . n 
A 1 45 LYS 45 45 45 LYS LYS A . n 
A 1 46 ILE 46 46 46 ILE ILE A . n 
A 1 47 VAL 47 47 47 VAL VAL A . n 
A 1 48 GLY 48 48 48 GLY GLY A . n 
A 1 49 GLY 49 49 49 GLY GLY A . n 
A 1 50 ILE 50 50 50 ILE ILE A . n 
A 1 51 GLY 51 51 51 GLY GLY A . n 
A 1 52 GLY 52 52 52 GLY GLY A . n 
A 1 53 PHE 53 53 53 PHE PHE A . n 
A 1 54 ILE 54 54 54 ILE ILE A . n 
A 1 55 ASN 55 55 55 ASN ASN A . n 
A 1 56 THR 56 56 56 THR THR A . n 
A 1 57 LYS 57 57 57 LYS LYS A . n 
A 1 58 GLU 58 58 58 GLU GLU A . n 
A 1 59 TYR 59 59 59 TYR TYR A . n 
A 1 60 LYS 60 60 60 LYS LYS A . n 
A 1 61 ASN 61 61 61 ASN ASN A . n 
A 1 62 VAL 62 62 62 VAL VAL A . n 
A 1 63 GLU 63 63 63 GLU GLU A . n 
A 1 64 ILE 64 64 64 ILE ILE A . n 
A 1 65 GLU 65 65 65 GLU GLU A . n 
A 1 66 VAL 66 66 66 VAL VAL A . n 
A 1 67 LEU 67 67 67 LEU LEU A . n 
A 1 68 ASN 68 68 68 ASN ASN A . n 
A 1 69 LYS 69 69 69 LYS LYS A . n 
A 1 70 LYS 70 70 70 LYS LYS A . n 
A 1 71 VAL 71 71 71 VAL VAL A . n 
A 1 72 ARG 72 72 72 ARG ARG A . n 
A 1 73 ALA 73 73 73 ALA ALA A . n 
A 1 74 THR 74 74 74 THR THR A . n 
A 1 75 ILE 75 75 75 ILE ILE A . n 
A 1 76 MET 76 76 76 MET MET A . n 
A 1 77 THR 77 77 77 THR THR A . n 
A 1 78 GLY 78 78 78 GLY GLY A . n 
A 1 79 ASP 79 79 79 ASP ASP A . n 
A 1 80 THR 80 80 80 THR THR A . n 
A 1 81 PRO 81 81 81 PRO PRO A . n 
A 1 82 ILE 82 82 82 ILE ILE A . n 
A 1 83 ASN 83 83 83 ASN ASN A . n 
A 1 84 ILE 84 84 84 ILE ILE A . n 
A 1 85 PHE 85 85 85 PHE PHE A . n 
A 1 86 GLY 86 86 86 GLY GLY A . n 
A 1 87 ARG 87 87 87 ARG ARG A . n 
A 1 88 ASN 88 88 88 ASN ASN A . n 
A 1 89 ILE 89 89 89 ILE ILE A . n 
A 1 90 LEU 90 90 90 LEU LEU A . n 
A 1 91 THR 91 91 91 THR THR A . n 
A 1 92 ALA 92 92 92 ALA ALA A . n 
A 1 93 LEU 93 93 93 LEU LEU A . n 
A 1 94 GLY 94 94 94 GLY GLY A . n 
A 1 95 MET 95 95 95 MET MET A . n 
A 1 96 SER 96 96 96 SER SER A . n 
A 1 97 LEU 97 97 97 LEU LEU A . n 
A 1 98 ASN 98 98 98 ASN ASN A . n 
A 1 99 LEU 99 99 99 LEU LEU A . n 
B 1 1  PRO 1  1  1  PRO PRO B . n 
B 1 2  GLN 2  2  2  GLN GLN B . n 
B 1 3  PHE 3  3  3  PHE PHE B . n 
B 1 4  SER 4  4  4  SER SER B . n 
B 1 5  LEU 5  5  5  LEU LEU B . n 
B 1 6  TRP 6  6  6  TRP TRP B . n 
B 1 7  LYS 7  7  7  LYS LYS B . n 
B 1 8  ARG 8  8  8  ARG ARG B . n 
B 1 9  PRO 9  9  9  PRO PRO B . n 
B 1 10 VAL 10 10 10 VAL VAL B . n 
B 1 11 VAL 11 11 11 VAL VAL B . n 
B 1 12 THR 12 12 12 THR THR B . n 
B 1 13 ALA 13 13 13 ALA ALA B . n 
B 1 14 TYR 14 14 14 TYR TYR B . n 
B 1 15 ILE 15 15 15 ILE ILE B . n 
B 1 16 GLU 16 16 16 GLU GLU B . n 
B 1 17 GLY 17 17 17 GLY GLY B . n 
B 1 18 GLN 18 18 18 GLN GLN B . n 
B 1 19 PRO 19 19 19 PRO PRO B . n 
B 1 20 VAL 20 20 20 VAL VAL B . n 
B 1 21 GLU 21 21 21 GLU GLU B . n 
B 1 22 VAL 22 22 22 VAL VAL B . n 
B 1 23 LEU 23 23 23 LEU LEU B . n 
B 1 24 LEU 24 24 24 LEU LEU B . n 
B 1 25 ASP 25 25 25 ASP ASP B . n 
B 1 26 THR 26 26 26 THR THR B . n 
B 1 27 GLY 27 27 27 GLY GLY B . n 
B 1 28 ALA 28 28 28 ALA ALA B . n 
B 1 29 ASP 29 29 29 ASP ASP B . n 
B 1 30 ASP 30 30 30 ASP ASP B . n 
B 1 31 SER 31 31 31 SER SER B . n 
B 1 32 ILE 32 32 32 ILE ILE B . n 
B 1 33 VAL 33 33 33 VAL VAL B . n 
B 1 34 ALA 34 34 34 ALA ALA B . n 
B 1 35 GLY 35 35 35 GLY GLY B . n 
B 1 36 ILE 36 36 36 ILE ILE B . n 
B 1 37 GLU 37 37 37 GLU GLU B . n 
B 1 38 LEU 38 38 38 LEU LEU B . n 
B 1 39 GLY 39 39 39 GLY GLY B . n 
B 1 40 ASN 40 40 40 ASN ASN B . n 
B 1 41 ASN 41 41 41 ASN ASN B . n 
B 1 42 TYR 42 42 42 TYR TYR B . n 
B 1 43 SER 43 43 43 SER SER B . n 
B 1 44 PRO 44 44 44 PRO PRO B . n 
B 1 45 LYS 45 45 45 LYS LYS B . n 
B 1 46 ILE 46 46 46 ILE ILE B . n 
B 1 47 VAL 47 47 47 VAL VAL B . n 
B 1 48 GLY 48 48 48 GLY GLY B . n 
B 1 49 GLY 49 49 49 GLY GLY B . n 
B 1 50 ILE 50 50 50 ILE ILE B . n 
B 1 51 GLY 51 51 51 GLY GLY B . n 
B 1 52 GLY 52 52 52 GLY GLY B . n 
B 1 53 PHE 53 53 53 PHE PHE B . n 
B 1 54 ILE 54 54 54 ILE ILE B . n 
B 1 55 ASN 55 55 55 ASN ASN B . n 
B 1 56 THR 56 56 56 THR THR B . n 
B 1 57 LYS 57 57 57 LYS LYS B . n 
B 1 58 GLU 58 58 58 GLU GLU B . n 
B 1 59 TYR 59 59 59 TYR TYR B . n 
B 1 60 LYS 60 60 60 LYS LYS B . n 
B 1 61 ASN 61 61 61 ASN ASN B . n 
B 1 62 VAL 62 62 62 VAL VAL B . n 
B 1 63 GLU 63 63 63 GLU GLU B . n 
B 1 64 ILE 64 64 64 ILE ILE B . n 
B 1 65 GLU 65 65 65 GLU GLU B . n 
B 1 66 VAL 66 66 66 VAL VAL B . n 
B 1 67 LEU 67 67 67 LEU LEU B . n 
B 1 68 ASN 68 68 68 ASN ASN B . n 
B 1 69 LYS 69 69 69 LYS LYS B . n 
B 1 70 LYS 70 70 70 LYS LYS B . n 
B 1 71 VAL 71 71 71 VAL VAL B . n 
B 1 72 ARG 72 72 72 ARG ARG B . n 
B 1 73 ALA 73 73 73 ALA ALA B . n 
B 1 74 THR 74 74 74 THR THR B . n 
B 1 75 ILE 75 75 75 ILE ILE B . n 
B 1 76 MET 76 76 76 MET MET B . n 
B 1 77 THR 77 77 77 THR THR B . n 
B 1 78 GLY 78 78 78 GLY GLY B . n 
B 1 79 ASP 79 79 79 ASP ASP B . n 
B 1 80 THR 80 80 80 THR THR B . n 
B 1 81 PRO 81 81 81 PRO PRO B . n 
B 1 82 ILE 82 82 82 ILE ILE B . n 
B 1 83 ASN 83 83 83 ASN ASN B . n 
B 1 84 ILE 84 84 84 ILE ILE B . n 
B 1 85 PHE 85 85 85 PHE PHE B . n 
B 1 86 GLY 86 86 86 GLY GLY B . n 
B 1 87 ARG 87 87 87 ARG ARG B . n 
B 1 88 ASN 88 88 88 ASN ASN B . n 
B 1 89 ILE 89 89 89 ILE ILE B . n 
B 1 90 LEU 90 90 90 LEU LEU B . n 
B 1 91 THR 91 91 91 THR THR B . n 
B 1 92 ALA 92 92 92 ALA ALA B . n 
B 1 93 LEU 93 93 93 LEU LEU B . n 
B 1 94 GLY 94 94 94 GLY GLY B . n 
B 1 95 MET 95 95 95 MET MET B . n 
B 1 96 SER 96 96 96 SER SER B . n 
B 1 97 LEU 97 97 97 LEU LEU B . n 
B 1 98 ASN 98 98 98 ASN ASN B . n 
B 1 99 LEU 99 99 99 LEU LEU B . n 
# 
loop_
_pdbx_nonpoly_scheme.asym_id 
_pdbx_nonpoly_scheme.entity_id 
_pdbx_nonpoly_scheme.mon_id 
_pdbx_nonpoly_scheme.ndb_seq_num 
_pdbx_nonpoly_scheme.pdb_seq_num 
_pdbx_nonpoly_scheme.auth_seq_num 
_pdbx_nonpoly_scheme.pdb_mon_id 
_pdbx_nonpoly_scheme.auth_mon_id 
_pdbx_nonpoly_scheme.pdb_strand_id 
_pdbx_nonpoly_scheme.pdb_ins_code 
C 2 SO4 1   100 1   SO4 SO4 A . 
D 2 SO4 1   100 2   SO4 SO4 B . 
E 3 C20 1   101 100 C20 C20 B . 
F 4 HOH 1   101 4   HOH HOH A . 
F 4 HOH 2   102 6   HOH HOH A . 
F 4 HOH 3   103 7   HOH HOH A . 
F 4 HOH 4   104 9   HOH HOH A . 
F 4 HOH 5   105 10  HOH HOH A . 
F 4 HOH 6   106 13  HOH HOH A . 
F 4 HOH 7   107 15  HOH HOH A . 
F 4 HOH 8   108 20  HOH HOH A . 
F 4 HOH 9   109 22  HOH HOH A . 
F 4 HOH 10  110 23  HOH HOH A . 
F 4 HOH 11  111 27  HOH HOH A . 
F 4 HOH 12  112 29  HOH HOH A . 
F 4 HOH 13  113 35  HOH HOH A . 
F 4 HOH 14  114 37  HOH HOH A . 
F 4 HOH 15  115 39  HOH HOH A . 
F 4 HOH 16  116 41  HOH HOH A . 
F 4 HOH 17  117 42  HOH HOH A . 
F 4 HOH 18  118 43  HOH HOH A . 
F 4 HOH 19  119 44  HOH HOH A . 
F 4 HOH 20  120 45  HOH HOH A . 
F 4 HOH 21  121 46  HOH HOH A . 
F 4 HOH 22  122 49  HOH HOH A . 
F 4 HOH 23  123 51  HOH HOH A . 
F 4 HOH 24  124 53  HOH HOH A . 
F 4 HOH 25  125 58  HOH HOH A . 
F 4 HOH 26  126 62  HOH HOH A . 
F 4 HOH 27  127 63  HOH HOH A . 
F 4 HOH 28  128 69  HOH HOH A . 
F 4 HOH 29  129 72  HOH HOH A . 
F 4 HOH 30  130 73  HOH HOH A . 
F 4 HOH 31  131 74  HOH HOH A . 
F 4 HOH 32  132 78  HOH HOH A . 
F 4 HOH 33  133 79  HOH HOH A . 
F 4 HOH 34  134 80  HOH HOH A . 
F 4 HOH 35  135 81  HOH HOH A . 
F 4 HOH 36  136 82  HOH HOH A . 
F 4 HOH 37  137 83  HOH HOH A . 
F 4 HOH 38  138 84  HOH HOH A . 
F 4 HOH 39  139 86  HOH HOH A . 
F 4 HOH 40  140 88  HOH HOH A . 
F 4 HOH 41  141 89  HOH HOH A . 
F 4 HOH 42  142 91  HOH HOH A . 
F 4 HOH 43  143 94  HOH HOH A . 
F 4 HOH 44  144 97  HOH HOH A . 
F 4 HOH 45  145 99  HOH HOH A . 
F 4 HOH 46  146 103 HOH HOH A . 
F 4 HOH 47  147 104 HOH HOH A . 
F 4 HOH 48  148 106 HOH HOH A . 
F 4 HOH 49  149 107 HOH HOH A . 
F 4 HOH 50  150 109 HOH HOH A . 
F 4 HOH 51  151 112 HOH HOH A . 
F 4 HOH 52  152 115 HOH HOH A . 
F 4 HOH 53  153 116 HOH HOH A . 
F 4 HOH 54  154 118 HOH HOH A . 
F 4 HOH 55  155 119 HOH HOH A . 
F 4 HOH 56  156 120 HOH HOH A . 
F 4 HOH 57  157 121 HOH HOH A . 
F 4 HOH 58  158 122 HOH HOH A . 
F 4 HOH 59  159 125 HOH HOH A . 
F 4 HOH 60  160 128 HOH HOH A . 
F 4 HOH 61  161 129 HOH HOH A . 
F 4 HOH 62  162 130 HOH HOH A . 
F 4 HOH 63  163 131 HOH HOH A . 
F 4 HOH 64  164 132 HOH HOH A . 
F 4 HOH 65  165 133 HOH HOH A . 
F 4 HOH 66  166 136 HOH HOH A . 
F 4 HOH 67  167 137 HOH HOH A . 
F 4 HOH 68  168 139 HOH HOH A . 
F 4 HOH 69  169 145 HOH HOH A . 
F 4 HOH 70  170 149 HOH HOH A . 
F 4 HOH 71  171 151 HOH HOH A . 
F 4 HOH 72  172 153 HOH HOH A . 
F 4 HOH 73  173 154 HOH HOH A . 
F 4 HOH 74  174 156 HOH HOH A . 
F 4 HOH 75  175 159 HOH HOH A . 
F 4 HOH 76  176 160 HOH HOH A . 
F 4 HOH 77  177 164 HOH HOH A . 
F 4 HOH 78  178 166 HOH HOH A . 
F 4 HOH 79  179 167 HOH HOH A . 
F 4 HOH 80  180 170 HOH HOH A . 
F 4 HOH 81  181 172 HOH HOH A . 
F 4 HOH 82  182 173 HOH HOH A . 
F 4 HOH 83  183 174 HOH HOH A . 
F 4 HOH 84  184 178 HOH HOH A . 
F 4 HOH 85  185 180 HOH HOH A . 
F 4 HOH 86  186 183 HOH HOH A . 
F 4 HOH 87  187 186 HOH HOH A . 
F 4 HOH 88  188 190 HOH HOH A . 
G 4 HOH 1   102 1   HOH HOH B . 
G 4 HOH 2   103 2   HOH HOH B . 
G 4 HOH 3   104 3   HOH HOH B . 
G 4 HOH 4   105 5   HOH HOH B . 
G 4 HOH 5   106 8   HOH HOH B . 
G 4 HOH 6   107 11  HOH HOH B . 
G 4 HOH 7   108 12  HOH HOH B . 
G 4 HOH 8   109 14  HOH HOH B . 
G 4 HOH 9   110 16  HOH HOH B . 
G 4 HOH 10  111 17  HOH HOH B . 
G 4 HOH 11  112 18  HOH HOH B . 
G 4 HOH 12  113 19  HOH HOH B . 
G 4 HOH 13  114 21  HOH HOH B . 
G 4 HOH 14  115 24  HOH HOH B . 
G 4 HOH 15  116 25  HOH HOH B . 
G 4 HOH 16  117 26  HOH HOH B . 
G 4 HOH 17  118 28  HOH HOH B . 
G 4 HOH 18  119 30  HOH HOH B . 
G 4 HOH 19  120 31  HOH HOH B . 
G 4 HOH 20  121 32  HOH HOH B . 
G 4 HOH 21  122 33  HOH HOH B . 
G 4 HOH 22  123 34  HOH HOH B . 
G 4 HOH 23  124 36  HOH HOH B . 
G 4 HOH 24  125 38  HOH HOH B . 
G 4 HOH 25  126 40  HOH HOH B . 
G 4 HOH 26  127 47  HOH HOH B . 
G 4 HOH 27  128 48  HOH HOH B . 
G 4 HOH 28  129 50  HOH HOH B . 
G 4 HOH 29  130 52  HOH HOH B . 
G 4 HOH 30  131 54  HOH HOH B . 
G 4 HOH 31  132 55  HOH HOH B . 
G 4 HOH 32  133 56  HOH HOH B . 
G 4 HOH 33  134 57  HOH HOH B . 
G 4 HOH 34  135 59  HOH HOH B . 
G 4 HOH 35  136 60  HOH HOH B . 
G 4 HOH 36  137 61  HOH HOH B . 
G 4 HOH 37  138 64  HOH HOH B . 
G 4 HOH 38  139 65  HOH HOH B . 
G 4 HOH 39  140 66  HOH HOH B . 
G 4 HOH 40  141 67  HOH HOH B . 
G 4 HOH 41  142 68  HOH HOH B . 
G 4 HOH 42  143 70  HOH HOH B . 
G 4 HOH 43  144 71  HOH HOH B . 
G 4 HOH 44  145 75  HOH HOH B . 
G 4 HOH 45  146 76  HOH HOH B . 
G 4 HOH 46  147 77  HOH HOH B . 
G 4 HOH 47  148 85  HOH HOH B . 
G 4 HOH 48  149 87  HOH HOH B . 
G 4 HOH 49  150 90  HOH HOH B . 
G 4 HOH 50  151 92  HOH HOH B . 
G 4 HOH 51  152 93  HOH HOH B . 
G 4 HOH 52  153 95  HOH HOH B . 
G 4 HOH 53  154 96  HOH HOH B . 
G 4 HOH 54  155 98  HOH HOH B . 
G 4 HOH 55  156 100 HOH HOH B . 
G 4 HOH 56  157 101 HOH HOH B . 
G 4 HOH 57  158 102 HOH HOH B . 
G 4 HOH 58  159 105 HOH HOH B . 
G 4 HOH 59  160 108 HOH HOH B . 
G 4 HOH 60  161 110 HOH HOH B . 
G 4 HOH 61  162 111 HOH HOH B . 
G 4 HOH 62  163 113 HOH HOH B . 
G 4 HOH 63  164 114 HOH HOH B . 
G 4 HOH 64  165 117 HOH HOH B . 
G 4 HOH 65  166 123 HOH HOH B . 
G 4 HOH 66  167 124 HOH HOH B . 
G 4 HOH 67  168 126 HOH HOH B . 
G 4 HOH 68  169 127 HOH HOH B . 
G 4 HOH 69  170 134 HOH HOH B . 
G 4 HOH 70  171 135 HOH HOH B . 
G 4 HOH 71  172 138 HOH HOH B . 
G 4 HOH 72  173 140 HOH HOH B . 
G 4 HOH 73  174 141 HOH HOH B . 
G 4 HOH 74  175 142 HOH HOH B . 
G 4 HOH 75  176 143 HOH HOH B . 
G 4 HOH 76  177 144 HOH HOH B . 
G 4 HOH 77  178 146 HOH HOH B . 
G 4 HOH 78  179 147 HOH HOH B . 
G 4 HOH 79  180 148 HOH HOH B . 
G 4 HOH 80  181 150 HOH HOH B . 
G 4 HOH 81  182 152 HOH HOH B . 
G 4 HOH 82  183 155 HOH HOH B . 
G 4 HOH 83  184 157 HOH HOH B . 
G 4 HOH 84  185 158 HOH HOH B . 
G 4 HOH 85  186 161 HOH HOH B . 
G 4 HOH 86  187 162 HOH HOH B . 
G 4 HOH 87  188 163 HOH HOH B . 
G 4 HOH 88  189 165 HOH HOH B . 
G 4 HOH 89  190 168 HOH HOH B . 
G 4 HOH 90  191 169 HOH HOH B . 
G 4 HOH 91  192 171 HOH HOH B . 
G 4 HOH 92  193 175 HOH HOH B . 
G 4 HOH 93  194 176 HOH HOH B . 
G 4 HOH 94  195 177 HOH HOH B . 
G 4 HOH 95  196 179 HOH HOH B . 
G 4 HOH 96  197 181 HOH HOH B . 
G 4 HOH 97  198 182 HOH HOH B . 
G 4 HOH 98  199 184 HOH HOH B . 
G 4 HOH 99  200 185 HOH HOH B . 
G 4 HOH 100 201 187 HOH HOH B . 
G 4 HOH 101 202 188 HOH HOH B . 
G 4 HOH 102 203 189 HOH HOH B . 
G 4 HOH 103 204 191 HOH HOH B . 
G 4 HOH 104 205 192 HOH HOH B . 
G 4 HOH 105 206 193 HOH HOH B . 
G 4 HOH 106 207 194 HOH HOH B . 
# 
loop_
_software.name 
_software.classification 
_software.version 
_software.citation_id 
_software.pdbx_ordinal 
X-PLOR 'model building' . ? 1 
TNT    refinement       . ? 2 
X-PLOR refinement       . ? 3 
MADNES 'data reduction' . ? 4 
X-PLOR phasing          . ? 5 
# 
_cell.entry_id           1HII 
_cell.length_a           33.400 
_cell.length_b           64.200 
_cell.length_c           99.500 
_cell.angle_alpha        90.00 
_cell.angle_beta         90.00 
_cell.angle_gamma        90.00 
_cell.Z_PDB              8 
_cell.pdbx_unique_axis   ? 
# 
_symmetry.entry_id                         1HII 
_symmetry.space_group_name_H-M             'P 21 21 21' 
_symmetry.pdbx_full_space_group_name_H-M   ? 
_symmetry.cell_setting                     ? 
_symmetry.Int_Tables_number                19 
# 
_exptl.entry_id          1HII 
_exptl.method            'X-RAY DIFFRACTION' 
_exptl.crystals_number   ? 
# 
_exptl_crystal.id                    1 
_exptl_crystal.density_meas          ? 
_exptl_crystal.density_Matthews      2.48 
_exptl_crystal.density_percent_sol   50.50 
_exptl_crystal.description           ? 
# 
_diffrn.id                     1 
_diffrn.ambient_temp           ? 
_diffrn.ambient_temp_details   ? 
_diffrn.crystal_id             1 
# 
_diffrn_detector.diffrn_id              1 
_diffrn_detector.detector               DIFFRACTOMETER 
_diffrn_detector.type                   'ENRAF-NONIUS FAST' 
_diffrn_detector.pdbx_collection_date   1993-02 
_diffrn_detector.details                ? 
# 
_diffrn_radiation.diffrn_id                        1 
_diffrn_radiation.wavelength_id                    1 
_diffrn_radiation.pdbx_monochromatic_or_laue_m_l   ? 
_diffrn_radiation.monochromator                    ? 
_diffrn_radiation.pdbx_diffrn_protocol             ? 
_diffrn_radiation.pdbx_scattering_type             x-ray 
# 
_diffrn_radiation_wavelength.id           1 
_diffrn_radiation_wavelength.wavelength   1.5418 
_diffrn_radiation_wavelength.wt           1.0 
# 
_diffrn_source.diffrn_id                   1 
_diffrn_source.source                      ? 
_diffrn_source.type                        ? 
_diffrn_source.pdbx_synchrotron_site       ? 
_diffrn_source.pdbx_synchrotron_beamline   ? 
_diffrn_source.pdbx_wavelength             1.5418 
_diffrn_source.pdbx_wavelength_list        ? 
# 
_reflns.entry_id                     1HII 
_reflns.observed_criterion_sigma_I   0.0 
_reflns.observed_criterion_sigma_F   ? 
_reflns.d_resolution_low             ? 
_reflns.d_resolution_high            ? 
_reflns.number_obs                   9517 
_reflns.number_all                   ? 
_reflns.percent_possible_obs         94.3 
_reflns.pdbx_Rmerge_I_obs            0.051 
_reflns.pdbx_Rsym_value              ? 
_reflns.pdbx_netI_over_sigmaI        ? 
_reflns.B_iso_Wilson_estimate        ? 
_reflns.pdbx_redundancy              4.13 
_reflns.pdbx_diffrn_id               1 
_reflns.pdbx_ordinal                 1 
# 
_refine.entry_id                                 1HII 
_refine.ls_number_reflns_obs                     8879 
_refine.ls_number_reflns_all                     ? 
_refine.pdbx_ls_sigma_I                          ? 
_refine.pdbx_ls_sigma_F                          0.0 
_refine.pdbx_data_cutoff_high_absF               ? 
_refine.pdbx_data_cutoff_low_absF                ? 
_refine.pdbx_data_cutoff_high_rms_absF           ? 
_refine.ls_d_res_low                             6.0 
_refine.ls_d_res_high                            2.3 
_refine.ls_percent_reflns_obs                    94.1 
_refine.ls_R_factor_obs                          0.138 
_refine.ls_R_factor_all                          ? 
_refine.ls_R_factor_R_work                       ? 
_refine.ls_R_factor_R_free                       ? 
_refine.ls_R_factor_R_free_error                 ? 
_refine.ls_R_factor_R_free_error_details         ? 
_refine.ls_percent_reflns_R_free                 ? 
_refine.ls_number_reflns_R_free                  ? 
_refine.ls_number_parameters                     ? 
_refine.ls_number_restraints                     ? 
_refine.occupancy_min                            ? 
_refine.occupancy_max                            ? 
_refine.B_iso_mean                               22.8 
_refine.aniso_B[1][1]                            ? 
_refine.aniso_B[2][2]                            ? 
_refine.aniso_B[3][3]                            ? 
_refine.aniso_B[1][2]                            ? 
_refine.aniso_B[1][3]                            ? 
_refine.aniso_B[2][3]                            ? 
_refine.solvent_model_details                    ? 
_refine.solvent_model_param_ksol                 ? 
_refine.solvent_model_param_bsol                 ? 
_refine.pdbx_ls_cross_valid_method               ? 
_refine.details                                  ? 
_refine.pdbx_starting_model                      ? 
_refine.pdbx_method_to_determine_struct          ? 
_refine.pdbx_isotropic_thermal_model             ? 
_refine.pdbx_stereochemistry_target_values       ? 
_refine.pdbx_stereochem_target_val_spec_case     ? 
_refine.pdbx_R_Free_selection_details            ? 
_refine.pdbx_overall_ESU_R                       ? 
_refine.pdbx_overall_ESU_R_Free                  ? 
_refine.overall_SU_ML                            ? 
_refine.overall_SU_B                             ? 
_refine.pdbx_refine_id                           'X-RAY DIFFRACTION' 
_refine.pdbx_diffrn_id                           1 
_refine.pdbx_TLS_residual_ADP_flag               ? 
_refine.correlation_coeff_Fo_to_Fc               ? 
_refine.correlation_coeff_Fo_to_Fc_free          ? 
_refine.pdbx_solvent_vdw_probe_radii             ? 
_refine.pdbx_solvent_ion_probe_radii             ? 
_refine.pdbx_solvent_shrinkage_radii             ? 
_refine.pdbx_overall_phase_error                 ? 
_refine.overall_SU_R_Cruickshank_DPI             ? 
_refine.pdbx_overall_SU_R_free_Cruickshank_DPI   ? 
_refine.pdbx_overall_SU_R_Blow_DPI               ? 
_refine.pdbx_overall_SU_R_free_Blow_DPI          ? 
# 
_refine_hist.pdbx_refine_id                   'X-RAY DIFFRACTION' 
_refine_hist.cycle_id                         LAST 
_refine_hist.pdbx_number_atoms_protein        1510 
_refine_hist.pdbx_number_atoms_nucleic_acid   0 
_refine_hist.pdbx_number_atoms_ligand         51 
_refine_hist.number_atoms_solvent             194 
_refine_hist.number_atoms_total               1755 
_refine_hist.d_res_high                       2.3 
_refine_hist.d_res_low                        6.0 
# 
loop_
_refine_ls_restr.type 
_refine_ls_restr.dev_ideal 
_refine_ls_restr.dev_ideal_target 
_refine_ls_restr.weight 
_refine_ls_restr.number 
_refine_ls_restr.pdbx_refine_id 
_refine_ls_restr.pdbx_restraint_function 
t_bond_d           0.012 ? ? ? 'X-RAY DIFFRACTION' ? 
t_angle_deg        2.00  ? ? ? 'X-RAY DIFFRACTION' ? 
t_dihedral_angle_d ?     ? ? ? 'X-RAY DIFFRACTION' ? 
t_incorr_chiral_ct ?     ? ? ? 'X-RAY DIFFRACTION' ? 
t_pseud_angle      ?     ? ? ? 'X-RAY DIFFRACTION' ? 
t_trig_c_planes    ?     ? ? ? 'X-RAY DIFFRACTION' ? 
t_gen_planes       ?     ? ? ? 'X-RAY DIFFRACTION' ? 
t_it               ?     ? ? ? 'X-RAY DIFFRACTION' ? 
t_nbd              ?     ? ? ? 'X-RAY DIFFRACTION' ? 
# 
_struct_ncs_oper.id             1 
_struct_ncs_oper.code           given 
_struct_ncs_oper.details        ? 
_struct_ncs_oper.matrix[1][1]   0.12486641 
_struct_ncs_oper.matrix[1][2]   -0.25733705 
_struct_ncs_oper.matrix[1][3]   -0.95821809 
_struct_ncs_oper.matrix[2][1]   -0.26246569 
_struct_ncs_oper.matrix[2][2]   -0.93994684 
_struct_ncs_oper.matrix[2][3]   0.21822144 
_struct_ncs_oper.matrix[3][1]   -0.95683053 
_struct_ncs_oper.matrix[3][2]   0.22425149 
_struct_ncs_oper.matrix[3][3]   -0.18490957 
_struct_ncs_oper.vector[1]      -0.05126 
_struct_ncs_oper.vector[2]      -0.02790 
_struct_ncs_oper.vector[3]      0.08298 
# 
_struct.entry_id                  1HII 
_struct.title                     
;COMPARATIVE ANALYSIS OF THE X-RAY STRUCTURES OF HIV-1 AND HIV-2 PROTEASES IN COMPLEX WITH CGP 53820, A NOVEL PSEUDOSYMMETRIC INHIBITOR
;
_struct.pdbx_model_details        ? 
_struct.pdbx_CASP_flag            ? 
_struct.pdbx_model_type_details   ? 
# 
_struct_keywords.entry_id        1HII 
_struct_keywords.pdbx_keywords   'HYDROLASE (ASPARTIC PROTEINASE)' 
_struct_keywords.text            'ASPARTATE PROTEASE, INHIBITED, HIV, HYDROLASE (ASPARTIC PROTEINASE)' 
# 
loop_
_struct_asym.id 
_struct_asym.pdbx_blank_PDB_chainid_flag 
_struct_asym.pdbx_modified 
_struct_asym.entity_id 
_struct_asym.details 
A N N 1 ? 
B N N 1 ? 
C N N 2 ? 
D N N 2 ? 
E N N 3 ? 
F N N 4 ? 
G N N 4 ? 
# 
_struct_ref.id                         1 
_struct_ref.db_name                    UNP 
_struct_ref.db_code                    POL_HV2RO 
_struct_ref.entity_id                  1 
_struct_ref.pdbx_db_accession          P04584 
_struct_ref.pdbx_align_begin           1 
_struct_ref.pdbx_seq_one_letter_code   
;TGRFFRTGPLGKEAPQLPRGPSSAGADTNSTPSGSSSGSTGEIYAAREKTERAERETIQGSDRGLTAPRAGGDTIQGATN
RGLAAPQFSLWKRPVVTAYIEGQPVEVLLDTGADDSIVAGIELGNNYSPKIVGGIGGFINTKEYKNVEIEVLNKKVRATI
MTGDTPINIFGRNILTALGMSLNLPVAKVEPIKIMLKPGKDGPKLRQWPLTKEKIEALKEICEKMEKEGQLEEAPPTNPY
NTPTFAIKKKDKNKWRMLIDFRELNKVTQDFTEIQLGIPHPAGLAKKRRITVLDVGDAYFSIPLHEDFRPYTAFTLPSVN
NAEPGKRYIYKVLPQGWKGSPAIFQHTMRQVLEPFRKANKDVIIIQYMDDILIASDRTDLEHDRVVLQLKELLNGLGFST
PDEKFQKDPPYHWMGYELWPTKWKLQKIQLPQKEIWTVNDIQKLVGVLNWAAQLYPGIKTKHLCRLIRGKMTLTEEVQWT
ELAEAELEENRIILSQEQEGHYYQEEKELEATVQKDQENQWTYKIHQEEKILKVGKYAKVKNTHTNGIRLLAQVVQKIGK
EALVIWGRIPKFHLPVEREIWEQWWDNYWQVTWIPDWDFVSTPPLVRLAFNLVGDPIPGAETFYTDGSCNRQSKEGKAGY
VTDRGKDKVKKLEQTTNQQAELEAFAMALTDSGPKVNIIVDSQYVMGISASQPTESESKIVNQIIEEMIKKEAIYVAWVP
AHKGIGGNQEVDHLVSQGIRQVLFLEKIEPAQEEHEKYHSNVKELSHKFGIPNLVARQIVNSCAQCQQKGEAIHGQVNAE
LGTWQMDCTHLEGKIIIVAVHVASGFIEAEVIPQESGRQTALFLLKLASRWPITHLHTDNGANFTSQEVKMVAWWIGIEQ
SFGVPYNPQSQGVVEAMNHHLKNQISRIREQANTIETIVLMAIHCMNFKRRGGIGDMTPSERLINMITTEQEIQFLQAKN
SKLKDFRVYFREGRDQLWKGPGELLWKGEGAVLVKVGTDIKIIPRRKAKIIRDYGGRQEMDSGSHLEGAREDGEMA
;
_struct_ref.pdbx_db_isoform            ? 
# 
loop_
_struct_ref_seq.align_id 
_struct_ref_seq.ref_id 
_struct_ref_seq.pdbx_PDB_id_code 
_struct_ref_seq.pdbx_strand_id 
_struct_ref_seq.seq_align_beg 
_struct_ref_seq.pdbx_seq_align_beg_ins_code 
_struct_ref_seq.seq_align_end 
_struct_ref_seq.pdbx_seq_align_end_ins_code 
_struct_ref_seq.pdbx_db_accession 
_struct_ref_seq.db_align_beg 
_struct_ref_seq.pdbx_db_align_beg_ins_code 
_struct_ref_seq.db_align_end 
_struct_ref_seq.pdbx_db_align_end_ins_code 
_struct_ref_seq.pdbx_auth_seq_align_beg 
_struct_ref_seq.pdbx_auth_seq_align_end 
1 1 1HII A 1 ? 99 ? P04584 86 ? 184 ? 1 99 
2 1 1HII B 1 ? 99 ? P04584 86 ? 184 ? 1 99 
# 
_pdbx_struct_assembly.id                   1 
_pdbx_struct_assembly.details              author_and_software_defined_assembly 
_pdbx_struct_assembly.method_details       PISA 
_pdbx_struct_assembly.oligomeric_details   dimeric 
_pdbx_struct_assembly.oligomeric_count     2 
# 
loop_
_pdbx_struct_assembly_prop.biol_id 
_pdbx_struct_assembly_prop.type 
_pdbx_struct_assembly_prop.value 
_pdbx_struct_assembly_prop.details 
1 'ABSA (A^2)' 5090 ? 
1 MORE         -42  ? 
1 'SSA (A^2)'  9470 ? 
# 
_pdbx_struct_assembly_gen.assembly_id       1 
_pdbx_struct_assembly_gen.oper_expression   1 
_pdbx_struct_assembly_gen.asym_id_list      A,B,C,D,E,F,G 
# 
_pdbx_struct_oper_list.id                   1 
_pdbx_struct_oper_list.type                 'identity operation' 
_pdbx_struct_oper_list.name                 1_555 
_pdbx_struct_oper_list.symmetry_operation   x,y,z 
_pdbx_struct_oper_list.matrix[1][1]         1.0000000000 
_pdbx_struct_oper_list.matrix[1][2]         0.0000000000 
_pdbx_struct_oper_list.matrix[1][3]         0.0000000000 
_pdbx_struct_oper_list.vector[1]            0.0000000000 
_pdbx_struct_oper_list.matrix[2][1]         0.0000000000 
_pdbx_struct_oper_list.matrix[2][2]         1.0000000000 
_pdbx_struct_oper_list.matrix[2][3]         0.0000000000 
_pdbx_struct_oper_list.vector[2]            0.0000000000 
_pdbx_struct_oper_list.matrix[3][1]         0.0000000000 
_pdbx_struct_oper_list.matrix[3][2]         0.0000000000 
_pdbx_struct_oper_list.matrix[3][3]         1.0000000000 
_pdbx_struct_oper_list.vector[3]            0.0000000000 
# 
_struct_biol.id                    1 
_struct_biol.details               
;MTRIX
 THE TRANSFORMATIONS PRESENTED ON MTRIX RECORDS BELOW
 DESCRIBE NON-CRYSTALLOGRAPHIC RELATIONSHIPS AMONG THE
 VARIOUS DOMAINS IN THIS ENTRY.  APPLYING THE APPROPRIATE
 MTRIX TRANSFORMATION TO THE RESIDUES LISTED FIRST WILL
 YIELD APPROXIMATE COORDINATES FOR THE RESIDUES LISTED
 SECOND.

           APPLIED TO           TRANSFORMED TO
 MTRIX      RESIDUES               RESIDUES         RMSD
   M1   A    1  ..  A   99     B    1  ..  B   99   0.479
;
_struct_biol.pdbx_parent_biol_id   ? 
# 
loop_
_struct_conf.conf_type_id 
_struct_conf.id 
_struct_conf.pdbx_PDB_helix_id 
_struct_conf.beg_label_comp_id 
_struct_conf.beg_label_asym_id 
_struct_conf.beg_label_seq_id 
_struct_conf.pdbx_beg_PDB_ins_code 
_struct_conf.end_label_comp_id 
_struct_conf.end_label_asym_id 
_struct_conf.end_label_seq_id 
_struct_conf.pdbx_end_PDB_ins_code 
_struct_conf.beg_auth_comp_id 
_struct_conf.beg_auth_asym_id 
_struct_conf.beg_auth_seq_id 
_struct_conf.end_auth_comp_id 
_struct_conf.end_auth_asym_id 
_struct_conf.end_auth_seq_id 
_struct_conf.pdbx_PDB_helix_class 
_struct_conf.details 
_struct_conf.pdbx_PDB_helix_length 
HELX_P HELX_P1 1 ARG A 87 ? LEU A 93 ? ARG A 87 LEU A 93 1 ? 7 
HELX_P HELX_P2 2 ARG B 87 ? LEU B 93 ? ARG B 87 LEU B 93 1 ? 7 
# 
_struct_conf_type.id          HELX_P 
_struct_conf_type.criteria    ? 
_struct_conf_type.reference   ? 
# 
loop_
_struct_sheet.id 
_struct_sheet.type 
_struct_sheet.number_strands 
_struct_sheet.details 
A ? 4 ? 
B ? 3 ? 
C ? 2 ? 
D ? 4 ? 
E ? 3 ? 
# 
loop_
_struct_sheet_order.sheet_id 
_struct_sheet_order.range_id_1 
_struct_sheet_order.range_id_2 
_struct_sheet_order.offset 
_struct_sheet_order.sense 
A 1 2 ? anti-parallel 
A 2 3 ? anti-parallel 
A 3 4 ? anti-parallel 
B 1 2 ? anti-parallel 
B 2 3 ? anti-parallel 
C 1 2 ? anti-parallel 
D 1 2 ? anti-parallel 
D 2 3 ? anti-parallel 
D 3 4 ? anti-parallel 
E 1 2 ? anti-parallel 
E 2 3 ? anti-parallel 
# 
loop_
_struct_sheet_range.sheet_id 
_struct_sheet_range.id 
_struct_sheet_range.beg_label_comp_id 
_struct_sheet_range.beg_label_asym_id 
_struct_sheet_range.beg_label_seq_id 
_struct_sheet_range.pdbx_beg_PDB_ins_code 
_struct_sheet_range.end_label_comp_id 
_struct_sheet_range.end_label_asym_id 
_struct_sheet_range.end_label_seq_id 
_struct_sheet_range.pdbx_end_PDB_ins_code 
_struct_sheet_range.beg_auth_comp_id 
_struct_sheet_range.beg_auth_asym_id 
_struct_sheet_range.beg_auth_seq_id 
_struct_sheet_range.end_auth_comp_id 
_struct_sheet_range.end_auth_asym_id 
_struct_sheet_range.end_auth_seq_id 
A 1 GLN A 18 ? LEU A 23 ? GLN A 18 LEU A 23 
A 2 VAL A 10 ? ILE A 15 ? VAL A 10 ILE A 15 
A 3 VAL A 62 ? VAL A 66 ? VAL A 62 VAL A 66 
A 4 LYS A 69 ? ALA A 73 ? LYS A 69 ALA A 73 
B 1 TYR A 42 ? GLY A 48 ? TYR A 42 GLY A 48 
B 2 PHE A 53 ? TYR A 59 ? PHE A 53 TYR A 59 
B 3 ILE A 75 ? THR A 77 ? ILE A 75 THR A 77 
C 1 SER A 96 ? ASN A 98 ? SER A 96 ASN A 98 
C 2 SER B 96 ? ASN B 98 ? SER B 96 ASN B 98 
D 1 GLN B 18 ? LEU B 23 ? GLN B 18 LEU B 23 
D 2 VAL B 10 ? ILE B 15 ? VAL B 10 ILE B 15 
D 3 VAL B 62 ? VAL B 66 ? VAL B 62 VAL B 66 
D 4 LYS B 69 ? ALA B 73 ? LYS B 69 ALA B 73 
E 1 SER B 43 ? GLY B 49 ? SER B 43 GLY B 49 
E 2 GLY B 52 ? TYR B 59 ? GLY B 52 TYR B 59 
E 3 ILE B 75 ? THR B 77 ? ILE B 75 THR B 77 
# 
loop_
_pdbx_struct_sheet_hbond.sheet_id 
_pdbx_struct_sheet_hbond.range_id_1 
_pdbx_struct_sheet_hbond.range_id_2 
_pdbx_struct_sheet_hbond.range_1_label_atom_id 
_pdbx_struct_sheet_hbond.range_1_label_comp_id 
_pdbx_struct_sheet_hbond.range_1_label_asym_id 
_pdbx_struct_sheet_hbond.range_1_label_seq_id 
_pdbx_struct_sheet_hbond.range_1_PDB_ins_code 
_pdbx_struct_sheet_hbond.range_1_auth_atom_id 
_pdbx_struct_sheet_hbond.range_1_auth_comp_id 
_pdbx_struct_sheet_hbond.range_1_auth_asym_id 
_pdbx_struct_sheet_hbond.range_1_auth_seq_id 
_pdbx_struct_sheet_hbond.range_2_label_atom_id 
_pdbx_struct_sheet_hbond.range_2_label_comp_id 
_pdbx_struct_sheet_hbond.range_2_label_asym_id 
_pdbx_struct_sheet_hbond.range_2_label_seq_id 
_pdbx_struct_sheet_hbond.range_2_PDB_ins_code 
_pdbx_struct_sheet_hbond.range_2_auth_atom_id 
_pdbx_struct_sheet_hbond.range_2_auth_comp_id 
_pdbx_struct_sheet_hbond.range_2_auth_asym_id 
_pdbx_struct_sheet_hbond.range_2_auth_seq_id 
A 1 2 O GLN A 18 ? O GLN A 18 N ILE A 15 ? N ILE A 15 
A 2 3 O TYR A 14 ? O TYR A 14 N GLU A 65 ? N GLU A 65 
A 3 4 O VAL A 62 ? O VAL A 62 N ALA A 73 ? N ALA A 73 
B 1 2 O SER A 43 ? O SER A 43 N GLU A 58 ? N GLU A 58 
B 2 3 O LYS A 57 ? O LYS A 57 N THR A 77 ? N THR A 77 
C 1 2 O SER A 96 ? O SER A 96 N ASN B 98 ? N ASN B 98 
D 1 2 O GLN B 18 ? O GLN B 18 N ILE B 15 ? N ILE B 15 
D 2 3 O TYR B 14 ? O TYR B 14 N GLU B 65 ? N GLU B 65 
D 3 4 O VAL B 62 ? O VAL B 62 N ALA B 73 ? N ALA B 73 
E 1 2 O SER B 43 ? O SER B 43 N GLU B 58 ? N GLU B 58 
E 2 3 O LYS B 57 ? O LYS B 57 N THR B 77 ? N THR B 77 
# 
loop_
_struct_site.id 
_struct_site.pdbx_evidence_code 
_struct_site.pdbx_auth_asym_id 
_struct_site.pdbx_auth_comp_id 
_struct_site.pdbx_auth_seq_id 
_struct_site.pdbx_auth_ins_code 
_struct_site.pdbx_num_residues 
_struct_site.details 
CAT Unknown  ? ?   ?   ? 2  ?                                    
S2  Unknown  ? ?   ?   ? 6  ?                                    
S1  Unknown  ? ?   ?   ? 9  ?                                    
S1P Unknown  ? ?   ?   ? 9  ?                                    
S2P Unknown  ? ?   ?   ? 6  ?                                    
AC1 Software A SO4 100 ? 6  'BINDING SITE FOR RESIDUE SO4 A 100' 
AC2 Software B SO4 100 ? 4  'BINDING SITE FOR RESIDUE SO4 B 100' 
AC3 Software B C20 101 ? 16 'BINDING SITE FOR RESIDUE C20 B 101' 
# 
loop_
_struct_site_gen.id 
_struct_site_gen.site_id 
_struct_site_gen.pdbx_num_res 
_struct_site_gen.label_comp_id 
_struct_site_gen.label_asym_id 
_struct_site_gen.label_seq_id 
_struct_site_gen.pdbx_auth_ins_code 
_struct_site_gen.auth_comp_id 
_struct_site_gen.auth_asym_id 
_struct_site_gen.auth_seq_id 
_struct_site_gen.label_atom_id 
_struct_site_gen.label_alt_id 
_struct_site_gen.symmetry 
_struct_site_gen.details 
1  CAT 2  ASP A 25 ? ASP A 25  . ? 1_555 ? 
2  CAT 2  ASP B 25 ? ASP B 25  . ? 1_555 ? 
3  S2  6  ILE A 50 ? ILE A 50  . ? 1_555 ? 
4  S2  6  ALA B 28 ? ALA B 28  . ? 1_555 ? 
5  S2  6  ASP B 30 ? ASP B 30  . ? 1_555 ? 
6  S2  6  ILE B 32 ? ILE B 32  . ? 1_555 ? 
7  S2  6  VAL B 47 ? VAL B 47  . ? 1_555 ? 
8  S2  6  ILE B 84 ? ILE B 84  . ? 1_555 ? 
9  S1  9  ARG A 8  ? ARG A 8   . ? 1_555 ? 
10 S1  9  LEU A 23 ? LEU A 23  . ? 1_555 ? 
11 S1  9  THR A 80 ? THR A 80  . ? 1_555 ? 
12 S1  9  PRO A 81 ? PRO A 81  . ? 1_555 ? 
13 S1  9  ILE A 82 ? ILE A 82  . ? 1_555 ? 
14 S1  9  ILE A 84 ? ILE A 84  . ? 1_555 ? 
15 S1  9  GLY B 27 ? GLY B 27  . ? 1_555 ? 
16 S1  9  GLY B 49 ? GLY B 49  . ? 1_555 ? 
17 S1  9  ILE B 50 ? ILE B 50  . ? 1_555 ? 
18 S1P 9  GLY A 27 ? GLY A 27  . ? 1_555 ? 
19 S1P 9  GLY A 49 ? GLY A 49  . ? 1_555 ? 
20 S1P 9  ILE A 50 ? ILE A 50  . ? 1_555 ? 
21 S1P 9  ARG B 8  ? ARG B 8   . ? 1_555 ? 
22 S1P 9  LEU B 23 ? LEU B 23  . ? 1_555 ? 
23 S1P 9  THR B 80 ? THR B 80  . ? 1_555 ? 
24 S1P 9  PRO B 81 ? PRO B 81  . ? 1_555 ? 
25 S1P 9  ILE B 82 ? ILE B 82  . ? 1_555 ? 
26 S1P 9  ILE B 84 ? ILE B 84  . ? 1_555 ? 
27 S2P 6  ALA A 28 ? ALA A 28  . ? 1_555 ? 
28 S2P 6  ASP A 30 ? ASP A 30  . ? 1_555 ? 
29 S2P 6  ILE A 32 ? ILE A 32  . ? 1_555 ? 
30 S2P 6  VAL A 47 ? VAL A 47  . ? 1_555 ? 
31 S2P 6  ILE A 84 ? ILE A 84  . ? 1_555 ? 
32 S2P 6  ILE B 50 ? ILE B 50  . ? 1_555 ? 
33 AC1 6  LYS A 69 ? LYS A 69  . ? 4_455 ? 
34 AC1 6  THR A 74 ? THR A 74  . ? 1_555 ? 
35 AC1 6  ASN A 88 ? ASN A 88  . ? 1_555 ? 
36 AC1 6  HOH F .  ? HOH A 112 . ? 1_555 ? 
37 AC1 6  HOH F .  ? HOH A 128 . ? 1_555 ? 
38 AC1 6  HOH F .  ? HOH A 174 . ? 1_555 ? 
39 AC2 4  PRO A 1  ? PRO A 1   . ? 1_455 ? 
40 AC2 4  GLN A 2  ? GLN A 2   . ? 1_455 ? 
41 AC2 4  ARG B 8  ? ARG B 8   . ? 1_555 ? 
42 AC2 4  HOH G .  ? HOH B 171 . ? 1_555 ? 
43 AC3 16 ASP A 25 ? ASP A 25  . ? 1_555 ? 
44 AC3 16 GLY A 27 ? GLY A 27  . ? 1_555 ? 
45 AC3 16 ALA A 28 ? ALA A 28  . ? 1_555 ? 
46 AC3 16 ASP A 29 ? ASP A 29  . ? 1_555 ? 
47 AC3 16 GLY A 48 ? GLY A 48  . ? 1_555 ? 
48 AC3 16 GLY A 49 ? GLY A 49  . ? 1_555 ? 
49 AC3 16 ILE A 82 ? ILE A 82  . ? 1_555 ? 
50 AC3 16 ASP B 25 ? ASP B 25  . ? 1_555 ? 
51 AC3 16 GLY B 27 ? GLY B 27  . ? 1_555 ? 
52 AC3 16 ALA B 28 ? ALA B 28  . ? 1_555 ? 
53 AC3 16 ASP B 29 ? ASP B 29  . ? 1_555 ? 
54 AC3 16 VAL B 47 ? VAL B 47  . ? 1_555 ? 
55 AC3 16 GLY B 48 ? GLY B 48  . ? 1_555 ? 
56 AC3 16 GLY B 49 ? GLY B 49  . ? 1_555 ? 
57 AC3 16 ILE B 50 ? ILE B 50  . ? 1_555 ? 
58 AC3 16 HOH G .  ? HOH B 102 . ? 1_555 ? 
# 
_pdbx_entry_details.entry_id                 1HII 
_pdbx_entry_details.compound_details         
;COMPND
  MOLECULE: HIV-2 PROTEASE. ROD ISOLATE.
;
_pdbx_entry_details.source_details           ? 
_pdbx_entry_details.nonpolymer_details       
;SOURCE 1
  MOLECULE_NAME: CGP 53820. PSEUDOSYMMETRIC
  TRANSITION-STATE ANALOG.
SOURCE 2
  MOLECULE_NAME: SULFATE ION (SO4). PSEUDOSYMMETRIC
  TRANSITION-STATE ANALOG.
;
_pdbx_entry_details.sequence_details         ? 
_pdbx_entry_details.has_ligand_of_interest   ? 
# 
loop_
_chem_comp_atom.comp_id 
_chem_comp_atom.atom_id 
_chem_comp_atom.type_symbol 
_chem_comp_atom.pdbx_aromatic_flag 
_chem_comp_atom.pdbx_stereo_config 
_chem_comp_atom.pdbx_ordinal 
ALA N    N N N 1   
ALA CA   C N S 2   
ALA C    C N N 3   
ALA O    O N N 4   
ALA CB   C N N 5   
ALA OXT  O N N 6   
ALA H    H N N 7   
ALA H2   H N N 8   
ALA HA   H N N 9   
ALA HB1  H N N 10  
ALA HB2  H N N 11  
ALA HB3  H N N 12  
ALA HXT  H N N 13  
ARG N    N N N 14  
ARG CA   C N S 15  
ARG C    C N N 16  
ARG O    O N N 17  
ARG CB   C N N 18  
ARG CG   C N N 19  
ARG CD   C N N 20  
ARG NE   N N N 21  
ARG CZ   C N N 22  
ARG NH1  N N N 23  
ARG NH2  N N N 24  
ARG OXT  O N N 25  
ARG H    H N N 26  
ARG H2   H N N 27  
ARG HA   H N N 28  
ARG HB2  H N N 29  
ARG HB3  H N N 30  
ARG HG2  H N N 31  
ARG HG3  H N N 32  
ARG HD2  H N N 33  
ARG HD3  H N N 34  
ARG HE   H N N 35  
ARG HH11 H N N 36  
ARG HH12 H N N 37  
ARG HH21 H N N 38  
ARG HH22 H N N 39  
ARG HXT  H N N 40  
ASN N    N N N 41  
ASN CA   C N S 42  
ASN C    C N N 43  
ASN O    O N N 44  
ASN CB   C N N 45  
ASN CG   C N N 46  
ASN OD1  O N N 47  
ASN ND2  N N N 48  
ASN OXT  O N N 49  
ASN H    H N N 50  
ASN H2   H N N 51  
ASN HA   H N N 52  
ASN HB2  H N N 53  
ASN HB3  H N N 54  
ASN HD21 H N N 55  
ASN HD22 H N N 56  
ASN HXT  H N N 57  
ASP N    N N N 58  
ASP CA   C N S 59  
ASP C    C N N 60  
ASP O    O N N 61  
ASP CB   C N N 62  
ASP CG   C N N 63  
ASP OD1  O N N 64  
ASP OD2  O N N 65  
ASP OXT  O N N 66  
ASP H    H N N 67  
ASP H2   H N N 68  
ASP HA   H N N 69  
ASP HB2  H N N 70  
ASP HB3  H N N 71  
ASP HD2  H N N 72  
ASP HXT  H N N 73  
C20 C1   C N N 74  
C20 C2   C N N 75  
C20 O3   O N N 76  
C20 N4   N N N 77  
C20 C5   C N S 78  
C20 C6   C N N 79  
C20 C7   C N N 80  
C20 C8   C N N 81  
C20 C9   C N N 82  
C20 O10  O N N 83  
C20 N11  N N N 84  
C20 C12  C N S 85  
C20 C13  C N N 86  
C20 C14  C Y N 87  
C20 C15  C Y N 88  
C20 C16  C Y N 89  
C20 C17  C Y N 90  
C20 C18  C Y N 91  
C20 C19  C Y N 92  
C20 C20  C N S 93  
C20 O21  O N N 94  
C20 C22  C N N 95  
C20 N23  N N N 96  
C20 C24  C N N 97  
C20 C25  C N N 98  
C20 C26  C N N 99  
C20 C27  C N N 100 
C20 C28  C N N 101 
C20 C29  C N N 102 
C20 C30  C N N 103 
C20 N31  N N N 104 
C20 C32  C N N 105 
C20 O33  O N N 106 
C20 C34  C N S 107 
C20 N35  N N N 108 
C20 C36  C N N 109 
C20 C37  C N N 110 
C20 C38  C N N 111 
C20 C39  C N N 112 
C20 O40  O N N 113 
C20 C41  C N N 114 
C20 H11  H N N 115 
C20 H12A H N N 116 
C20 H13  H N N 117 
C20 HN4  H N N 118 
C20 H5   H N N 119 
C20 H6   H N N 120 
C20 H71  H N N 121 
C20 H72  H N N 122 
C20 H73  H N N 123 
C20 H81  H N N 124 
C20 H82  H N N 125 
C20 H83  H N N 126 
C20 HN1  H N N 127 
C20 H12  H N N 128 
C20 H131 H N N 129 
C20 H132 H N N 130 
C20 H15  H N N 131 
C20 H16  H N N 132 
C20 H17  H N N 133 
C20 H18  H N N 134 
C20 H19  H N N 135 
C20 H20  H N N 136 
C20 HO1  H N N 137 
C20 H221 H N N 138 
C20 H222 H N N 139 
C20 H241 H N N 140 
C20 H242 H N N 141 
C20 H25  H N N 142 
C20 H261 H N N 143 
C20 H262 H N N 144 
C20 H271 H N N 145 
C20 H272 H N N 146 
C20 H281 H N N 147 
C20 H282 H N N 148 
C20 H291 H N N 149 
C20 H292 H N N 150 
C20 H301 H N N 151 
C20 H302 H N N 152 
C20 HN3  H N N 153 
C20 H34  H N N 154 
C20 HN5  H N N 155 
C20 H36  H N N 156 
C20 H371 H N N 157 
C20 H372 H N N 158 
C20 H373 H N N 159 
C20 H381 H N N 160 
C20 H382 H N N 161 
C20 H383 H N N 162 
C20 H411 H N N 163 
C20 H412 H N N 164 
C20 H413 H N N 165 
GLN N    N N N 166 
GLN CA   C N S 167 
GLN C    C N N 168 
GLN O    O N N 169 
GLN CB   C N N 170 
GLN CG   C N N 171 
GLN CD   C N N 172 
GLN OE1  O N N 173 
GLN NE2  N N N 174 
GLN OXT  O N N 175 
GLN H    H N N 176 
GLN H2   H N N 177 
GLN HA   H N N 178 
GLN HB2  H N N 179 
GLN HB3  H N N 180 
GLN HG2  H N N 181 
GLN HG3  H N N 182 
GLN HE21 H N N 183 
GLN HE22 H N N 184 
GLN HXT  H N N 185 
GLU N    N N N 186 
GLU CA   C N S 187 
GLU C    C N N 188 
GLU O    O N N 189 
GLU CB   C N N 190 
GLU CG   C N N 191 
GLU CD   C N N 192 
GLU OE1  O N N 193 
GLU OE2  O N N 194 
GLU OXT  O N N 195 
GLU H    H N N 196 
GLU H2   H N N 197 
GLU HA   H N N 198 
GLU HB2  H N N 199 
GLU HB3  H N N 200 
GLU HG2  H N N 201 
GLU HG3  H N N 202 
GLU HE2  H N N 203 
GLU HXT  H N N 204 
GLY N    N N N 205 
GLY CA   C N N 206 
GLY C    C N N 207 
GLY O    O N N 208 
GLY OXT  O N N 209 
GLY H    H N N 210 
GLY H2   H N N 211 
GLY HA2  H N N 212 
GLY HA3  H N N 213 
GLY HXT  H N N 214 
HOH O    O N N 215 
HOH H1   H N N 216 
HOH H2   H N N 217 
ILE N    N N N 218 
ILE CA   C N S 219 
ILE C    C N N 220 
ILE O    O N N 221 
ILE CB   C N S 222 
ILE CG1  C N N 223 
ILE CG2  C N N 224 
ILE CD1  C N N 225 
ILE OXT  O N N 226 
ILE H    H N N 227 
ILE H2   H N N 228 
ILE HA   H N N 229 
ILE HB   H N N 230 
ILE HG12 H N N 231 
ILE HG13 H N N 232 
ILE HG21 H N N 233 
ILE HG22 H N N 234 
ILE HG23 H N N 235 
ILE HD11 H N N 236 
ILE HD12 H N N 237 
ILE HD13 H N N 238 
ILE HXT  H N N 239 
LEU N    N N N 240 
LEU CA   C N S 241 
LEU C    C N N 242 
LEU O    O N N 243 
LEU CB   C N N 244 
LEU CG   C N N 245 
LEU CD1  C N N 246 
LEU CD2  C N N 247 
LEU OXT  O N N 248 
LEU H    H N N 249 
LEU H2   H N N 250 
LEU HA   H N N 251 
LEU HB2  H N N 252 
LEU HB3  H N N 253 
LEU HG   H N N 254 
LEU HD11 H N N 255 
LEU HD12 H N N 256 
LEU HD13 H N N 257 
LEU HD21 H N N 258 
LEU HD22 H N N 259 
LEU HD23 H N N 260 
LEU HXT  H N N 261 
LYS N    N N N 262 
LYS CA   C N S 263 
LYS C    C N N 264 
LYS O    O N N 265 
LYS CB   C N N 266 
LYS CG   C N N 267 
LYS CD   C N N 268 
LYS CE   C N N 269 
LYS NZ   N N N 270 
LYS OXT  O N N 271 
LYS H    H N N 272 
LYS H2   H N N 273 
LYS HA   H N N 274 
LYS HB2  H N N 275 
LYS HB3  H N N 276 
LYS HG2  H N N 277 
LYS HG3  H N N 278 
LYS HD2  H N N 279 
LYS HD3  H N N 280 
LYS HE2  H N N 281 
LYS HE3  H N N 282 
LYS HZ1  H N N 283 
LYS HZ2  H N N 284 
LYS HZ3  H N N 285 
LYS HXT  H N N 286 
MET N    N N N 287 
MET CA   C N S 288 
MET C    C N N 289 
MET O    O N N 290 
MET CB   C N N 291 
MET CG   C N N 292 
MET SD   S N N 293 
MET CE   C N N 294 
MET OXT  O N N 295 
MET H    H N N 296 
MET H2   H N N 297 
MET HA   H N N 298 
MET HB2  H N N 299 
MET HB3  H N N 300 
MET HG2  H N N 301 
MET HG3  H N N 302 
MET HE1  H N N 303 
MET HE2  H N N 304 
MET HE3  H N N 305 
MET HXT  H N N 306 
PHE N    N N N 307 
PHE CA   C N S 308 
PHE C    C N N 309 
PHE O    O N N 310 
PHE CB   C N N 311 
PHE CG   C Y N 312 
PHE CD1  C Y N 313 
PHE CD2  C Y N 314 
PHE CE1  C Y N 315 
PHE CE2  C Y N 316 
PHE CZ   C Y N 317 
PHE OXT  O N N 318 
PHE H    H N N 319 
PHE H2   H N N 320 
PHE HA   H N N 321 
PHE HB2  H N N 322 
PHE HB3  H N N 323 
PHE HD1  H N N 324 
PHE HD2  H N N 325 
PHE HE1  H N N 326 
PHE HE2  H N N 327 
PHE HZ   H N N 328 
PHE HXT  H N N 329 
PRO N    N N N 330 
PRO CA   C N S 331 
PRO C    C N N 332 
PRO O    O N N 333 
PRO CB   C N N 334 
PRO CG   C N N 335 
PRO CD   C N N 336 
PRO OXT  O N N 337 
PRO H    H N N 338 
PRO HA   H N N 339 
PRO HB2  H N N 340 
PRO HB3  H N N 341 
PRO HG2  H N N 342 
PRO HG3  H N N 343 
PRO HD2  H N N 344 
PRO HD3  H N N 345 
PRO HXT  H N N 346 
SER N    N N N 347 
SER CA   C N S 348 
SER C    C N N 349 
SER O    O N N 350 
SER CB   C N N 351 
SER OG   O N N 352 
SER OXT  O N N 353 
SER H    H N N 354 
SER H2   H N N 355 
SER HA   H N N 356 
SER HB2  H N N 357 
SER HB3  H N N 358 
SER HG   H N N 359 
SER HXT  H N N 360 
SO4 S    S N N 361 
SO4 O1   O N N 362 
SO4 O2   O N N 363 
SO4 O3   O N N 364 
SO4 O4   O N N 365 
THR N    N N N 366 
THR CA   C N S 367 
THR C    C N N 368 
THR O    O N N 369 
THR CB   C N R 370 
THR OG1  O N N 371 
THR CG2  C N N 372 
THR OXT  O N N 373 
THR H    H N N 374 
THR H2   H N N 375 
THR HA   H N N 376 
THR HB   H N N 377 
THR HG1  H N N 378 
THR HG21 H N N 379 
THR HG22 H N N 380 
THR HG23 H N N 381 
THR HXT  H N N 382 
TRP N    N N N 383 
TRP CA   C N S 384 
TRP C    C N N 385 
TRP O    O N N 386 
TRP CB   C N N 387 
TRP CG   C Y N 388 
TRP CD1  C Y N 389 
TRP CD2  C Y N 390 
TRP NE1  N Y N 391 
TRP CE2  C Y N 392 
TRP CE3  C Y N 393 
TRP CZ2  C Y N 394 
TRP CZ3  C Y N 395 
TRP CH2  C Y N 396 
TRP OXT  O N N 397 
TRP H    H N N 398 
TRP H2   H N N 399 
TRP HA   H N N 400 
TRP HB2  H N N 401 
TRP HB3  H N N 402 
TRP HD1  H N N 403 
TRP HE1  H N N 404 
TRP HE3  H N N 405 
TRP HZ2  H N N 406 
TRP HZ3  H N N 407 
TRP HH2  H N N 408 
TRP HXT  H N N 409 
TYR N    N N N 410 
TYR CA   C N S 411 
TYR C    C N N 412 
TYR O    O N N 413 
TYR CB   C N N 414 
TYR CG   C Y N 415 
TYR CD1  C Y N 416 
TYR CD2  C Y N 417 
TYR CE1  C Y N 418 
TYR CE2  C Y N 419 
TYR CZ   C Y N 420 
TYR OH   O N N 421 
TYR OXT  O N N 422 
TYR H    H N N 423 
TYR H2   H N N 424 
TYR HA   H N N 425 
TYR HB2  H N N 426 
TYR HB3  H N N 427 
TYR HD1  H N N 428 
TYR HD2  H N N 429 
TYR HE1  H N N 430 
TYR HE2  H N N 431 
TYR HH   H N N 432 
TYR HXT  H N N 433 
VAL N    N N N 434 
VAL CA   C N S 435 
VAL C    C N N 436 
VAL O    O N N 437 
VAL CB   C N N 438 
VAL CG1  C N N 439 
VAL CG2  C N N 440 
VAL OXT  O N N 441 
VAL H    H N N 442 
VAL H2   H N N 443 
VAL HA   H N N 444 
VAL HB   H N N 445 
VAL HG11 H N N 446 
VAL HG12 H N N 447 
VAL HG13 H N N 448 
VAL HG21 H N N 449 
VAL HG22 H N N 450 
VAL HG23 H N N 451 
VAL HXT  H N N 452 
# 
loop_
_chem_comp_bond.comp_id 
_chem_comp_bond.atom_id_1 
_chem_comp_bond.atom_id_2 
_chem_comp_bond.value_order 
_chem_comp_bond.pdbx_aromatic_flag 
_chem_comp_bond.pdbx_stereo_config 
_chem_comp_bond.pdbx_ordinal 
ALA N   CA   sing N N 1   
ALA N   H    sing N N 2   
ALA N   H2   sing N N 3   
ALA CA  C    sing N N 4   
ALA CA  CB   sing N N 5   
ALA CA  HA   sing N N 6   
ALA C   O    doub N N 7   
ALA C   OXT  sing N N 8   
ALA CB  HB1  sing N N 9   
ALA CB  HB2  sing N N 10  
ALA CB  HB3  sing N N 11  
ALA OXT HXT  sing N N 12  
ARG N   CA   sing N N 13  
ARG N   H    sing N N 14  
ARG N   H2   sing N N 15  
ARG CA  C    sing N N 16  
ARG CA  CB   sing N N 17  
ARG CA  HA   sing N N 18  
ARG C   O    doub N N 19  
ARG C   OXT  sing N N 20  
ARG CB  CG   sing N N 21  
ARG CB  HB2  sing N N 22  
ARG CB  HB3  sing N N 23  
ARG CG  CD   sing N N 24  
ARG CG  HG2  sing N N 25  
ARG CG  HG3  sing N N 26  
ARG CD  NE   sing N N 27  
ARG CD  HD2  sing N N 28  
ARG CD  HD3  sing N N 29  
ARG NE  CZ   sing N N 30  
ARG NE  HE   sing N N 31  
ARG CZ  NH1  sing N N 32  
ARG CZ  NH2  doub N N 33  
ARG NH1 HH11 sing N N 34  
ARG NH1 HH12 sing N N 35  
ARG NH2 HH21 sing N N 36  
ARG NH2 HH22 sing N N 37  
ARG OXT HXT  sing N N 38  
ASN N   CA   sing N N 39  
ASN N   H    sing N N 40  
ASN N   H2   sing N N 41  
ASN CA  C    sing N N 42  
ASN CA  CB   sing N N 43  
ASN CA  HA   sing N N 44  
ASN C   O    doub N N 45  
ASN C   OXT  sing N N 46  
ASN CB  CG   sing N N 47  
ASN CB  HB2  sing N N 48  
ASN CB  HB3  sing N N 49  
ASN CG  OD1  doub N N 50  
ASN CG  ND2  sing N N 51  
ASN ND2 HD21 sing N N 52  
ASN ND2 HD22 sing N N 53  
ASN OXT HXT  sing N N 54  
ASP N   CA   sing N N 55  
ASP N   H    sing N N 56  
ASP N   H2   sing N N 57  
ASP CA  C    sing N N 58  
ASP CA  CB   sing N N 59  
ASP CA  HA   sing N N 60  
ASP C   O    doub N N 61  
ASP C   OXT  sing N N 62  
ASP CB  CG   sing N N 63  
ASP CB  HB2  sing N N 64  
ASP CB  HB3  sing N N 65  
ASP CG  OD1  doub N N 66  
ASP CG  OD2  sing N N 67  
ASP OD2 HD2  sing N N 68  
ASP OXT HXT  sing N N 69  
C20 C1  C2   sing N N 70  
C20 C1  H11  sing N N 71  
C20 C1  H12A sing N N 72  
C20 C1  H13  sing N N 73  
C20 C2  O3   doub N N 74  
C20 C2  N4   sing N N 75  
C20 N4  C5   sing N N 76  
C20 N4  HN4  sing N N 77  
C20 C5  C6   sing N N 78  
C20 C5  C9   sing N N 79  
C20 C5  H5   sing N N 80  
C20 C6  C7   sing N N 81  
C20 C6  C8   sing N N 82  
C20 C6  H6   sing N N 83  
C20 C7  H71  sing N N 84  
C20 C7  H72  sing N N 85  
C20 C7  H73  sing N N 86  
C20 C8  H81  sing N N 87  
C20 C8  H82  sing N N 88  
C20 C8  H83  sing N N 89  
C20 C9  O10  doub N N 90  
C20 C9  N11  sing N N 91  
C20 N11 C12  sing N N 92  
C20 N11 HN1  sing N N 93  
C20 C12 C13  sing N N 94  
C20 C12 C20  sing N N 95  
C20 C12 H12  sing N N 96  
C20 C13 C14  sing N N 97  
C20 C13 H131 sing N N 98  
C20 C13 H132 sing N N 99  
C20 C14 C15  doub Y N 100 
C20 C14 C19  sing Y N 101 
C20 C15 C16  sing Y N 102 
C20 C15 H15  sing N N 103 
C20 C16 C17  doub Y N 104 
C20 C16 H16  sing N N 105 
C20 C17 C18  sing Y N 106 
C20 C17 H17  sing N N 107 
C20 C18 C19  doub Y N 108 
C20 C18 H18  sing N N 109 
C20 C19 H19  sing N N 110 
C20 C20 O21  sing N N 111 
C20 C20 C22  sing N N 112 
C20 C20 H20  sing N N 113 
C20 O21 HO1  sing N N 114 
C20 C22 N23  sing N N 115 
C20 C22 H221 sing N N 116 
C20 C22 H222 sing N N 117 
C20 N23 C24  sing N N 118 
C20 N23 N31  sing N N 119 
C20 C24 C25  sing N N 120 
C20 C24 H241 sing N N 121 
C20 C24 H242 sing N N 122 
C20 C25 C26  sing N N 123 
C20 C25 C30  sing N N 124 
C20 C25 H25  sing N N 125 
C20 C26 C27  sing N N 126 
C20 C26 H261 sing N N 127 
C20 C26 H262 sing N N 128 
C20 C27 C28  sing N N 129 
C20 C27 H271 sing N N 130 
C20 C27 H272 sing N N 131 
C20 C28 C29  sing N N 132 
C20 C28 H281 sing N N 133 
C20 C28 H282 sing N N 134 
C20 C29 C30  sing N N 135 
C20 C29 H291 sing N N 136 
C20 C29 H292 sing N N 137 
C20 C30 H301 sing N N 138 
C20 C30 H302 sing N N 139 
C20 N31 C32  sing N N 140 
C20 N31 HN3  sing N N 141 
C20 C32 O33  doub N N 142 
C20 C32 C34  sing N N 143 
C20 C34 N35  sing N N 144 
C20 C34 C36  sing N N 145 
C20 C34 H34  sing N N 146 
C20 N35 C39  sing N N 147 
C20 N35 HN5  sing N N 148 
C20 C36 C37  sing N N 149 
C20 C36 C38  sing N N 150 
C20 C36 H36  sing N N 151 
C20 C37 H371 sing N N 152 
C20 C37 H372 sing N N 153 
C20 C37 H373 sing N N 154 
C20 C38 H381 sing N N 155 
C20 C38 H382 sing N N 156 
C20 C38 H383 sing N N 157 
C20 C39 O40  doub N N 158 
C20 C39 C41  sing N N 159 
C20 C41 H411 sing N N 160 
C20 C41 H412 sing N N 161 
C20 C41 H413 sing N N 162 
GLN N   CA   sing N N 163 
GLN N   H    sing N N 164 
GLN N   H2   sing N N 165 
GLN CA  C    sing N N 166 
GLN CA  CB   sing N N 167 
GLN CA  HA   sing N N 168 
GLN C   O    doub N N 169 
GLN C   OXT  sing N N 170 
GLN CB  CG   sing N N 171 
GLN CB  HB2  sing N N 172 
GLN CB  HB3  sing N N 173 
GLN CG  CD   sing N N 174 
GLN CG  HG2  sing N N 175 
GLN CG  HG3  sing N N 176 
GLN CD  OE1  doub N N 177 
GLN CD  NE2  sing N N 178 
GLN NE2 HE21 sing N N 179 
GLN NE2 HE22 sing N N 180 
GLN OXT HXT  sing N N 181 
GLU N   CA   sing N N 182 
GLU N   H    sing N N 183 
GLU N   H2   sing N N 184 
GLU CA  C    sing N N 185 
GLU CA  CB   sing N N 186 
GLU CA  HA   sing N N 187 
GLU C   O    doub N N 188 
GLU C   OXT  sing N N 189 
GLU CB  CG   sing N N 190 
GLU CB  HB2  sing N N 191 
GLU CB  HB3  sing N N 192 
GLU CG  CD   sing N N 193 
GLU CG  HG2  sing N N 194 
GLU CG  HG3  sing N N 195 
GLU CD  OE1  doub N N 196 
GLU CD  OE2  sing N N 197 
GLU OE2 HE2  sing N N 198 
GLU OXT HXT  sing N N 199 
GLY N   CA   sing N N 200 
GLY N   H    sing N N 201 
GLY N   H2   sing N N 202 
GLY CA  C    sing N N 203 
GLY CA  HA2  sing N N 204 
GLY CA  HA3  sing N N 205 
GLY C   O    doub N N 206 
GLY C   OXT  sing N N 207 
GLY OXT HXT  sing N N 208 
HOH O   H1   sing N N 209 
HOH O   H2   sing N N 210 
ILE N   CA   sing N N 211 
ILE N   H    sing N N 212 
ILE N   H2   sing N N 213 
ILE CA  C    sing N N 214 
ILE CA  CB   sing N N 215 
ILE CA  HA   sing N N 216 
ILE C   O    doub N N 217 
ILE C   OXT  sing N N 218 
ILE CB  CG1  sing N N 219 
ILE CB  CG2  sing N N 220 
ILE CB  HB   sing N N 221 
ILE CG1 CD1  sing N N 222 
ILE CG1 HG12 sing N N 223 
ILE CG1 HG13 sing N N 224 
ILE CG2 HG21 sing N N 225 
ILE CG2 HG22 sing N N 226 
ILE CG2 HG23 sing N N 227 
ILE CD1 HD11 sing N N 228 
ILE CD1 HD12 sing N N 229 
ILE CD1 HD13 sing N N 230 
ILE OXT HXT  sing N N 231 
LEU N   CA   sing N N 232 
LEU N   H    sing N N 233 
LEU N   H2   sing N N 234 
LEU CA  C    sing N N 235 
LEU CA  CB   sing N N 236 
LEU CA  HA   sing N N 237 
LEU C   O    doub N N 238 
LEU C   OXT  sing N N 239 
LEU CB  CG   sing N N 240 
LEU CB  HB2  sing N N 241 
LEU CB  HB3  sing N N 242 
LEU CG  CD1  sing N N 243 
LEU CG  CD2  sing N N 244 
LEU CG  HG   sing N N 245 
LEU CD1 HD11 sing N N 246 
LEU CD1 HD12 sing N N 247 
LEU CD1 HD13 sing N N 248 
LEU CD2 HD21 sing N N 249 
LEU CD2 HD22 sing N N 250 
LEU CD2 HD23 sing N N 251 
LEU OXT HXT  sing N N 252 
LYS N   CA   sing N N 253 
LYS N   H    sing N N 254 
LYS N   H2   sing N N 255 
LYS CA  C    sing N N 256 
LYS CA  CB   sing N N 257 
LYS CA  HA   sing N N 258 
LYS C   O    doub N N 259 
LYS C   OXT  sing N N 260 
LYS CB  CG   sing N N 261 
LYS CB  HB2  sing N N 262 
LYS CB  HB3  sing N N 263 
LYS CG  CD   sing N N 264 
LYS CG  HG2  sing N N 265 
LYS CG  HG3  sing N N 266 
LYS CD  CE   sing N N 267 
LYS CD  HD2  sing N N 268 
LYS CD  HD3  sing N N 269 
LYS CE  NZ   sing N N 270 
LYS CE  HE2  sing N N 271 
LYS CE  HE3  sing N N 272 
LYS NZ  HZ1  sing N N 273 
LYS NZ  HZ2  sing N N 274 
LYS NZ  HZ3  sing N N 275 
LYS OXT HXT  sing N N 276 
MET N   CA   sing N N 277 
MET N   H    sing N N 278 
MET N   H2   sing N N 279 
MET CA  C    sing N N 280 
MET CA  CB   sing N N 281 
MET CA  HA   sing N N 282 
MET C   O    doub N N 283 
MET C   OXT  sing N N 284 
MET CB  CG   sing N N 285 
MET CB  HB2  sing N N 286 
MET CB  HB3  sing N N 287 
MET CG  SD   sing N N 288 
MET CG  HG2  sing N N 289 
MET CG  HG3  sing N N 290 
MET SD  CE   sing N N 291 
MET CE  HE1  sing N N 292 
MET CE  HE2  sing N N 293 
MET CE  HE3  sing N N 294 
MET OXT HXT  sing N N 295 
PHE N   CA   sing N N 296 
PHE N   H    sing N N 297 
PHE N   H2   sing N N 298 
PHE CA  C    sing N N 299 
PHE CA  CB   sing N N 300 
PHE CA  HA   sing N N 301 
PHE C   O    doub N N 302 
PHE C   OXT  sing N N 303 
PHE CB  CG   sing N N 304 
PHE CB  HB2  sing N N 305 
PHE CB  HB3  sing N N 306 
PHE CG  CD1  doub Y N 307 
PHE CG  CD2  sing Y N 308 
PHE CD1 CE1  sing Y N 309 
PHE CD1 HD1  sing N N 310 
PHE CD2 CE2  doub Y N 311 
PHE CD2 HD2  sing N N 312 
PHE CE1 CZ   doub Y N 313 
PHE CE1 HE1  sing N N 314 
PHE CE2 CZ   sing Y N 315 
PHE CE2 HE2  sing N N 316 
PHE CZ  HZ   sing N N 317 
PHE OXT HXT  sing N N 318 
PRO N   CA   sing N N 319 
PRO N   CD   sing N N 320 
PRO N   H    sing N N 321 
PRO CA  C    sing N N 322 
PRO CA  CB   sing N N 323 
PRO CA  HA   sing N N 324 
PRO C   O    doub N N 325 
PRO C   OXT  sing N N 326 
PRO CB  CG   sing N N 327 
PRO CB  HB2  sing N N 328 
PRO CB  HB3  sing N N 329 
PRO CG  CD   sing N N 330 
PRO CG  HG2  sing N N 331 
PRO CG  HG3  sing N N 332 
PRO CD  HD2  sing N N 333 
PRO CD  HD3  sing N N 334 
PRO OXT HXT  sing N N 335 
SER N   CA   sing N N 336 
SER N   H    sing N N 337 
SER N   H2   sing N N 338 
SER CA  C    sing N N 339 
SER CA  CB   sing N N 340 
SER CA  HA   sing N N 341 
SER C   O    doub N N 342 
SER C   OXT  sing N N 343 
SER CB  OG   sing N N 344 
SER CB  HB2  sing N N 345 
SER CB  HB3  sing N N 346 
SER OG  HG   sing N N 347 
SER OXT HXT  sing N N 348 
SO4 S   O1   doub N N 349 
SO4 S   O2   doub N N 350 
SO4 S   O3   sing N N 351 
SO4 S   O4   sing N N 352 
THR N   CA   sing N N 353 
THR N   H    sing N N 354 
THR N   H2   sing N N 355 
THR CA  C    sing N N 356 
THR CA  CB   sing N N 357 
THR CA  HA   sing N N 358 
THR C   O    doub N N 359 
THR C   OXT  sing N N 360 
THR CB  OG1  sing N N 361 
THR CB  CG2  sing N N 362 
THR CB  HB   sing N N 363 
THR OG1 HG1  sing N N 364 
THR CG2 HG21 sing N N 365 
THR CG2 HG22 sing N N 366 
THR CG2 HG23 sing N N 367 
THR OXT HXT  sing N N 368 
TRP N   CA   sing N N 369 
TRP N   H    sing N N 370 
TRP N   H2   sing N N 371 
TRP CA  C    sing N N 372 
TRP CA  CB   sing N N 373 
TRP CA  HA   sing N N 374 
TRP C   O    doub N N 375 
TRP C   OXT  sing N N 376 
TRP CB  CG   sing N N 377 
TRP CB  HB2  sing N N 378 
TRP CB  HB3  sing N N 379 
TRP CG  CD1  doub Y N 380 
TRP CG  CD2  sing Y N 381 
TRP CD1 NE1  sing Y N 382 
TRP CD1 HD1  sing N N 383 
TRP CD2 CE2  doub Y N 384 
TRP CD2 CE3  sing Y N 385 
TRP NE1 CE2  sing Y N 386 
TRP NE1 HE1  sing N N 387 
TRP CE2 CZ2  sing Y N 388 
TRP CE3 CZ3  doub Y N 389 
TRP CE3 HE3  sing N N 390 
TRP CZ2 CH2  doub Y N 391 
TRP CZ2 HZ2  sing N N 392 
TRP CZ3 CH2  sing Y N 393 
TRP CZ3 HZ3  sing N N 394 
TRP CH2 HH2  sing N N 395 
TRP OXT HXT  sing N N 396 
TYR N   CA   sing N N 397 
TYR N   H    sing N N 398 
TYR N   H2   sing N N 399 
TYR CA  C    sing N N 400 
TYR CA  CB   sing N N 401 
TYR CA  HA   sing N N 402 
TYR C   O    doub N N 403 
TYR C   OXT  sing N N 404 
TYR CB  CG   sing N N 405 
TYR CB  HB2  sing N N 406 
TYR CB  HB3  sing N N 407 
TYR CG  CD1  doub Y N 408 
TYR CG  CD2  sing Y N 409 
TYR CD1 CE1  sing Y N 410 
TYR CD1 HD1  sing N N 411 
TYR CD2 CE2  doub Y N 412 
TYR CD2 HD2  sing N N 413 
TYR CE1 CZ   doub Y N 414 
TYR CE1 HE1  sing N N 415 
TYR CE2 CZ   sing Y N 416 
TYR CE2 HE2  sing N N 417 
TYR CZ  OH   sing N N 418 
TYR OH  HH   sing N N 419 
TYR OXT HXT  sing N N 420 
VAL N   CA   sing N N 421 
VAL N   H    sing N N 422 
VAL N   H2   sing N N 423 
VAL CA  C    sing N N 424 
VAL CA  CB   sing N N 425 
VAL CA  HA   sing N N 426 
VAL C   O    doub N N 427 
VAL C   OXT  sing N N 428 
VAL CB  CG1  sing N N 429 
VAL CB  CG2  sing N N 430 
VAL CB  HB   sing N N 431 
VAL CG1 HG11 sing N N 432 
VAL CG1 HG12 sing N N 433 
VAL CG1 HG13 sing N N 434 
VAL CG2 HG21 sing N N 435 
VAL CG2 HG22 sing N N 436 
VAL CG2 HG23 sing N N 437 
VAL OXT HXT  sing N N 438 
# 
_atom_sites.entry_id                    1HII 
_atom_sites.fract_transf_matrix[1][1]   -0.01726669 
_atom_sites.fract_transf_matrix[1][2]   -0.01322030 
_atom_sites.fract_transf_matrix[1][3]   0.02057884 
_atom_sites.fract_transf_matrix[2][1]   0.01051679 
_atom_sites.fract_transf_matrix[2][2]   -0.01139028 
_atom_sites.fract_transf_matrix[2][3]   0.00150676 
_atom_sites.fract_transf_matrix[3][1]   0.00462214 
_atom_sites.fract_transf_matrix[3][2]   0.00522472 
_atom_sites.fract_transf_matrix[3][3]   0.00723468 
_atom_sites.fract_transf_vector[1]      0.585199 
_atom_sites.fract_transf_vector[2]      0.436796 
_atom_sites.fract_transf_vector[3]      0.136810 
# 
loop_
_atom_type.symbol 
C 
N 
O 
S 
# 
loop_
_atom_site.group_PDB 
_atom_site.id 
_atom_site.type_symbol 
_atom_site.label_atom_id 
_atom_site.label_alt_id 
_atom_site.label_comp_id 
_atom_site.label_asym_id 
_atom_site.label_entity_id 
_atom_site.label_seq_id 
_atom_site.pdbx_PDB_ins_code 
_atom_site.Cartn_x 
_atom_site.Cartn_y 
_atom_site.Cartn_z 
_atom_site.occupancy 
_atom_site.B_iso_or_equiv 
_atom_site.pdbx_formal_charge 
_atom_site.auth_seq_id 
_atom_site.auth_comp_id 
_atom_site.auth_asym_id 
_atom_site.auth_atom_id 
_atom_site.pdbx_PDB_model_num 
ATOM   1    N N   . PRO A 1 1  ? -15.827 -5.338  9.899   1.00 28.94 ? 1   PRO A N   1 
ATOM   2    C CA  . PRO A 1 1  ? -14.515 -5.943  10.252  1.00 28.74 ? 1   PRO A CA  1 
ATOM   3    C C   . PRO A 1 1  ? -13.454 -4.864  10.397  1.00 27.84 ? 1   PRO A C   1 
ATOM   4    O O   . PRO A 1 1  ? -13.430 -3.900  9.644   1.00 28.42 ? 1   PRO A O   1 
ATOM   5    C CB  . PRO A 1 1  ? -14.134 -6.931  9.154   1.00 29.26 ? 1   PRO A CB  1 
ATOM   6    C CG  . PRO A 1 1  ? -15.439 -7.474  8.775   1.00 31.88 ? 1   PRO A CG  1 
ATOM   7    C CD  . PRO A 1 1  ? -16.338 -6.216  8.793   1.00 30.80 ? 1   PRO A CD  1 
ATOM   8    N N   . GLN A 1 2  ? -12.595 -5.013  11.388  1.00 27.63 ? 2   GLN A N   1 
ATOM   9    C CA  . GLN A 1 2  ? -11.552 -4.038  11.599  1.00 28.09 ? 2   GLN A CA  1 
ATOM   10   C C   . GLN A 1 2  ? -10.208 -4.733  11.477  1.00 24.98 ? 2   GLN A C   1 
ATOM   11   O O   . GLN A 1 2  ? -10.063 -5.842  11.945  1.00 26.73 ? 2   GLN A O   1 
ATOM   12   C CB  . GLN A 1 2  ? -11.693 -3.387  12.982  1.00 31.75 ? 2   GLN A CB  1 
ATOM   13   C CG  . GLN A 1 2  ? -10.597 -2.342  13.248  1.00 48.39 ? 2   GLN A CG  1 
ATOM   14   C CD  . GLN A 1 2  ? -10.705 -1.658  14.602  1.00 54.13 ? 2   GLN A CD  1 
ATOM   15   O OE1 . GLN A 1 2  ? -11.725 -1.034  14.918  1.00 61.45 ? 2   GLN A OE1 1 
ATOM   16   N NE2 . GLN A 1 2  ? -9.633  -1.724  15.385  1.00 50.58 ? 2   GLN A NE2 1 
ATOM   17   N N   . PHE A 1 3  ? -9.266  -4.126  10.763  1.00 22.24 ? 3   PHE A N   1 
ATOM   18   C CA  . PHE A 1 3  ? -7.934  -4.697  10.639  1.00 19.57 ? 3   PHE A CA  1 
ATOM   19   C C   . PHE A 1 3  ? -7.035  -3.751  11.406  1.00 17.63 ? 3   PHE A C   1 
ATOM   20   O O   . PHE A 1 3  ? -6.956  -2.569  11.065  1.00 15.47 ? 3   PHE A O   1 
ATOM   21   C CB  . PHE A 1 3  ? -7.505  -4.802  9.176   1.00 22.75 ? 3   PHE A CB  1 
ATOM   22   C CG  . PHE A 1 3  ? -8.322  -5.780  8.383   1.00 17.04 ? 3   PHE A CG  1 
ATOM   23   C CD1 . PHE A 1 3  ? -9.575  -5.426  7.891   1.00 21.23 ? 3   PHE A CD1 1 
ATOM   24   C CD2 . PHE A 1 3  ? -7.866  -7.066  8.168   1.00 19.01 ? 3   PHE A CD2 1 
ATOM   25   C CE1 . PHE A 1 3  ? -10.360 -6.341  7.195   1.00 21.03 ? 3   PHE A CE1 1 
ATOM   26   C CE2 . PHE A 1 3  ? -8.643  -7.986  7.471   1.00 19.22 ? 3   PHE A CE2 1 
ATOM   27   C CZ  . PHE A 1 3  ? -9.891  -7.628  6.988   1.00 19.97 ? 3   PHE A CZ  1 
ATOM   28   N N   . SER A 1 4  ? -6.387  -4.274  12.452  1.00 16.16 ? 4   SER A N   1 
ATOM   29   C CA  . SER A 1 4  ? -5.508  -3.490  13.328  1.00 16.58 ? 4   SER A CA  1 
ATOM   30   C C   . SER A 1 4  ? -4.151  -3.116  12.728  1.00 14.73 ? 4   SER A C   1 
ATOM   31   O O   . SER A 1 4  ? -3.467  -2.250  13.243  1.00 19.20 ? 4   SER A O   1 
ATOM   32   C CB  . SER A 1 4  ? -5.297  -4.229  14.642  1.00 12.85 ? 4   SER A CB  1 
ATOM   33   O OG  . SER A 1 4  ? -4.635  -5.452  14.436  1.00 17.60 ? 4   SER A OG  1 
ATOM   34   N N   . LEU A 1 5  ? -3.749  -3.823  11.688  1.00 12.97 ? 5   LEU A N   1 
ATOM   35   C CA  . LEU A 1 5  ? -2.513  -3.588  10.962  1.00 11.18 ? 5   LEU A CA  1 
ATOM   36   C C   . LEU A 1 5  ? -1.269  -4.094  11.626  1.00 14.26 ? 5   LEU A C   1 
ATOM   37   O O   . LEU A 1 5  ? -0.186  -3.842  11.125  1.00 16.29 ? 5   LEU A O   1 
ATOM   38   C CB  . LEU A 1 5  ? -2.347  -2.130  10.548  1.00 6.32  ? 5   LEU A CB  1 
ATOM   39   C CG  . LEU A 1 5  ? -3.520  -1.543  9.746   1.00 14.03 ? 5   LEU A CG  1 
ATOM   40   C CD1 . LEU A 1 5  ? -3.328  -0.036  9.580   1.00 11.98 ? 5   LEU A CD1 1 
ATOM   41   C CD2 . LEU A 1 5  ? -3.695  -2.241  8.386   1.00 8.28  ? 5   LEU A CD2 1 
ATOM   42   N N   . TRP A 1 6  ? -1.400  -4.813  12.744  1.00 15.29 ? 6   TRP A N   1 
ATOM   43   C CA  . TRP A 1 6  ? -0.205  -5.387  13.379  1.00 15.12 ? 6   TRP A CA  1 
ATOM   44   C C   . TRP A 1 6  ? 0.275   -6.511  12.465  1.00 14.88 ? 6   TRP A C   1 
ATOM   45   O O   . TRP A 1 6  ? 1.429   -6.879  12.499  1.00 19.32 ? 6   TRP A O   1 
ATOM   46   C CB  . TRP A 1 6  ? -0.470  -5.910  14.800  1.00 14.98 ? 6   TRP A CB  1 
ATOM   47   C CG  . TRP A 1 6  ? -0.699  -4.796  15.753  1.00 13.79 ? 6   TRP A CG  1 
ATOM   48   C CD1 . TRP A 1 6  ? -1.889  -4.359  16.189  1.00 20.37 ? 6   TRP A CD1 1 
ATOM   49   C CD2 . TRP A 1 6  ? 0.294   -3.927  16.301  1.00 23.50 ? 6   TRP A CD2 1 
ATOM   50   N NE1 . TRP A 1 6  ? -1.729  -3.234  16.976  1.00 24.31 ? 6   TRP A NE1 1 
ATOM   51   C CE2 . TRP A 1 6  ? -0.399  -2.939  17.065  1.00 22.92 ? 6   TRP A CE2 1 
ATOM   52   C CE3 . TRP A 1 6  ? 1.687   -3.854  16.237  1.00 28.68 ? 6   TRP A CE3 1 
ATOM   53   C CZ2 . TRP A 1 6  ? 0.258   -1.913  17.747  1.00 18.70 ? 6   TRP A CZ2 1 
ATOM   54   C CZ3 . TRP A 1 6  ? 2.356   -2.823  16.927  1.00 31.49 ? 6   TRP A CZ3 1 
ATOM   55   C CH2 . TRP A 1 6  ? 1.630   -1.866  17.665  1.00 24.51 ? 6   TRP A CH2 1 
ATOM   56   N N   . LYS A 1 7  ? -0.626  -7.075  11.672  1.00 15.42 ? 7   LYS A N   1 
ATOM   57   C CA  . LYS A 1 7  ? -0.246  -8.103  10.704  1.00 16.83 ? 7   LYS A CA  1 
ATOM   58   C C   . LYS A 1 7  ? -0.708  -7.548  9.355   1.00 14.40 ? 7   LYS A C   1 
ATOM   59   O O   . LYS A 1 7  ? -1.494  -6.603  9.319   1.00 13.12 ? 7   LYS A O   1 
ATOM   60   C CB  . LYS A 1 7  ? -0.956  -9.428  11.012  1.00 23.43 ? 7   LYS A CB  1 
ATOM   61   C CG  . LYS A 1 7  ? -0.763  -9.949  12.447  1.00 34.36 ? 7   LYS A CG  1 
ATOM   62   C CD  . LYS A 1 7  ? 0.316   -11.051 12.564  1.00 49.16 ? 7   LYS A CD  1 
ATOM   63   C CE  . LYS A 1 7  ? 1.779   -10.557 12.423  1.00 55.07 ? 7   LYS A CE  1 
ATOM   64   N NZ  . LYS A 1 7  ? 2.202   -9.573  13.478  1.00 59.66 ? 7   LYS A NZ  1 
ATOM   65   N N   . ARG A 1 8  ? -0.188  -8.098  8.264   1.00 15.07 ? 8   ARG A N   1 
ATOM   66   C CA  . ARG A 1 8  ? -0.585  -7.706  6.906   1.00 13.70 ? 8   ARG A CA  1 
ATOM   67   C C   . ARG A 1 8  ? -2.091  -7.966  6.745   1.00 13.88 ? 8   ARG A C   1 
ATOM   68   O O   . ARG A 1 8  ? -2.571  -9.039  7.091   1.00 12.66 ? 8   ARG A O   1 
ATOM   69   C CB  . ARG A 1 8  ? 0.230   -8.516  5.891   1.00 12.95 ? 8   ARG A CB  1 
ATOM   70   C CG  . ARG A 1 8  ? 1.304   -7.695  5.233   1.00 14.44 ? 8   ARG A CG  1 
ATOM   71   C CD  . ARG A 1 8  ? 2.667   -8.296  5.193   1.00 19.85 ? 8   ARG A CD  1 
ATOM   72   N NE  . ARG A 1 8  ? 2.854   -9.160  4.046   1.00 28.34 ? 8   ARG A NE  1 
ATOM   73   C CZ  . ARG A 1 8  ? 3.994   -9.309  3.368   1.00 31.69 ? 8   ARG A CZ  1 
ATOM   74   N NH1 . ARG A 1 8  ? 5.090   -8.634  3.689   1.00 25.38 ? 8   ARG A NH1 1 
ATOM   75   N NH2 . ARG A 1 8  ? 4.058   -10.229 2.412   1.00 38.95 ? 8   ARG A NH2 1 
ATOM   76   N N   . PRO A 1 9  ? -2.873  -6.957  6.296   1.00 14.63 ? 9   PRO A N   1 
ATOM   77   C CA  . PRO A 1 9  ? -4.325  -7.122  6.121   1.00 12.85 ? 9   PRO A CA  1 
ATOM   78   C C   . PRO A 1 9  ? -4.650  -7.980  4.883   1.00 14.51 ? 9   PRO A C   1 
ATOM   79   O O   . PRO A 1 9  ? -4.934  -7.477  3.802   1.00 16.67 ? 9   PRO A O   1 
ATOM   80   C CB  . PRO A 1 9  ? -4.818  -5.677  5.982   1.00 10.72 ? 9   PRO A CB  1 
ATOM   81   C CG  . PRO A 1 9  ? -3.691  -5.031  5.248   1.00 11.90 ? 9   PRO A CG  1 
ATOM   82   C CD  . PRO A 1 9  ? -2.433  -5.607  5.893   1.00 10.21 ? 9   PRO A CD  1 
ATOM   83   N N   . VAL A 1 10 ? -4.586  -9.286  5.066   1.00 14.65 ? 10  VAL A N   1 
ATOM   84   C CA  . VAL A 1 10 ? -4.818  -10.253 4.012   1.00 16.81 ? 10  VAL A CA  1 
ATOM   85   C C   . VAL A 1 10 ? -6.133  -11.021 4.185   1.00 18.64 ? 10  VAL A C   1 
ATOM   86   O O   . VAL A 1 10 ? -6.451  -11.476 5.278   1.00 19.11 ? 10  VAL A O   1 
ATOM   87   C CB  . VAL A 1 10 ? -3.635  -11.245 3.992   1.00 20.30 ? 10  VAL A CB  1 
ATOM   88   C CG1 . VAL A 1 10 ? -3.921  -12.430 3.085   1.00 24.25 ? 10  VAL A CG1 1 
ATOM   89   C CG2 . VAL A 1 10 ? -2.360  -10.521 3.551   1.00 17.11 ? 10  VAL A CG2 1 
ATOM   90   N N   . VAL A 1 11 ? -6.905  -11.144 3.111   1.00 19.40 ? 11  VAL A N   1 
ATOM   91   C CA  . VAL A 1 11 ? -8.169  -11.883 3.144   1.00 17.34 ? 11  VAL A CA  1 
ATOM   92   C C   . VAL A 1 11 ? -8.270  -12.735 1.882   1.00 18.94 ? 11  VAL A C   1 
ATOM   93   O O   . VAL A 1 11 ? -7.441  -12.624 0.957   1.00 18.21 ? 11  VAL A O   1 
ATOM   94   C CB  . VAL A 1 11 ? -9.417  -10.936 3.216   1.00 20.36 ? 11  VAL A CB  1 
ATOM   95   C CG1 . VAL A 1 11 ? -9.431  -10.158 4.532   1.00 21.41 ? 11  VAL A CG1 1 
ATOM   96   C CG2 . VAL A 1 11 ? -9.430  -9.980  2.026   1.00 14.69 ? 11  VAL A CG2 1 
ATOM   97   N N   . THR A 1 12 ? -9.275  -13.596 1.848   1.00 17.57 ? 12  THR A N   1 
ATOM   98   C CA  . THR A 1 12 ? -9.490  -14.438 0.690   1.00 16.62 ? 12  THR A CA  1 
ATOM   99   C C   . THR A 1 12 ? -10.560 -13.811 -0.189  1.00 14.78 ? 12  THR A C   1 
ATOM   100  O O   . THR A 1 12 ? -11.590 -13.374 0.306   1.00 16.13 ? 12  THR A O   1 
ATOM   101  C CB  . THR A 1 12 ? -9.909  -15.838 1.122   1.00 21.41 ? 12  THR A CB  1 
ATOM   102  O OG1 . THR A 1 12 ? -8.873  -16.384 1.946   1.00 24.60 ? 12  THR A OG1 1 
ATOM   103  C CG2 . THR A 1 12 ? -10.134 -16.737 -0.090  1.00 24.69 ? 12  THR A CG2 1 
ATOM   104  N N   . ALA A 1 13 ? -10.278 -13.690 -1.475  1.00 12.83 ? 13  ALA A N   1 
ATOM   105  C CA  . ALA A 1 13 ? -11.237 -13.124 -2.410  1.00 17.95 ? 13  ALA A CA  1 
ATOM   106  C C   . ALA A 1 13 ? -11.513 -14.118 -3.549  1.00 19.12 ? 13  ALA A C   1 
ATOM   107  O O   . ALA A 1 13 ? -10.719 -15.035 -3.814  1.00 16.16 ? 13  ALA A O   1 
ATOM   108  C CB  . ALA A 1 13 ? -10.723 -11.773 -2.970  1.00 15.59 ? 13  ALA A CB  1 
ATOM   109  N N   . TYR A 1 14 ? -12.661 -13.942 -4.194  1.00 19.09 ? 14  TYR A N   1 
ATOM   110  C CA  . TYR A 1 14 ? -13.052 -14.791 -5.319  1.00 18.17 ? 14  TYR A CA  1 
ATOM   111  C C   . TYR A 1 14 ? -13.188 -13.902 -6.519  1.00 17.07 ? 14  TYR A C   1 
ATOM   112  O O   . TYR A 1 14 ? -13.999 -12.987 -6.520  1.00 17.93 ? 14  TYR A O   1 
ATOM   113  C CB  . TYR A 1 14 ? -14.375 -15.492 -5.034  1.00 13.69 ? 14  TYR A CB  1 
ATOM   114  C CG  . TYR A 1 14 ? -14.244 -16.482 -3.929  1.00 19.72 ? 14  TYR A CG  1 
ATOM   115  C CD1 . TYR A 1 14 ? -14.363 -16.084 -2.601  1.00 27.28 ? 14  TYR A CD1 1 
ATOM   116  C CD2 . TYR A 1 14 ? -13.920 -17.808 -4.193  1.00 24.63 ? 14  TYR A CD2 1 
ATOM   117  C CE1 . TYR A 1 14 ? -14.157 -16.979 -1.564  1.00 31.91 ? 14  TYR A CE1 1 
ATOM   118  C CE2 . TYR A 1 14 ? -13.713 -18.716 -3.156  1.00 27.83 ? 14  TYR A CE2 1 
ATOM   119  C CZ  . TYR A 1 14 ? -13.833 -18.292 -1.847  1.00 31.23 ? 14  TYR A CZ  1 
ATOM   120  O OH  . TYR A 1 14 ? -13.641 -19.180 -0.807  1.00 44.29 ? 14  TYR A OH  1 
ATOM   121  N N   . ILE A 1 15 ? -12.339 -14.135 -7.507  1.00 17.42 ? 15  ILE A N   1 
ATOM   122  C CA  . ILE A 1 15 ? -12.332 -13.359 -8.748  1.00 16.49 ? 15  ILE A CA  1 
ATOM   123  C C   . ILE A 1 15 ? -12.842 -14.307 -9.829  1.00 16.61 ? 15  ILE A C   1 
ATOM   124  O O   . ILE A 1 15 ? -12.129 -15.216 -10.233 1.00 17.58 ? 15  ILE A O   1 
ATOM   125  C CB  . ILE A 1 15 ? -10.904 -12.913 -9.055  1.00 15.17 ? 15  ILE A CB  1 
ATOM   126  C CG1 . ILE A 1 15 ? -10.417 -11.987 -7.921  1.00 23.46 ? 15  ILE A CG1 1 
ATOM   127  C CG2 . ILE A 1 15 ? -10.837 -12.230 -10.398 1.00 9.83  ? 15  ILE A CG2 1 
ATOM   128  C CD1 . ILE A 1 15 ? -8.927  -11.759 -7.913  1.00 20.18 ? 15  ILE A CD1 1 
ATOM   129  N N   . GLU A 1 16 ? -14.103 -14.132 -10.229 1.00 16.92 ? 16  GLU A N   1 
ATOM   130  C CA  . GLU A 1 16 ? -14.751 -14.993 -11.222 1.00 16.83 ? 16  GLU A CA  1 
ATOM   131  C C   . GLU A 1 16 ? -14.712 -16.434 -10.728 1.00 19.38 ? 16  GLU A C   1 
ATOM   132  O O   . GLU A 1 16 ? -14.393 -17.369 -11.477 1.00 21.03 ? 16  GLU A O   1 
ATOM   133  C CB  . GLU A 1 16 ? -14.070 -14.901 -12.587 1.00 11.07 ? 16  GLU A CB  1 
ATOM   134  C CG  . GLU A 1 16 ? -14.101 -13.523 -13.242 1.00 21.10 ? 16  GLU A CG  1 
ATOM   135  C CD  . GLU A 1 16 ? -15.481 -13.026 -13.663 1.00 28.51 ? 16  GLU A CD  1 
ATOM   136  O OE1 . GLU A 1 16 ? -16.484 -13.759 -13.553 1.00 36.11 ? 16  GLU A OE1 1 
ATOM   137  O OE2 . GLU A 1 16 ? -15.564 -11.871 -14.133 1.00 30.06 ? 16  GLU A OE2 1 
ATOM   138  N N   . GLY A 1 17 ? -14.984 -16.595 -9.439  1.00 20.16 ? 17  GLY A N   1 
ATOM   139  C CA  . GLY A 1 17 ? -15.000 -17.908 -8.824  1.00 22.21 ? 17  GLY A CA  1 
ATOM   140  C C   . GLY A 1 17 ? -13.660 -18.432 -8.306  1.00 23.07 ? 17  GLY A C   1 
ATOM   141  O O   . GLY A 1 17 ? -13.634 -19.296 -7.437  1.00 24.98 ? 17  GLY A O   1 
ATOM   142  N N   . GLN A 1 18 ? -12.550 -17.904 -8.805  1.00 19.71 ? 18  GLN A N   1 
ATOM   143  C CA  . GLN A 1 18 ? -11.249 -18.394 -8.385  1.00 20.96 ? 18  GLN A CA  1 
ATOM   144  C C   . GLN A 1 18 ? -10.801 -17.752 -7.051  1.00 22.28 ? 18  GLN A C   1 
ATOM   145  O O   . GLN A 1 18 ? -10.666 -16.525 -6.944  1.00 21.48 ? 18  GLN A O   1 
ATOM   146  C CB  . GLN A 1 18 ? -10.241 -18.113 -9.498  1.00 26.30 ? 18  GLN A CB  1 
ATOM   147  C CG  . GLN A 1 18 ? -10.814 -18.201 -10.923 1.00 42.33 ? 18  GLN A CG  1 
ATOM   148  C CD  . GLN A 1 18 ? -9.828  -17.729 -12.015 1.00 55.39 ? 18  GLN A CD  1 
ATOM   149  O OE1 . GLN A 1 18 ? -8.902  -18.457 -12.399 1.00 60.33 ? 18  GLN A OE1 1 
ATOM   150  N NE2 . GLN A 1 18 ? -10.023 -16.506 -12.508 1.00 56.45 ? 18  GLN A NE2 1 
ATOM   151  N N   . PRO A 1 19 ? -10.554 -18.579 -6.019  1.00 21.36 ? 19  PRO A N   1 
ATOM   152  C CA  . PRO A 1 19 ? -10.123 -18.136 -4.686  1.00 20.10 ? 19  PRO A CA  1 
ATOM   153  C C   . PRO A 1 19 ? -8.692  -17.600 -4.727  1.00 21.37 ? 19  PRO A C   1 
ATOM   154  O O   . PRO A 1 19 ? -7.787  -18.270 -5.223  1.00 25.01 ? 19  PRO A O   1 
ATOM   155  C CB  . PRO A 1 19 ? -10.158 -19.429 -3.856  1.00 21.06 ? 19  PRO A CB  1 
ATOM   156  C CG  . PRO A 1 19 ? -10.881 -20.440 -4.728  1.00 21.15 ? 19  PRO A CG  1 
ATOM   157  C CD  . PRO A 1 19 ? -10.521 -20.046 -6.112  1.00 21.25 ? 19  PRO A CD  1 
ATOM   158  N N   . VAL A 1 20 ? -8.463  -16.438 -4.145  1.00 18.94 ? 20  VAL A N   1 
ATOM   159  C CA  . VAL A 1 20 ? -7.137  -15.867 -4.142  1.00 20.02 ? 20  VAL A CA  1 
ATOM   160  C C   . VAL A 1 20 ? -6.918  -15.116 -2.809  1.00 19.96 ? 20  VAL A C   1 
ATOM   161  O O   . VAL A 1 20 ? -7.850  -14.663 -2.185  1.00 21.75 ? 20  VAL A O   1 
ATOM   162  C CB  . VAL A 1 20 ? -6.985  -14.960 -5.370  1.00 24.13 ? 20  VAL A CB  1 
ATOM   163  C CG1 . VAL A 1 20 ? -7.935  -13.786 -5.273  1.00 28.66 ? 20  VAL A CG1 1 
ATOM   164  C CG2 . VAL A 1 20 ? -5.588  -14.508 -5.531  1.00 28.90 ? 20  VAL A CG2 1 
ATOM   165  N N   . GLU A 1 21 ? -5.700  -15.119 -2.299  1.00 19.63 ? 21  GLU A N   1 
ATOM   166  C CA  . GLU A 1 21 ? -5.409  -14.431 -1.050  1.00 17.06 ? 21  GLU A CA  1 
ATOM   167  C C   . GLU A 1 21 ? -4.883  -13.085 -1.500  1.00 16.33 ? 21  GLU A C   1 
ATOM   168  O O   . GLU A 1 21 ? -3.958  -13.035 -2.320  1.00 15.38 ? 21  GLU A O   1 
ATOM   169  C CB  . GLU A 1 21 ? -4.323  -15.192 -0.315  1.00 22.90 ? 21  GLU A CB  1 
ATOM   170  C CG  . GLU A 1 21 ? -4.411  -15.114 1.185   1.00 45.43 ? 21  GLU A CG  1 
ATOM   171  C CD  . GLU A 1 21 ? -5.554  -15.947 1.763   1.00 58.38 ? 21  GLU A CD  1 
ATOM   172  O OE1 . GLU A 1 21 ? -6.138  -16.782 1.020   1.00 63.42 ? 21  GLU A OE1 1 
ATOM   173  O OE2 . GLU A 1 21 ? -5.856  -15.766 2.974   1.00 62.09 ? 21  GLU A OE2 1 
ATOM   174  N N   . VAL A 1 22 ? -5.511  -12.006 -1.041  1.00 15.04 ? 22  VAL A N   1 
ATOM   175  C CA  . VAL A 1 22 ? -5.102  -10.649 -1.429  1.00 15.47 ? 22  VAL A CA  1 
ATOM   176  C C   . VAL A 1 22 ? -4.806  -9.745  -0.235  1.00 14.30 ? 22  VAL A C   1 
ATOM   177  O O   . VAL A 1 22 ? -5.402  -9.903  0.837   1.00 13.28 ? 22  VAL A O   1 
ATOM   178  C CB  . VAL A 1 22 ? -6.200  -9.926  -2.266  1.00 13.04 ? 22  VAL A CB  1 
ATOM   179  C CG1 . VAL A 1 22 ? -6.425  -10.641 -3.549  1.00 13.39 ? 22  VAL A CG1 1 
ATOM   180  C CG2 . VAL A 1 22 ? -7.506  -9.845  -1.488  1.00 14.24 ? 22  VAL A CG2 1 
ATOM   181  N N   . LEU A 1 23 ? -3.952  -8.750  -0.481  1.00 13.88 ? 23  LEU A N   1 
ATOM   182  C CA  . LEU A 1 23 ? -3.558  -7.748  0.501   1.00 12.07 ? 23  LEU A CA  1 
ATOM   183  C C   . LEU A 1 23 ? -4.419  -6.521  0.261   1.00 10.67 ? 23  LEU A C   1 
ATOM   184  O O   . LEU A 1 23 ? -4.486  -6.026  -0.870  1.00 8.36  ? 23  LEU A O   1 
ATOM   185  C CB  . LEU A 1 23 ? -2.073  -7.350  0.288   1.00 17.15 ? 23  LEU A CB  1 
ATOM   186  C CG  . LEU A 1 23 ? -1.441  -6.196  1.114   1.00 12.45 ? 23  LEU A CG  1 
ATOM   187  C CD1 . LEU A 1 23 ? -1.484  -6.587  2.533   1.00 8.26  ? 23  LEU A CD1 1 
ATOM   188  C CD2 . LEU A 1 23 ? 0.007   -5.986  0.748   1.00 15.36 ? 23  LEU A CD2 1 
ATOM   189  N N   . LEU A 1 24 ? -5.070  -6.015  1.307   1.00 11.57 ? 24  LEU A N   1 
ATOM   190  C CA  . LEU A 1 24 ? -5.906  -4.818  1.188   1.00 10.84 ? 24  LEU A CA  1 
ATOM   191  C C   . LEU A 1 24 ? -4.921  -3.663  1.272   1.00 10.54 ? 24  LEU A C   1 
ATOM   192  O O   . LEU A 1 24 ? -4.435  -3.328  2.336   1.00 10.52 ? 24  LEU A O   1 
ATOM   193  C CB  . LEU A 1 24 ? -6.946  -4.773  2.307   1.00 8.46  ? 24  LEU A CB  1 
ATOM   194  C CG  . LEU A 1 24 ? -7.778  -6.066  2.331   1.00 10.20 ? 24  LEU A CG  1 
ATOM   195  C CD1 . LEU A 1 24 ? -8.722  -6.082  3.532   1.00 9.77  ? 24  LEU A CD1 1 
ATOM   196  C CD2 . LEU A 1 24 ? -8.521  -6.217  1.018   1.00 7.47  ? 24  LEU A CD2 1 
ATOM   197  N N   . ASP A 1 25 ? -4.735  -2.977  0.157   1.00 11.81 ? 25  ASP A N   1 
ATOM   198  C CA  . ASP A 1 25 ? -3.730  -1.941  0.048   1.00 11.26 ? 25  ASP A CA  1 
ATOM   199  C C   . ASP A 1 25 ? -4.191  -0.496  -0.234  1.00 11.70 ? 25  ASP A C   1 
ATOM   200  O O   . ASP A 1 25 ? -4.553  -0.169  -1.357  1.00 9.72  ? 25  ASP A O   1 
ATOM   201  C CB  . ASP A 1 25 ? -2.776  -2.412  -1.052  1.00 13.03 ? 25  ASP A CB  1 
ATOM   202  C CG  . ASP A 1 25 ? -1.447  -1.673  -1.094  1.00 17.95 ? 25  ASP A CG  1 
ATOM   203  O OD1 . ASP A 1 25 ? -1.222  -0.650  -0.389  1.00 15.69 ? 25  ASP A OD1 1 
ATOM   204  O OD2 . ASP A 1 25 ? -0.618  -2.141  -1.876  1.00 19.65 ? 25  ASP A OD2 1 
ATOM   205  N N   . THR A 1 26 ? -4.050  0.369   0.778   1.00 9.98  ? 26  THR A N   1 
ATOM   206  C CA  . THR A 1 26 ? -4.419  1.766   0.645   1.00 11.28 ? 26  THR A CA  1 
ATOM   207  C C   . THR A 1 26 ? -3.377  2.550   -0.175  1.00 13.22 ? 26  THR A C   1 
ATOM   208  O O   . THR A 1 26 ? -3.679  3.623   -0.654  1.00 14.55 ? 26  THR A O   1 
ATOM   209  C CB  . THR A 1 26 ? -4.663  2.461   2.035   1.00 12.26 ? 26  THR A CB  1 
ATOM   210  O OG1 . THR A 1 26 ? -3.434  2.589   2.756   1.00 12.92 ? 26  THR A OG1 1 
ATOM   211  C CG2 . THR A 1 26 ? -5.672  1.644   2.885   1.00 10.89 ? 26  THR A CG2 1 
ATOM   212  N N   . GLY A 1 27 ? -2.167  2.012   -0.356  1.00 13.31 ? 27  GLY A N   1 
ATOM   213  C CA  . GLY A 1 27 ? -1.146  2.705   -1.139  1.00 10.54 ? 27  GLY A CA  1 
ATOM   214  C C   . GLY A 1 27 ? -1.063  2.215   -2.585  1.00 12.66 ? 27  GLY A C   1 
ATOM   215  O O   . GLY A 1 27 ? -0.010  2.310   -3.244  1.00 11.29 ? 27  GLY A O   1 
ATOM   216  N N   . ALA A 1 28 ? -2.144  1.595   -3.058  1.00 10.82 ? 28  ALA A N   1 
ATOM   217  C CA  . ALA A 1 28 ? -2.198  1.140   -4.448  1.00 12.90 ? 28  ALA A CA  1 
ATOM   218  C C   . ALA A 1 28 ? -3.428  1.741   -5.137  1.00 13.95 ? 28  ALA A C   1 
ATOM   219  O O   . ALA A 1 28 ? -4.535  1.666   -4.601  1.00 14.01 ? 28  ALA A O   1 
ATOM   220  C CB  . ALA A 1 28 ? -2.250  -0.389  -4.537  1.00 8.39  ? 28  ALA A CB  1 
ATOM   221  N N   . ASP A 1 29 ? -3.228  2.364   -6.302  1.00 15.87 ? 29  ASP A N   1 
ATOM   222  C CA  . ASP A 1 29 ? -4.353  2.919   -7.072  1.00 19.37 ? 29  ASP A CA  1 
ATOM   223  C C   . ASP A 1 29 ? -5.123  1.776   -7.721  1.00 17.50 ? 29  ASP A C   1 
ATOM   224  O O   . ASP A 1 29 ? -6.342  1.833   -7.795  1.00 18.49 ? 29  ASP A O   1 
ATOM   225  C CB  . ASP A 1 29 ? -3.888  3.847   -8.203  1.00 15.77 ? 29  ASP A CB  1 
ATOM   226  C CG  . ASP A 1 29 ? -3.101  5.046   -7.701  1.00 22.59 ? 29  ASP A CG  1 
ATOM   227  O OD1 . ASP A 1 29 ? -3.224  5.415   -6.514  1.00 21.07 ? 29  ASP A OD1 1 
ATOM   228  O OD2 . ASP A 1 29 ? -2.345  5.623   -8.513  1.00 22.67 ? 29  ASP A OD2 1 
ATOM   229  N N   . ASP A 1 30 ? -4.401  0.738   -8.143  1.00 16.75 ? 30  ASP A N   1 
ATOM   230  C CA  . ASP A 1 30 ? -4.996  -0.414  -8.829  1.00 17.33 ? 30  ASP A CA  1 
ATOM   231  C C   . ASP A 1 30 ? -4.870  -1.744  -8.093  1.00 16.91 ? 30  ASP A C   1 
ATOM   232  O O   . ASP A 1 30 ? -4.203  -1.836  -7.056  1.00 19.16 ? 30  ASP A O   1 
ATOM   233  C CB  . ASP A 1 30 ? -4.359  -0.594  -10.218 1.00 17.54 ? 30  ASP A CB  1 
ATOM   234  C CG  . ASP A 1 30 ? -4.241  0.706   -10.969 1.00 23.47 ? 30  ASP A CG  1 
ATOM   235  O OD1 . ASP A 1 30 ? -5.270  1.385   -11.152 1.00 27.93 ? 30  ASP A OD1 1 
ATOM   236  O OD2 . ASP A 1 30 ? -3.105  1.070   -11.344 1.00 29.76 ? 30  ASP A OD2 1 
ATOM   237  N N   . SER A 1 31 ? -5.516  -2.769  -8.657  1.00 15.80 ? 31  SER A N   1 
ATOM   238  C CA  . SER A 1 31 ? -5.503  -4.124  -8.118  1.00 12.47 ? 31  SER A CA  1 
ATOM   239  C C   . SER A 1 31 ? -4.758  -4.994  -9.112  1.00 13.11 ? 31  SER A C   1 
ATOM   240  O O   . SER A 1 31 ? -4.968  -4.890  -10.325 1.00 14.00 ? 31  SER A O   1 
ATOM   241  C CB  . SER A 1 31 ? -6.928  -4.629  -7.922  1.00 11.15 ? 31  SER A CB  1 
ATOM   242  O OG  . SER A 1 31 ? -7.612  -3.815  -6.989  1.00 13.72 ? 31  SER A OG  1 
ATOM   243  N N   . ILE A 1 32 ? -3.818  -5.779  -8.613  1.00 13.11 ? 32  ILE A N   1 
ATOM   244  C CA  . ILE A 1 32 ? -3.041  -6.643  -9.481  1.00 15.70 ? 32  ILE A CA  1 
ATOM   245  C C   . ILE A 1 32 ? -2.949  -8.024  -8.845  1.00 19.35 ? 32  ILE A C   1 
ATOM   246  O O   . ILE A 1 32 ? -2.675  -8.147  -7.638  1.00 19.95 ? 32  ILE A O   1 
ATOM   247  C CB  . ILE A 1 32 ? -1.660  -6.023  -9.834  1.00 16.22 ? 32  ILE A CB  1 
ATOM   248  C CG1 . ILE A 1 32 ? -0.691  -7.104  -10.307 1.00 17.05 ? 32  ILE A CG1 1 
ATOM   249  C CG2 . ILE A 1 32 ? -1.116  -5.291  -8.668  1.00 20.63 ? 32  ILE A CG2 1 
ATOM   250  C CD1 . ILE A 1 32 ? 0.081   -6.776  -11.525 1.00 22.84 ? 32  ILE A CD1 1 
ATOM   251  N N   . VAL A 1 33 ? -3.228  -9.046  -9.657  1.00 17.64 ? 33  VAL A N   1 
ATOM   252  C CA  . VAL A 1 33 ? -3.259  -10.419 -9.215  1.00 18.41 ? 33  VAL A CA  1 
ATOM   253  C C   . VAL A 1 33 ? -2.431  -11.295 -10.136 1.00 20.93 ? 33  VAL A C   1 
ATOM   254  O O   . VAL A 1 33 ? -2.378  -11.063 -11.339 1.00 22.55 ? 33  VAL A O   1 
ATOM   255  C CB  . VAL A 1 33 ? -4.729  -10.936 -9.187  1.00 19.99 ? 33  VAL A CB  1 
ATOM   256  C CG1 . VAL A 1 33 ? -4.790  -12.384 -8.783  1.00 17.25 ? 33  VAL A CG1 1 
ATOM   257  C CG2 . VAL A 1 33 ? -5.569  -10.097 -8.210  1.00 20.38 ? 33  VAL A CG2 1 
ATOM   258  N N   . ALA A 1 34 ? -1.805  -12.307 -9.547  1.00 21.17 ? 34  ALA A N   1 
ATOM   259  C CA  . ALA A 1 34 ? -0.975  -13.258 -10.269 1.00 20.60 ? 34  ALA A CA  1 
ATOM   260  C C   . ALA A 1 34 ? -1.640  -14.624 -10.251 1.00 21.51 ? 34  ALA A C   1 
ATOM   261  O O   . ALA A 1 34 ? -2.504  -14.904 -9.417  1.00 24.07 ? 34  ALA A O   1 
ATOM   262  C CB  . ALA A 1 34 ? 0.392   -13.352 -9.594  1.00 13.67 ? 34  ALA A CB  1 
ATOM   263  N N   . GLY A 1 35 ? -1.296  -15.455 -11.218 1.00 24.93 ? 35  GLY A N   1 
ATOM   264  C CA  . GLY A 1 35 ? -1.823  -16.808 -11.226 1.00 26.41 ? 35  GLY A CA  1 
ATOM   265  C C   . GLY A 1 35 ? -3.247  -17.117 -11.628 1.00 28.66 ? 35  GLY A C   1 
ATOM   266  O O   . GLY A 1 35 ? -3.691  -18.235 -11.382 1.00 30.52 ? 35  GLY A O   1 
ATOM   267  N N   . ILE A 1 36 ? -3.998  -16.168 -12.181 1.00 28.03 ? 36  ILE A N   1 
ATOM   268  C CA  . ILE A 1 36 ? -5.362  -16.492 -12.610 1.00 28.59 ? 36  ILE A CA  1 
ATOM   269  C C   . ILE A 1 36 ? -5.562  -16.202 -14.085 1.00 27.99 ? 36  ILE A C   1 
ATOM   270  O O   . ILE A 1 36 ? -4.919  -15.318 -14.639 1.00 27.85 ? 36  ILE A O   1 
ATOM   271  C CB  . ILE A 1 36 ? -6.447  -15.751 -11.797 1.00 33.17 ? 36  ILE A CB  1 
ATOM   272  C CG1 . ILE A 1 36 ? -6.343  -14.242 -11.981 1.00 33.81 ? 36  ILE A CG1 1 
ATOM   273  C CG2 . ILE A 1 36 ? -6.325  -16.088 -10.321 1.00 36.66 ? 36  ILE A CG2 1 
ATOM   274  C CD1 . ILE A 1 36 ? -7.509  -13.512 -11.389 1.00 43.43 ? 36  ILE A CD1 1 
ATOM   275  N N   . GLU A 1 37 ? -6.421  -16.973 -14.739 1.00 31.39 ? 37  GLU A N   1 
ATOM   276  C CA  . GLU A 1 37 ? -6.674  -16.757 -16.163 1.00 30.95 ? 37  GLU A CA  1 
ATOM   277  C C   . GLU A 1 37 ? -8.007  -16.051 -16.315 1.00 26.97 ? 37  GLU A C   1 
ATOM   278  O O   . GLU A 1 37 ? -9.013  -16.530 -15.806 1.00 30.24 ? 37  GLU A O   1 
ATOM   279  C CB  . GLU A 1 37 ? -6.692  -18.082 -16.914 1.00 37.99 ? 37  GLU A CB  1 
ATOM   280  C CG  . GLU A 1 37 ? -5.767  -18.130 -18.123 1.00 52.35 ? 37  GLU A CG  1 
ATOM   281  C CD  . GLU A 1 37 ? -4.293  -18.043 -17.751 1.00 60.80 ? 37  GLU A CD  1 
ATOM   282  O OE1 . GLU A 1 37 ? -3.720  -19.092 -17.378 1.00 65.64 ? 37  GLU A OE1 1 
ATOM   283  O OE2 . GLU A 1 37 ? -3.712  -16.931 -17.842 1.00 64.16 ? 37  GLU A OE2 1 
ATOM   284  N N   . LEU A 1 38 ? -8.020  -14.922 -17.014 1.00 24.46 ? 38  LEU A N   1 
ATOM   285  C CA  . LEU A 1 38 ? -9.251  -14.166 -17.188 1.00 23.23 ? 38  LEU A CA  1 
ATOM   286  C C   . LEU A 1 38 ? -9.769  -14.026 -18.614 1.00 22.86 ? 38  LEU A C   1 
ATOM   287  O O   . LEU A 1 38 ? -10.832 -13.429 -18.837 1.00 21.49 ? 38  LEU A O   1 
ATOM   288  C CB  . LEU A 1 38 ? -9.164  -12.793 -16.505 1.00 22.45 ? 38  LEU A CB  1 
ATOM   289  C CG  . LEU A 1 38 ? -9.264  -12.838 -14.970 1.00 22.31 ? 38  LEU A CG  1 
ATOM   290  C CD1 . LEU A 1 38 ? -8.980  -11.454 -14.375 1.00 22.15 ? 38  LEU A CD1 1 
ATOM   291  C CD2 . LEU A 1 38 ? -10.638 -13.373 -14.539 1.00 9.79  ? 38  LEU A CD2 1 
ATOM   292  N N   . GLY A 1 39 ? -9.032  -14.559 -19.580 1.00 20.13 ? 39  GLY A N   1 
ATOM   293  C CA  . GLY A 1 39 ? -9.505  -14.478 -20.939 1.00 17.61 ? 39  GLY A CA  1 
ATOM   294  C C   . GLY A 1 39 ? -8.837  -13.498 -21.870 1.00 20.80 ? 39  GLY A C   1 
ATOM   295  O O   . GLY A 1 39 ? -7.774  -12.936 -21.599 1.00 18.31 ? 39  GLY A O   1 
ATOM   296  N N   . ASN A 1 40 ? -9.549  -13.215 -22.953 1.00 22.90 ? 40  ASN A N   1 
ATOM   297  C CA  . ASN A 1 40 ? -9.045  -12.360 -24.019 1.00 23.35 ? 40  ASN A CA  1 
ATOM   298  C C   . ASN A 1 40 ? -9.478  -10.874 -24.048 1.00 20.63 ? 40  ASN A C   1 
ATOM   299  O O   . ASN A 1 40 ? -8.911  -10.092 -24.806 1.00 19.45 ? 40  ASN A O   1 
ATOM   300  C CB  . ASN A 1 40 ? -9.355  -13.050 -25.365 1.00 23.52 ? 40  ASN A CB  1 
ATOM   301  C CG  . ASN A 1 40 ? -8.550  -12.482 -26.513 1.00 24.79 ? 40  ASN A CG  1 
ATOM   302  O OD1 . ASN A 1 40 ? -9.095  -12.126 -27.540 1.00 36.08 ? 40  ASN A OD1 1 
ATOM   303  N ND2 . ASN A 1 40 ? -7.249  -12.351 -26.325 1.00 23.10 ? 40  ASN A ND2 1 
ATOM   304  N N   . ASN A 1 41 ? -10.440 -10.476 -23.217 1.00 17.11 ? 41  ASN A N   1 
ATOM   305  C CA  . ASN A 1 41 ? -10.884 -9.098  -23.200 1.00 17.58 ? 41  ASN A CA  1 
ATOM   306  C C   . ASN A 1 41 ? -9.997  -8.203  -22.311 1.00 17.95 ? 41  ASN A C   1 
ATOM   307  O O   . ASN A 1 41 ? -10.430 -7.681  -21.279 1.00 17.01 ? 41  ASN A O   1 
ATOM   308  C CB  . ASN A 1 41 ? -12.353 -9.027  -22.786 1.00 17.12 ? 41  ASN A CB  1 
ATOM   309  C CG  . ASN A 1 41 ? -12.974 -7.654  -23.035 1.00 26.32 ? 41  ASN A CG  1 
ATOM   310  O OD1 . ASN A 1 41 ? -12.430 -6.803  -23.757 1.00 30.02 ? 41  ASN A OD1 1 
ATOM   311  N ND2 . ASN A 1 41 ? -14.119 -7.429  -22.427 1.00 30.69 ? 41  ASN A ND2 1 
ATOM   312  N N   . TYR A 1 42 ? -8.774  -7.964  -22.761 1.00 14.56 ? 42  TYR A N   1 
ATOM   313  C CA  . TYR A 1 42 ? -7.866  -7.160  -21.994 1.00 16.41 ? 42  TYR A CA  1 
ATOM   314  C C   . TYR A 1 42 ? -7.076  -6.252  -22.905 1.00 18.38 ? 42  TYR A C   1 
ATOM   315  O O   . TYR A 1 42 ? -6.972  -6.520  -24.098 1.00 17.90 ? 42  TYR A O   1 
ATOM   316  C CB  . TYR A 1 42 ? -6.869  -8.065  -21.225 1.00 10.95 ? 42  TYR A CB  1 
ATOM   317  C CG  . TYR A 1 42 ? -5.883  -8.827  -22.106 1.00 12.70 ? 42  TYR A CG  1 
ATOM   318  C CD1 . TYR A 1 42 ? -4.714  -8.208  -22.598 1.00 12.04 ? 42  TYR A CD1 1 
ATOM   319  C CD2 . TYR A 1 42 ? -6.160  -10.129 -22.521 1.00 15.18 ? 42  TYR A CD2 1 
ATOM   320  C CE1 . TYR A 1 42 ? -3.870  -8.865  -23.495 1.00 13.90 ? 42  TYR A CE1 1 
ATOM   321  C CE2 . TYR A 1 42 ? -5.320  -10.804 -23.413 1.00 12.41 ? 42  TYR A CE2 1 
ATOM   322  C CZ  . TYR A 1 42 ? -4.186  -10.172 -23.895 1.00 19.74 ? 42  TYR A CZ  1 
ATOM   323  O OH  . TYR A 1 42 ? -3.384  -10.853 -24.784 1.00 17.28 ? 42  TYR A OH  1 
ATOM   324  N N   . SER A 1 43 ? -6.509  -5.199  -22.314 1.00 19.66 ? 43  SER A N   1 
ATOM   325  C CA  . SER A 1 43 ? -5.609  -4.282  -22.996 1.00 21.63 ? 43  SER A CA  1 
ATOM   326  C C   . SER A 1 43 ? -4.355  -4.317  -22.109 1.00 21.20 ? 43  SER A C   1 
ATOM   327  O O   . SER A 1 43 ? -4.455  -4.575  -20.911 1.00 20.58 ? 43  SER A O   1 
ATOM   328  C CB  . SER A 1 43 ? -6.182  -2.864  -23.074 1.00 21.02 ? 43  SER A CB  1 
ATOM   329  O OG  . SER A 1 43 ? -6.886  -2.549  -21.898 1.00 30.11 ? 43  SER A OG  1 
ATOM   330  N N   . PRO A 1 44 ? -3.160  -4.253  -22.716 1.00 21.66 ? 44  PRO A N   1 
ATOM   331  C CA  . PRO A 1 44 ? -1.894  -4.271  -21.984 1.00 22.43 ? 44  PRO A CA  1 
ATOM   332  C C   . PRO A 1 44 ? -1.748  -2.938  -21.257 1.00 22.95 ? 44  PRO A C   1 
ATOM   333  O O   . PRO A 1 44 ? -2.135  -1.900  -21.791 1.00 24.99 ? 44  PRO A O   1 
ATOM   334  C CB  . PRO A 1 44 ? -0.867  -4.405  -23.110 1.00 24.63 ? 44  PRO A CB  1 
ATOM   335  C CG  . PRO A 1 44 ? -1.513  -3.659  -24.232 1.00 24.54 ? 44  PRO A CG  1 
ATOM   336  C CD  . PRO A 1 44 ? -2.914  -4.224  -24.169 1.00 20.56 ? 44  PRO A CD  1 
ATOM   337  N N   . LYS A 1 45 ? -1.180  -2.964  -20.061 1.00 23.90 ? 45  LYS A N   1 
ATOM   338  C CA  . LYS A 1 45 ? -1.021  -1.759  -19.255 1.00 25.25 ? 45  LYS A CA  1 
ATOM   339  C C   . LYS A 1 45 ? 0.324   -1.817  -18.533 1.00 23.78 ? 45  LYS A C   1 
ATOM   340  O O   . LYS A 1 45 ? 0.844   -2.898  -18.274 1.00 23.33 ? 45  LYS A O   1 
ATOM   341  C CB  . LYS A 1 45 ? -2.142  -1.715  -18.214 1.00 29.18 ? 45  LYS A CB  1 
ATOM   342  C CG  . LYS A 1 45 ? -2.652  -0.346  -17.888 1.00 38.87 ? 45  LYS A CG  1 
ATOM   343  C CD  . LYS A 1 45 ? -3.304  0.265   -19.108 1.00 47.05 ? 45  LYS A CD  1 
ATOM   344  C CE  . LYS A 1 45 ? -4.243  1.405   -18.716 1.00 56.72 ? 45  LYS A CE  1 
ATOM   345  N NZ  . LYS A 1 45 ? -5.107  1.863   -19.843 1.00 64.65 ? 45  LYS A NZ  1 
ATOM   346  N N   . ILE A 1 46 ? 0.896   -0.658  -18.234 1.00 22.57 ? 46  ILE A N   1 
ATOM   347  C CA  . ILE A 1 46 ? 2.166   -0.602  -17.500 1.00 26.44 ? 46  ILE A CA  1 
ATOM   348  C C   . ILE A 1 46 ? 1.824   -0.123  -16.112 1.00 24.48 ? 46  ILE A C   1 
ATOM   349  O O   . ILE A 1 46 ? 1.021   0.786   -15.960 1.00 27.97 ? 46  ILE A O   1 
ATOM   350  C CB  . ILE A 1 46 ? 3.171   0.431   -18.084 1.00 32.01 ? 46  ILE A CB  1 
ATOM   351  C CG1 . ILE A 1 46 ? 3.528   0.063   -19.519 1.00 38.58 ? 46  ILE A CG1 1 
ATOM   352  C CG2 . ILE A 1 46 ? 4.463   0.432   -17.271 1.00 26.98 ? 46  ILE A CG2 1 
ATOM   353  C CD1 . ILE A 1 46 ? 4.256   -1.242  -19.631 1.00 37.32 ? 46  ILE A CD1 1 
ATOM   354  N N   . VAL A 1 47 ? 2.380   -0.751  -15.093 1.00 23.71 ? 47  VAL A N   1 
ATOM   355  C CA  . VAL A 1 47 ? 2.114   -0.298  -13.745 1.00 24.07 ? 47  VAL A CA  1 
ATOM   356  C C   . VAL A 1 47 ? 3.456   -0.111  -13.035 1.00 21.79 ? 47  VAL A C   1 
ATOM   357  O O   . VAL A 1 47 ? 4.393   -0.890  -13.231 1.00 19.02 ? 47  VAL A O   1 
ATOM   358  C CB  . VAL A 1 47 ? 1.123   -1.246  -12.996 1.00 25.59 ? 47  VAL A CB  1 
ATOM   359  C CG1 . VAL A 1 47 ? 1.801   -2.504  -12.522 1.00 34.34 ? 47  VAL A CG1 1 
ATOM   360  C CG2 . VAL A 1 47 ? 0.498   -0.515  -11.841 1.00 29.95 ? 47  VAL A CG2 1 
ATOM   361  N N   . GLY A 1 48 ? 3.582   0.996   -12.313 1.00 22.55 ? 48  GLY A N   1 
ATOM   362  C CA  . GLY A 1 48 ? 4.825   1.284   -11.617 1.00 21.39 ? 48  GLY A CA  1 
ATOM   363  C C   . GLY A 1 48 ? 4.731   1.166   -10.116 1.00 21.96 ? 48  GLY A C   1 
ATOM   364  O O   . GLY A 1 48 ? 3.716   1.538   -9.523  1.00 23.74 ? 48  GLY A O   1 
ATOM   365  N N   . GLY A 1 49 ? 5.796   0.660   -9.508  1.00 21.16 ? 49  GLY A N   1 
ATOM   366  C CA  . GLY A 1 49 ? 5.843   0.492   -8.075  1.00 21.30 ? 49  GLY A CA  1 
ATOM   367  C C   . GLY A 1 49 ? 7.146   1.022   -7.540  1.00 22.58 ? 49  GLY A C   1 
ATOM   368  O O   . GLY A 1 49 ? 7.781   1.867   -8.163  1.00 21.80 ? 49  GLY A O   1 
ATOM   369  N N   . ILE A 1 50 ? 7.604   0.479   -6.419  1.00 23.79 ? 50  ILE A N   1 
ATOM   370  C CA  . ILE A 1 50 ? 8.849   0.960   -5.844  1.00 24.13 ? 50  ILE A CA  1 
ATOM   371  C C   . ILE A 1 50 ? 10.136  0.574   -6.584  1.00 25.92 ? 50  ILE A C   1 
ATOM   372  O O   . ILE A 1 50 ? 11.061  1.382   -6.666  1.00 31.08 ? 50  ILE A O   1 
ATOM   373  C CB  . ILE A 1 50 ? 8.932   0.697   -4.299  1.00 21.82 ? 50  ILE A CB  1 
ATOM   374  C CG1 . ILE A 1 50 ? 9.505   1.916   -3.607  1.00 20.03 ? 50  ILE A CG1 1 
ATOM   375  C CG2 . ILE A 1 50 ? 9.798   -0.494  -3.965  1.00 15.57 ? 50  ILE A CG2 1 
ATOM   376  C CD1 . ILE A 1 50 ? 9.665   1.687   -2.173  1.00 31.41 ? 50  ILE A CD1 1 
ATOM   377  N N   . GLY A 1 51 ? 10.208  -0.611  -7.173  1.00 21.53 ? 51  GLY A N   1 
ATOM   378  C CA  . GLY A 1 51 ? 11.449  -0.928  -7.854  1.00 21.00 ? 51  GLY A CA  1 
ATOM   379  C C   . GLY A 1 51 ? 11.462  -0.693  -9.353  1.00 23.88 ? 51  GLY A C   1 
ATOM   380  O O   . GLY A 1 51 ? 12.482  -0.909  -9.988  1.00 30.31 ? 51  GLY A O   1 
ATOM   381  N N   . GLY A 1 52 ? 10.360  -0.214  -9.916  1.00 22.60 ? 52  GLY A N   1 
ATOM   382  C CA  . GLY A 1 52 ? 10.284  -0.011  -11.352 1.00 22.52 ? 52  GLY A CA  1 
ATOM   383  C C   . GLY A 1 52 ? 8.894   -0.301  -11.915 1.00 22.68 ? 52  GLY A C   1 
ATOM   384  O O   . GLY A 1 52 ? 7.908   -0.277  -11.185 1.00 25.13 ? 52  GLY A O   1 
ATOM   385  N N   . PHE A 1 53 ? 8.805   -0.607  -13.198 1.00 22.81 ? 53  PHE A N   1 
ATOM   386  C CA  . PHE A 1 53 ? 7.513   -0.866  -13.832 1.00 23.34 ? 53  PHE A CA  1 
ATOM   387  C C   . PHE A 1 53 ? 7.367   -2.303  -14.247 1.00 23.50 ? 53  PHE A C   1 
ATOM   388  O O   . PHE A 1 53 ? 8.353   -3.031  -14.293 1.00 28.26 ? 53  PHE A O   1 
ATOM   389  C CB  . PHE A 1 53 ? 7.367   -0.019  -15.084 1.00 20.09 ? 53  PHE A CB  1 
ATOM   390  C CG  . PHE A 1 53 ? 7.411   1.451   -14.830 1.00 22.36 ? 53  PHE A CG  1 
ATOM   391  C CD1 . PHE A 1 53 ? 8.625   2.121   -14.776 1.00 20.68 ? 53  PHE A CD1 1 
ATOM   392  C CD2 . PHE A 1 53 ? 6.232   2.170   -14.667 1.00 22.84 ? 53  PHE A CD2 1 
ATOM   393  C CE1 . PHE A 1 53 ? 8.666   3.490   -14.562 1.00 25.02 ? 53  PHE A CE1 1 
ATOM   394  C CE2 . PHE A 1 53 ? 6.255   3.532   -14.455 1.00 23.74 ? 53  PHE A CE2 1 
ATOM   395  C CZ  . PHE A 1 53 ? 7.473   4.201   -14.399 1.00 27.29 ? 53  PHE A CZ  1 
ATOM   396  N N   . ILE A 1 54 ? 6.136   -2.736  -14.487 1.00 23.01 ? 54  ILE A N   1 
ATOM   397  C CA  . ILE A 1 54 ? 5.878   -4.092  -14.959 1.00 22.00 ? 54  ILE A CA  1 
ATOM   398  C C   . ILE A 1 54 ? 4.684   -4.051  -15.891 1.00 22.83 ? 54  ILE A C   1 
ATOM   399  O O   . ILE A 1 54 ? 3.845   -3.175  -15.757 1.00 24.18 ? 54  ILE A O   1 
ATOM   400  C CB  . ILE A 1 54 ? 5.564   -5.093  -13.829 1.00 24.20 ? 54  ILE A CB  1 
ATOM   401  C CG1 . ILE A 1 54 ? 4.258   -4.746  -13.115 1.00 17.00 ? 54  ILE A CG1 1 
ATOM   402  C CG2 . ILE A 1 54 ? 6.708   -5.172  -12.870 1.00 25.47 ? 54  ILE A CG2 1 
ATOM   403  C CD1 . ILE A 1 54 ? 3.825   -5.852  -12.181 1.00 18.06 ? 54  ILE A CD1 1 
ATOM   404  N N   . ASN A 1 55 ? 4.636   -4.979  -16.847 1.00 25.80 ? 55  ASN A N   1 
ATOM   405  C CA  . ASN A 1 55 ? 3.535   -5.092  -17.818 1.00 23.62 ? 55  ASN A CA  1 
ATOM   406  C C   . ASN A 1 55 ? 2.466   -5.898  -17.151 1.00 20.22 ? 55  ASN A C   1 
ATOM   407  O O   . ASN A 1 55 ? 2.758   -6.779  -16.346 1.00 22.89 ? 55  ASN A O   1 
ATOM   408  C CB  . ASN A 1 55 ? 3.968   -5.864  -19.064 1.00 26.51 ? 55  ASN A CB  1 
ATOM   409  C CG  . ASN A 1 55 ? 5.107   -5.204  -19.773 1.00 36.13 ? 55  ASN A CG  1 
ATOM   410  O OD1 . ASN A 1 55 ? 5.191   -3.986  -19.829 1.00 42.81 ? 55  ASN A OD1 1 
ATOM   411  N ND2 . ASN A 1 55 ? 6.001   -6.002  -20.323 1.00 45.39 ? 55  ASN A ND2 1 
ATOM   412  N N   . THR A 1 56 ? 1.234   -5.630  -17.517 1.00 17.06 ? 56  THR A N   1 
ATOM   413  C CA  . THR A 1 56 ? 0.109   -6.336  -16.956 1.00 17.52 ? 56  THR A CA  1 
ATOM   414  C C   . THR A 1 56 ? -0.969  -6.405  -18.036 1.00 20.29 ? 56  THR A C   1 
ATOM   415  O O   . THR A 1 56 ? -0.874  -5.751  -19.096 1.00 18.75 ? 56  THR A O   1 
ATOM   416  C CB  . THR A 1 56 ? -0.482  -5.542  -15.782 1.00 20.86 ? 56  THR A CB  1 
ATOM   417  O OG1 . THR A 1 56 ? -0.893  -4.246  -16.258 1.00 18.97 ? 56  THR A OG1 1 
ATOM   418  C CG2 . THR A 1 56 ? 0.546   -5.384  -14.643 1.00 16.38 ? 56  THR A CG2 1 
ATOM   419  N N   . LYS A 1 57 ? -1.983  -7.218  -17.790 1.00 19.32 ? 57  LYS A N   1 
ATOM   420  C CA  . LYS A 1 57 ? -3.093  -7.296  -18.716 1.00 18.80 ? 57  LYS A CA  1 
ATOM   421  C C   . LYS A 1 57 ? -4.210  -6.719  -17.899 1.00 16.97 ? 57  LYS A C   1 
ATOM   422  O O   . LYS A 1 57 ? -4.423  -7.143  -16.774 1.00 20.73 ? 57  LYS A O   1 
ATOM   423  C CB  . LYS A 1 57 ? -3.370  -8.735  -19.106 1.00 19.80 ? 57  LYS A CB  1 
ATOM   424  C CG  . LYS A 1 57 ? -2.263  -9.336  -19.963 1.00 19.30 ? 57  LYS A CG  1 
ATOM   425  C CD  . LYS A 1 57 ? -2.564  -10.770 -20.253 1.00 23.97 ? 57  LYS A CD  1 
ATOM   426  C CE  . LYS A 1 57 ? -1.683  -11.310 -21.341 1.00 38.52 ? 57  LYS A CE  1 
ATOM   427  N NZ  . LYS A 1 57 ? -2.218  -12.637 -21.806 1.00 50.08 ? 57  LYS A NZ  1 
ATOM   428  N N   . GLU A 1 58 ? -4.858  -5.691  -18.416 1.00 15.68 ? 58  GLU A N   1 
ATOM   429  C CA  . GLU A 1 58 ? -5.938  -5.054  -17.694 1.00 14.81 ? 58  GLU A CA  1 
ATOM   430  C C   . GLU A 1 58 ? -7.331  -5.516  -18.139 1.00 17.35 ? 58  GLU A C   1 
ATOM   431  O O   . GLU A 1 58 ? -7.754  -5.283  -19.279 1.00 17.49 ? 58  GLU A O   1 
ATOM   432  C CB  . GLU A 1 58 ? -5.825  -3.533  -17.818 1.00 15.33 ? 58  GLU A CB  1 
ATOM   433  C CG  . GLU A 1 58 ? -6.981  -2.802  -17.153 1.00 18.43 ? 58  GLU A CG  1 
ATOM   434  C CD  . GLU A 1 58 ? -7.031  -1.331  -17.491 1.00 24.57 ? 58  GLU A CD  1 
ATOM   435  O OE1 . GLU A 1 58 ? -7.106  -0.978  -18.689 1.00 34.15 ? 58  GLU A OE1 1 
ATOM   436  O OE2 . GLU A 1 58 ? -7.035  -0.521  -16.552 1.00 31.74 ? 58  GLU A OE2 1 
ATOM   437  N N   . TYR A 1 59 ? -8.038  -6.161  -17.216 1.00 16.28 ? 59  TYR A N   1 
ATOM   438  C CA  . TYR A 1 59 ? -9.383  -6.653  -17.439 1.00 13.95 ? 59  TYR A CA  1 
ATOM   439  C C   . TYR A 1 59 ? -10.357 -5.721  -16.715 1.00 16.57 ? 59  TYR A C   1 
ATOM   440  O O   . TYR A 1 59 ? -10.220 -5.484  -15.525 1.00 18.18 ? 59  TYR A O   1 
ATOM   441  C CB  . TYR A 1 59 ? -9.503  -8.055  -16.864 1.00 7.75  ? 59  TYR A CB  1 
ATOM   442  C CG  . TYR A 1 59 ? -8.666  -9.086  -17.586 1.00 7.51  ? 59  TYR A CG  1 
ATOM   443  C CD1 . TYR A 1 59 ? -7.344  -9.299  -17.231 1.00 5.52  ? 59  TYR A CD1 1 
ATOM   444  C CD2 . TYR A 1 59 ? -9.198  -9.835  -18.645 1.00 8.24  ? 59  TYR A CD2 1 
ATOM   445  C CE1 . TYR A 1 59 ? -6.564  -10.236 -17.898 1.00 8.08  ? 59  TYR A CE1 1 
ATOM   446  C CE2 . TYR A 1 59 ? -8.431  -10.766 -19.314 1.00 9.91  ? 59  TYR A CE2 1 
ATOM   447  C CZ  . TYR A 1 59 ? -7.116  -10.960 -18.936 1.00 12.41 ? 59  TYR A CZ  1 
ATOM   448  O OH  . TYR A 1 59 ? -6.352  -11.892 -19.595 1.00 14.43 ? 59  TYR A OH  1 
ATOM   449  N N   . LYS A 1 60 ? -11.356 -5.211  -17.417 1.00 16.25 ? 60  LYS A N   1 
ATOM   450  C CA  . LYS A 1 60 ? -12.306 -4.327  -16.781 1.00 17.91 ? 60  LYS A CA  1 
ATOM   451  C C   . LYS A 1 60 ? -13.581 -5.054  -16.463 1.00 18.49 ? 60  LYS A C   1 
ATOM   452  O O   . LYS A 1 60 ? -13.868 -6.064  -17.066 1.00 20.24 ? 60  LYS A O   1 
ATOM   453  C CB  . LYS A 1 60 ? -12.585 -3.100  -17.666 1.00 20.47 ? 60  LYS A CB  1 
ATOM   454  C CG  . LYS A 1 60 ? -11.383 -2.173  -17.764 1.00 25.61 ? 60  LYS A CG  1 
ATOM   455  C CD  . LYS A 1 60 ? -11.726 -0.830  -18.351 1.00 27.56 ? 60  LYS A CD  1 
ATOM   456  C CE  . LYS A 1 60 ? -10.657 0.188   -17.975 1.00 37.37 ? 60  LYS A CE  1 
ATOM   457  N NZ  . LYS A 1 60 ? -10.597 0.369   -16.480 1.00 40.85 ? 60  LYS A NZ  1 
ATOM   458  N N   . ASN A 1 61 ? -14.287 -4.606  -15.430 1.00 19.80 ? 61  ASN A N   1 
ATOM   459  C CA  . ASN A 1 61 ? -15.570 -5.203  -15.078 1.00 25.67 ? 61  ASN A CA  1 
ATOM   460  C C   . ASN A 1 61 ? -15.560 -6.664  -14.648 1.00 28.46 ? 61  ASN A C   1 
ATOM   461  O O   . ASN A 1 61 ? -16.479 -7.419  -14.985 1.00 30.29 ? 61  ASN A O   1 
ATOM   462  C CB  . ASN A 1 61 ? -16.574 -5.048  -16.229 1.00 32.71 ? 61  ASN A CB  1 
ATOM   463  C CG  . ASN A 1 61 ? -17.788 -4.255  -15.819 1.00 45.62 ? 61  ASN A CG  1 
ATOM   464  O OD1 . ASN A 1 61 ? -18.762 -4.803  -15.290 1.00 54.41 ? 61  ASN A OD1 1 
ATOM   465  N ND2 . ASN A 1 61 ? -17.718 -2.945  -16.006 1.00 51.76 ? 61  ASN A ND2 1 
ATOM   466  N N   . VAL A 1 62 ? -14.558 -7.036  -13.861 1.00 27.06 ? 62  VAL A N   1 
ATOM   467  C CA  . VAL A 1 62 ? -14.423 -8.394  -13.353 1.00 23.96 ? 62  VAL A CA  1 
ATOM   468  C C   . VAL A 1 62 ? -15.273 -8.570  -12.096 1.00 23.00 ? 62  VAL A C   1 
ATOM   469  O O   . VAL A 1 62 ? -15.312 -7.697  -11.217 1.00 22.97 ? 62  VAL A O   1 
ATOM   470  C CB  . VAL A 1 62 ? -12.940 -8.681  -13.039 1.00 22.54 ? 62  VAL A CB  1 
ATOM   471  C CG1 . VAL A 1 62 ? -12.753 -10.070 -12.441 1.00 17.13 ? 62  VAL A CG1 1 
ATOM   472  C CG2 . VAL A 1 62 ? -12.128 -8.498  -14.304 1.00 26.69 ? 62  VAL A CG2 1 
ATOM   473  N N   . GLU A 1 63 ? -15.979 -9.683  -12.023 1.00 22.31 ? 63  GLU A N   1 
ATOM   474  C CA  . GLU A 1 63 ? -16.807 -9.950  -10.864 1.00 24.98 ? 63  GLU A CA  1 
ATOM   475  C C   . GLU A 1 63 ? -15.942 -10.412 -9.675  1.00 23.21 ? 63  GLU A C   1 
ATOM   476  O O   . GLU A 1 63 ? -15.260 -11.429 -9.763  1.00 20.79 ? 63  GLU A O   1 
ATOM   477  C CB  . GLU A 1 63 ? -17.851 -10.999 -11.198 1.00 25.79 ? 63  GLU A CB  1 
ATOM   478  C CG  . GLU A 1 63 ? -18.676 -11.354 -10.013 1.00 35.84 ? 63  GLU A CG  1 
ATOM   479  C CD  . GLU A 1 63 ? -19.448 -12.615 -10.230 1.00 46.86 ? 63  GLU A CD  1 
ATOM   480  O OE1 . GLU A 1 63 ? -20.190 -12.672 -11.232 1.00 51.01 ? 63  GLU A OE1 1 
ATOM   481  O OE2 . GLU A 1 63 ? -19.309 -13.542 -9.400  1.00 52.48 ? 63  GLU A OE2 1 
ATOM   482  N N   . ILE A 1 64 ? -16.073 -9.727  -8.539  1.00 23.33 ? 64  ILE A N   1 
ATOM   483  C CA  . ILE A 1 64 ? -15.264 -10.013 -7.349  1.00 21.38 ? 64  ILE A CA  1 
ATOM   484  C C   . ILE A 1 64 ? -16.098 -10.201 -6.092  1.00 20.71 ? 64  ILE A C   1 
ATOM   485  O O   . ILE A 1 64 ? -16.998 -9.414  -5.829  1.00 20.06 ? 64  ILE A O   1 
ATOM   486  C CB  . ILE A 1 64 ? -14.228 -8.850  -7.116  1.00 21.90 ? 64  ILE A CB  1 
ATOM   487  C CG1 . ILE A 1 64 ? -13.271 -8.754  -8.295  1.00 17.73 ? 64  ILE A CG1 1 
ATOM   488  C CG2 . ILE A 1 64 ? -13.433 -9.069  -5.827  1.00 19.85 ? 64  ILE A CG2 1 
ATOM   489  C CD1 . ILE A 1 64 ? -12.838 -7.369  -8.566  1.00 21.82 ? 64  ILE A CD1 1 
ATOM   490  N N   . GLU A 1 65 ? -15.809 -11.260 -5.343  1.00 18.64 ? 65  GLU A N   1 
ATOM   491  C CA  . GLU A 1 65 ? -16.508 -11.516 -4.107  1.00 18.41 ? 65  GLU A CA  1 
ATOM   492  C C   . GLU A 1 65 ? -15.463 -11.443 -3.021  1.00 17.84 ? 65  GLU A C   1 
ATOM   493  O O   . GLU A 1 65 ? -14.455 -12.158 -3.080  1.00 18.44 ? 65  GLU A O   1 
ATOM   494  C CB  . GLU A 1 65 ? -17.133 -12.906 -4.128  1.00 23.11 ? 65  GLU A CB  1 
ATOM   495  C CG  . GLU A 1 65 ? -18.289 -12.976 -5.117  1.00 42.40 ? 65  GLU A CG  1 
ATOM   496  C CD  . GLU A 1 65 ? -18.872 -14.366 -5.226  1.00 53.74 ? 65  GLU A CD  1 
ATOM   497  O OE1 . GLU A 1 65 ? -18.152 -15.273 -5.720  1.00 58.77 ? 65  GLU A OE1 1 
ATOM   498  O OE2 . GLU A 1 65 ? -20.045 -14.551 -4.828  1.00 55.74 ? 65  GLU A OE2 1 
ATOM   499  N N   . VAL A 1 66 ? -15.618 -10.518 -2.090  1.00 15.97 ? 66  VAL A N   1 
ATOM   500  C CA  . VAL A 1 66 ? -14.659 -10.389 -1.037  1.00 16.05 ? 66  VAL A CA  1 
ATOM   501  C C   . VAL A 1 66 ? -15.385 -9.789  0.171   1.00 17.27 ? 66  VAL A C   1 
ATOM   502  O O   . VAL A 1 66 ? -16.269 -8.948  0.014   1.00 15.84 ? 66  VAL A O   1 
ATOM   503  C CB  . VAL A 1 66 ? -13.456 -9.501  -1.439  1.00 19.82 ? 66  VAL A CB  1 
ATOM   504  C CG1 . VAL A 1 66 ? -13.940 -8.123  -1.882  1.00 22.04 ? 66  VAL A CG1 1 
ATOM   505  C CG2 . VAL A 1 66 ? -12.431 -9.386  -0.299  1.00 15.58 ? 66  VAL A CG2 1 
ATOM   506  N N   . LEU A 1 67 ? -15.075 -10.310 1.366   1.00 15.27 ? 67  LEU A N   1 
ATOM   507  C CA  . LEU A 1 67 ? -15.693 -9.856  2.598   1.00 17.14 ? 67  LEU A CA  1 
ATOM   508  C C   . LEU A 1 67 ? -17.215 -9.812  2.521   1.00 16.83 ? 67  LEU A C   1 
ATOM   509  O O   . LEU A 1 67 ? -17.818 -8.875  2.965   1.00 16.18 ? 67  LEU A O   1 
ATOM   510  C CB  . LEU A 1 67 ? -15.119 -8.484  3.027   1.00 15.98 ? 67  LEU A CB  1 
ATOM   511  C CG  . LEU A 1 67 ? -13.686 -8.563  3.596   1.00 16.19 ? 67  LEU A CG  1 
ATOM   512  C CD1 . LEU A 1 67 ? -12.970 -7.224  3.614   1.00 15.67 ? 67  LEU A CD1 1 
ATOM   513  C CD2 . LEU A 1 67 ? -13.730 -9.148  4.988   1.00 14.97 ? 67  LEU A CD2 1 
ATOM   514  N N   . ASN A 1 68 ? -17.793 -10.850 1.934   1.00 17.21 ? 68  ASN A N   1 
ATOM   515  C CA  . ASN A 1 68 ? -19.242 -10.955 1.755   1.00 18.08 ? 68  ASN A CA  1 
ATOM   516  C C   . ASN A 1 68 ? -19.856 -9.908  0.854   1.00 17.15 ? 68  ASN A C   1 
ATOM   517  O O   . ASN A 1 68 ? -21.062 -9.760  0.855   1.00 19.42 ? 68  ASN A O   1 
ATOM   518  C CB  . ASN A 1 68 ? -19.983 -10.933 3.101   1.00 16.07 ? 68  ASN A CB  1 
ATOM   519  C CG  . ASN A 1 68 ? -19.610 -12.092 3.975   1.00 17.25 ? 68  ASN A CG  1 
ATOM   520  O OD1 . ASN A 1 68 ? -19.116 -13.113 3.497   1.00 15.60 ? 68  ASN A OD1 1 
ATOM   521  N ND2 . ASN A 1 68 ? -19.786 -11.926 5.270   1.00 24.64 ? 68  ASN A ND2 1 
ATOM   522  N N   . LYS A 1 69 ? -19.034 -9.162  0.132   1.00 19.01 ? 69  LYS A N   1 
ATOM   523  C CA  . LYS A 1 69 ? -19.533 -8.145  -0.777  1.00 20.57 ? 69  LYS A CA  1 
ATOM   524  C C   . LYS A 1 69 ? -19.225 -8.597  -2.201  1.00 22.34 ? 69  LYS A C   1 
ATOM   525  O O   . LYS A 1 69 ? -18.221 -9.299  -2.423  1.00 23.78 ? 69  LYS A O   1 
ATOM   526  C CB  . LYS A 1 69 ? -18.845 -6.795  -0.526  1.00 25.97 ? 69  LYS A CB  1 
ATOM   527  C CG  . LYS A 1 69 ? -19.176 -6.113  0.791   1.00 29.75 ? 69  LYS A CG  1 
ATOM   528  C CD  . LYS A 1 69 ? -20.606 -5.624  0.798   1.00 41.78 ? 69  LYS A CD  1 
ATOM   529  C CE  . LYS A 1 69 ? -20.936 -4.893  2.104   1.00 52.88 ? 69  LYS A CE  1 
ATOM   530  N NZ  . LYS A 1 69 ? -20.057 -3.692  2.319   1.00 58.10 ? 69  LYS A NZ  1 
ATOM   531  N N   . LYS A 1 70 ? -20.072 -8.195  -3.156  1.00 21.45 ? 70  LYS A N   1 
ATOM   532  C CA  . LYS A 1 70 ? -19.879 -8.544  -4.553  1.00 22.21 ? 70  LYS A CA  1 
ATOM   533  C C   . LYS A 1 70 ? -19.739 -7.259  -5.341  1.00 21.54 ? 70  LYS A C   1 
ATOM   534  O O   . LYS A 1 70 ? -20.627 -6.422  -5.293  1.00 23.88 ? 70  LYS A O   1 
ATOM   535  C CB  . LYS A 1 70 ? -21.062 -9.327  -5.105  1.00 29.50 ? 70  LYS A CB  1 
ATOM   536  C CG  . LYS A 1 70 ? -20.902 -9.661  -6.594  1.00 44.29 ? 70  LYS A CG  1 
ATOM   537  C CD  . LYS A 1 70 ? -22.154 -10.294 -7.201  1.00 58.78 ? 70  LYS A CD  1 
ATOM   538  C CE  . LYS A 1 70 ? -22.383 -11.738 -6.735  1.00 68.39 ? 70  LYS A CE  1 
ATOM   539  N NZ  . LYS A 1 70 ? -23.493 -12.409 -7.505  1.00 74.56 ? 70  LYS A NZ  1 
ATOM   540  N N   . VAL A 1 71 ? -18.640 -7.111  -6.076  1.00 20.50 ? 71  VAL A N   1 
ATOM   541  C CA  . VAL A 1 71 ? -18.381 -5.914  -6.871  1.00 22.15 ? 71  VAL A CA  1 
ATOM   542  C C   . VAL A 1 71 ? -17.813 -6.266  -8.239  1.00 21.23 ? 71  VAL A C   1 
ATOM   543  O O   . VAL A 1 71 ? -17.323 -7.374  -8.447  1.00 20.82 ? 71  VAL A O   1 
ATOM   544  C CB  . VAL A 1 71 ? -17.378 -4.930  -6.151  1.00 22.93 ? 71  VAL A CB  1 
ATOM   545  C CG1 . VAL A 1 71 ? -17.877 -4.572  -4.774  1.00 23.31 ? 71  VAL A CG1 1 
ATOM   546  C CG2 . VAL A 1 71 ? -16.011 -5.543  -6.026  1.00 20.50 ? 71  VAL A CG2 1 
ATOM   547  N N   . ARG A 1 72 ? -17.953 -5.353  -9.191  1.00 21.04 ? 72  ARG A N   1 
ATOM   548  C CA  . ARG A 1 72 ? -17.394 -5.561  -10.525 1.00 25.43 ? 72  ARG A CA  1 
ATOM   549  C C   . ARG A 1 72 ? -16.323 -4.482  -10.535 1.00 23.51 ? 72  ARG A C   1 
ATOM   550  O O   . ARG A 1 72 ? -16.628 -3.334  -10.223 1.00 24.41 ? 72  ARG A O   1 
ATOM   551  C CB  . ARG A 1 72 ? -18.419 -5.267  -11.629 1.00 30.15 ? 72  ARG A CB  1 
ATOM   552  C CG  . ARG A 1 72 ? -19.550 -6.245  -11.705 1.00 37.73 ? 72  ARG A CG  1 
ATOM   553  C CD  . ARG A 1 72 ? -19.543 -7.005  -13.022 1.00 49.15 ? 72  ARG A CD  1 
ATOM   554  N NE  . ARG A 1 72 ? -20.155 -8.324  -12.866 1.00 57.06 ? 72  ARG A NE  1 
ATOM   555  C CZ  . ARG A 1 72 ? -20.120 -9.288  -13.781 1.00 62.92 ? 72  ARG A CZ  1 
ATOM   556  N NH1 . ARG A 1 72 ? -19.506 -9.081  -14.941 1.00 65.51 ? 72  ARG A NH1 1 
ATOM   557  N NH2 . ARG A 1 72 ? -20.652 -10.480 -13.509 1.00 62.44 ? 72  ARG A NH2 1 
ATOM   558  N N   . ALA A 1 73 ? -15.081 -4.847  -10.822 1.00 21.95 ? 73  ALA A N   1 
ATOM   559  C CA  . ALA A 1 73 ? -14.007 -3.857  -10.821 1.00 19.94 ? 73  ALA A CA  1 
ATOM   560  C C   . ALA A 1 73 ? -12.892 -4.251  -11.756 1.00 14.93 ? 73  ALA A C   1 
ATOM   561  O O   . ALA A 1 73 ? -12.861 -5.377  -12.241 1.00 13.28 ? 73  ALA A O   1 
ATOM   562  C CB  . ALA A 1 73 ? -13.458 -3.684  -9.397  1.00 21.21 ? 73  ALA A CB  1 
ATOM   563  N N   . THR A 1 74 ? -12.032 -3.294  -12.079 1.00 14.26 ? 74  THR A N   1 
ATOM   564  C CA  . THR A 1 74 ? -10.889 -3.559  -12.937 1.00 12.68 ? 74  THR A CA  1 
ATOM   565  C C   . THR A 1 74 ? -9.808  -4.313  -12.165 1.00 15.26 ? 74  THR A C   1 
ATOM   566  O O   . THR A 1 74 ? -9.441  -3.962  -11.023 1.00 15.99 ? 74  THR A O   1 
ATOM   567  C CB  . THR A 1 74 ? -10.315 -2.269  -13.489 1.00 13.66 ? 74  THR A CB  1 
ATOM   568  O OG1 . THR A 1 74 ? -11.313 -1.625  -14.295 1.00 20.00 ? 74  THR A OG1 1 
ATOM   569  C CG2 . THR A 1 74 ? -9.061  -2.567  -14.368 1.00 9.29  ? 74  THR A CG2 1 
ATOM   570  N N   . ILE A 1 75 ? -9.294  -5.359  -12.790 1.00 15.48 ? 75  ILE A N   1 
ATOM   571  C CA  . ILE A 1 75 ? -8.250  -6.192  -12.221 1.00 16.57 ? 75  ILE A CA  1 
ATOM   572  C C   . ILE A 1 75 ? -7.120  -6.326  -13.231 1.00 16.72 ? 75  ILE A C   1 
ATOM   573  O O   . ILE A 1 75 ? -7.358  -6.434  -14.434 1.00 21.22 ? 75  ILE A O   1 
ATOM   574  C CB  . ILE A 1 75 ? -8.807  -7.619  -11.898 1.00 19.60 ? 75  ILE A CB  1 
ATOM   575  C CG1 . ILE A 1 75 ? -9.745  -7.553  -10.684 1.00 21.27 ? 75  ILE A CG1 1 
ATOM   576  C CG2 . ILE A 1 75 ? -7.668  -8.616  -11.636 1.00 14.67 ? 75  ILE A CG2 1 
ATOM   577  C CD1 . ILE A 1 75 ? -9.016  -7.229  -9.377  1.00 27.28 ? 75  ILE A CD1 1 
ATOM   578  N N   . MET A 1 76 ? -5.886  -6.287  -12.767 1.00 16.90 ? 76  MET A N   1 
ATOM   579  C CA  . MET A 1 76 ? -4.773  -6.473  -13.675 1.00 17.22 ? 76  MET A CA  1 
ATOM   580  C C   . MET A 1 76 ? -4.069  -7.743  -13.293 1.00 20.18 ? 76  MET A C   1 
ATOM   581  O O   . MET A 1 76 ? -3.992  -8.075  -12.094 1.00 19.42 ? 76  MET A O   1 
ATOM   582  C CB  . MET A 1 76 ? -3.798  -5.336  -13.571 1.00 15.13 ? 76  MET A CB  1 
ATOM   583  C CG  . MET A 1 76 ? -4.470  -4.005  -13.775 1.00 33.12 ? 76  MET A CG  1 
ATOM   584  S SD  . MET A 1 76 ? -3.323  -2.710  -13.994 1.00 39.97 ? 76  MET A SD  1 
ATOM   585  C CE  . MET A 1 76 ? -4.414  -1.489  -14.759 1.00 48.65 ? 76  MET A CE  1 
ATOM   586  N N   . THR A 1 77 ? -3.594  -8.479  -14.295 1.00 18.43 ? 77  THR A N   1 
ATOM   587  C CA  . THR A 1 77 ? -2.852  -9.693  -14.030 1.00 17.26 ? 77  THR A CA  1 
ATOM   588  C C   . THR A 1 77 ? -1.415  -9.450  -14.443 1.00 17.15 ? 77  THR A C   1 
ATOM   589  O O   . THR A 1 77 ? -1.138  -8.785  -15.449 1.00 17.24 ? 77  THR A O   1 
ATOM   590  C CB  . THR A 1 77 ? -3.418  -10.924 -14.749 1.00 17.37 ? 77  THR A CB  1 
ATOM   591  O OG1 . THR A 1 77 ? -3.355  -10.746 -16.170 1.00 25.23 ? 77  THR A OG1 1 
ATOM   592  C CG2 . THR A 1 77 ? -4.873  -11.190 -14.305 1.00 17.38 ? 77  THR A CG2 1 
ATOM   593  N N   . GLY A 1 78 ? -0.499  -9.952  -13.635 1.00 16.07 ? 78  GLY A N   1 
ATOM   594  C CA  . GLY A 1 78 ? 0.894   -9.775  -13.924 1.00 18.75 ? 78  GLY A CA  1 
ATOM   595  C C   . GLY A 1 78 ? 1.731   -10.379 -12.832 1.00 21.12 ? 78  GLY A C   1 
ATOM   596  O O   . GLY A 1 78 ? 1.210   -10.883 -11.846 1.00 21.58 ? 78  GLY A O   1 
ATOM   597  N N   . ASP A 1 79 ? 3.040   -10.264 -12.999 1.00 25.72 ? 79  ASP A N   1 
ATOM   598  C CA  . ASP A 1 79 ? 4.016   -10.830 -12.096 1.00 28.69 ? 79  ASP A CA  1 
ATOM   599  C C   . ASP A 1 79 ? 4.203   -10.044 -10.819 1.00 27.36 ? 79  ASP A C   1 
ATOM   600  O O   . ASP A 1 79 ? 5.105   -9.218  -10.690 1.00 28.99 ? 79  ASP A O   1 
ATOM   601  C CB  . ASP A 1 79 ? 5.349   -10.987 -12.819 1.00 39.42 ? 79  ASP A CB  1 
ATOM   602  C CG  . ASP A 1 79 ? 6.284   -11.933 -12.099 1.00 54.64 ? 79  ASP A CG  1 
ATOM   603  O OD1 . ASP A 1 79 ? 5.931   -13.135 -11.999 1.00 60.31 ? 79  ASP A OD1 1 
ATOM   604  O OD2 . ASP A 1 79 ? 7.354   -11.480 -11.614 1.00 67.61 ? 79  ASP A OD2 1 
ATOM   605  N N   . THR A 1 80 ? 3.331   -10.309 -9.870  1.00 24.74 ? 80  THR A N   1 
ATOM   606  C CA  . THR A 1 80 ? 3.410   -9.648  -8.605  1.00 22.27 ? 80  THR A CA  1 
ATOM   607  C C   . THR A 1 80 ? 3.668   -10.743 -7.563  1.00 23.08 ? 80  THR A C   1 
ATOM   608  O O   . THR A 1 80 ? 3.174   -11.872 -7.678  1.00 19.81 ? 80  THR A O   1 
ATOM   609  C CB  . THR A 1 80 ? 2.122   -8.842  -8.315  1.00 20.88 ? 80  THR A CB  1 
ATOM   610  O OG1 . THR A 1 80 ? 2.185   -8.326  -6.976  1.00 22.92 ? 80  THR A OG1 1 
ATOM   611  C CG2 . THR A 1 80 ? 0.867   -9.709  -8.493  1.00 19.39 ? 80  THR A CG2 1 
ATOM   612  N N   . PRO A 1 81 ? 4.498   -10.430 -6.559  1.00 23.73 ? 81  PRO A N   1 
ATOM   613  C CA  . PRO A 1 81 ? 4.850   -11.362 -5.486  1.00 20.85 ? 81  PRO A CA  1 
ATOM   614  C C   . PRO A 1 81 ? 3.692   -11.594 -4.533  1.00 20.31 ? 81  PRO A C   1 
ATOM   615  O O   . PRO A 1 81 ? 3.613   -12.643 -3.883  1.00 24.08 ? 81  PRO A O   1 
ATOM   616  C CB  . PRO A 1 81 ? 5.972   -10.631 -4.755  1.00 23.45 ? 81  PRO A CB  1 
ATOM   617  C CG  . PRO A 1 81 ? 6.423   -9.522  -5.724  1.00 28.26 ? 81  PRO A CG  1 
ATOM   618  C CD  . PRO A 1 81 ? 5.159   -9.122  -6.376  1.00 22.54 ? 81  PRO A CD  1 
ATOM   619  N N   . ILE A 1 82 ? 2.802   -10.612 -4.446  1.00 17.19 ? 82  ILE A N   1 
ATOM   620  C CA  . ILE A 1 82 ? 1.661   -10.654 -3.538  1.00 18.52 ? 82  ILE A CA  1 
ATOM   621  C C   . ILE A 1 82 ? 0.482   -10.114 -4.321  1.00 17.53 ? 82  ILE A C   1 
ATOM   622  O O   . ILE A 1 82 ? 0.630   -9.192  -5.119  1.00 19.32 ? 82  ILE A O   1 
ATOM   623  C CB  . ILE A 1 82 ? 1.918   -9.669  -2.301  1.00 22.78 ? 82  ILE A CB  1 
ATOM   624  C CG1 . ILE A 1 82 ? 3.245   -9.980  -1.634  1.00 26.73 ? 82  ILE A CG1 1 
ATOM   625  C CG2 . ILE A 1 82 ? 0.861   -9.824  -1.192  1.00 21.52 ? 82  ILE A CG2 1 
ATOM   626  C CD1 . ILE A 1 82 ? 3.525   -9.082  -0.487  1.00 42.09 ? 82  ILE A CD1 1 
ATOM   627  N N   . ASN A 1 83 ? -0.692  -10.686 -4.119  1.00 17.76 ? 83  ASN A N   1 
ATOM   628  C CA  . ASN A 1 83 ? -1.886  -10.178 -4.786  1.00 14.97 ? 83  ASN A CA  1 
ATOM   629  C C   . ASN A 1 83 ? -2.388  -8.964  -4.038  1.00 15.70 ? 83  ASN A C   1 
ATOM   630  O O   . ASN A 1 83 ? -2.630  -9.012  -2.825  1.00 14.88 ? 83  ASN A O   1 
ATOM   631  C CB  . ASN A 1 83 ? -2.947  -11.251 -4.855  1.00 16.14 ? 83  ASN A CB  1 
ATOM   632  C CG  . ASN A 1 83 ? -2.478  -12.461 -5.632  1.00 17.60 ? 83  ASN A CG  1 
ATOM   633  O OD1 . ASN A 1 83 ? -1.763  -12.326 -6.635  1.00 13.48 ? 83  ASN A OD1 1 
ATOM   634  N ND2 . ASN A 1 83 ? -2.825  -13.642 -5.152  1.00 9.07  ? 83  ASN A ND2 1 
ATOM   635  N N   . ILE A 1 84 ? -2.555  -7.885  -4.789  1.00 16.70 ? 84  ILE A N   1 
ATOM   636  C CA  . ILE A 1 84 ? -2.980  -6.583  -4.297  1.00 15.19 ? 84  ILE A CA  1 
ATOM   637  C C   . ILE A 1 84 ? -4.405  -6.178  -4.729  1.00 15.44 ? 84  ILE A C   1 
ATOM   638  O O   . ILE A 1 84 ? -4.756  -6.263  -5.906  1.00 19.03 ? 84  ILE A O   1 
ATOM   639  C CB  . ILE A 1 84 ? -2.046  -5.459  -4.881  1.00 15.30 ? 84  ILE A CB  1 
ATOM   640  C CG1 . ILE A 1 84 ? -0.564  -5.687  -4.535  1.00 12.48 ? 84  ILE A CG1 1 
ATOM   641  C CG2 . ILE A 1 84 ? -2.474  -4.097  -4.408  1.00 12.58 ? 84  ILE A CG2 1 
ATOM   642  C CD1 . ILE A 1 84 ? -0.310  -5.727  -3.089  1.00 16.52 ? 84  ILE A CD1 1 
ATOM   643  N N   . PHE A 1 85 ? -5.188  -5.682  -3.773  1.00 16.43 ? 85  PHE A N   1 
ATOM   644  C CA  . PHE A 1 85 ? -6.531  -5.115  -3.996  1.00 15.18 ? 85  PHE A CA  1 
ATOM   645  C C   . PHE A 1 85 ? -6.343  -3.638  -3.552  1.00 13.31 ? 85  PHE A C   1 
ATOM   646  O O   . PHE A 1 85 ? -6.266  -3.353  -2.346  1.00 13.92 ? 85  PHE A O   1 
ATOM   647  C CB  . PHE A 1 85 ? -7.566  -5.804  -3.102  1.00 11.60 ? 85  PHE A CB  1 
ATOM   648  C CG  . PHE A 1 85 ? -8.380  -6.867  -3.795  1.00 15.70 ? 85  PHE A CG  1 
ATOM   649  C CD1 . PHE A 1 85 ? -7.925  -7.478  -4.954  1.00 8.70  ? 85  PHE A CD1 1 
ATOM   650  C CD2 . PHE A 1 85 ? -9.622  -7.250  -3.276  1.00 11.06 ? 85  PHE A CD2 1 
ATOM   651  C CE1 . PHE A 1 85 ? -8.691  -8.444  -5.574  1.00 16.98 ? 85  PHE A CE1 1 
ATOM   652  C CE2 . PHE A 1 85 ? -10.384 -8.219  -3.896  1.00 10.97 ? 85  PHE A CE2 1 
ATOM   653  C CZ  . PHE A 1 85 ? -9.920  -8.815  -5.045  1.00 9.90  ? 85  PHE A CZ  1 
ATOM   654  N N   . GLY A 1 86 ? -6.180  -2.742  -4.524  1.00 14.40 ? 86  GLY A N   1 
ATOM   655  C CA  . GLY A 1 86 ? -5.956  -1.334  -4.240  1.00 12.11 ? 86  GLY A CA  1 
ATOM   656  C C   . GLY A 1 86 ? -7.232  -0.536  -4.012  1.00 14.26 ? 86  GLY A C   1 
ATOM   657  O O   . GLY A 1 86 ? -8.304  -1.116  -3.839  1.00 15.79 ? 86  GLY A O   1 
ATOM   658  N N   . ARG A 1 87 ? -7.144  0.794   -4.083  1.00 12.69 ? 87  ARG A N   1 
ATOM   659  C CA  . ARG A 1 87 ? -8.288  1.663   -3.828  1.00 12.38 ? 87  ARG A CA  1 
ATOM   660  C C   . ARG A 1 87 ? -9.526  1.512   -4.726  1.00 14.77 ? 87  ARG A C   1 
ATOM   661  O O   . ARG A 1 87 ? -10.640 1.771   -4.267  1.00 15.68 ? 87  ARG A O   1 
ATOM   662  C CB  . ARG A 1 87 ? -7.841  3.118   -3.775  1.00 7.39  ? 87  ARG A CB  1 
ATOM   663  C CG  . ARG A 1 87 ? -6.852  3.406   -2.664  1.00 12.19 ? 87  ARG A CG  1 
ATOM   664  C CD  . ARG A 1 87 ? -6.502  4.899   -2.539  1.00 12.45 ? 87  ARG A CD  1 
ATOM   665  N NE  . ARG A 1 87 ? -5.795  5.373   -3.728  1.00 11.36 ? 87  ARG A NE  1 
ATOM   666  C CZ  . ARG A 1 87 ? -6.347  6.100   -4.698  1.00 13.50 ? 87  ARG A CZ  1 
ATOM   667  N NH1 . ARG A 1 87 ? -7.625  6.462   -4.652  1.00 11.35 ? 87  ARG A NH1 1 
ATOM   668  N NH2 . ARG A 1 87 ? -5.595  6.496   -5.711  1.00 13.91 ? 87  ARG A NH2 1 
ATOM   669  N N   . ASN A 1 88 ? -9.361  1.096   -5.981  1.00 14.24 ? 88  ASN A N   1 
ATOM   670  C CA  . ASN A 1 88 ? -10.521 0.945   -6.846  1.00 15.73 ? 88  ASN A CA  1 
ATOM   671  C C   . ASN A 1 88 ? -11.463 -0.092  -6.255  1.00 13.88 ? 88  ASN A C   1 
ATOM   672  O O   . ASN A 1 88 ? -12.669 -0.001  -6.402  1.00 13.36 ? 88  ASN A O   1 
ATOM   673  C CB  . ASN A 1 88 ? -10.129 0.561   -8.281  1.00 13.45 ? 88  ASN A CB  1 
ATOM   674  C CG  . ASN A 1 88 ? -9.490  -0.793  -8.358  1.00 16.88 ? 88  ASN A CG  1 
ATOM   675  O OD1 . ASN A 1 88 ? -8.619  -1.105  -7.572  1.00 15.65 ? 88  ASN A OD1 1 
ATOM   676  N ND2 . ASN A 1 88 ? -9.936  -1.615  -9.295  1.00 16.00 ? 88  ASN A ND2 1 
ATOM   677  N N   . ILE A 1 89 ? -10.912 -1.042  -5.511  1.00 12.56 ? 89  ILE A N   1 
ATOM   678  C CA  . ILE A 1 89 ? -11.737 -2.063  -4.904  1.00 12.42 ? 89  ILE A CA  1 
ATOM   679  C C   . ILE A 1 89 ? -12.144 -1.688  -3.481  1.00 13.74 ? 89  ILE A C   1 
ATOM   680  O O   . ILE A 1 89 ? -13.294 -1.920  -3.078  1.00 16.54 ? 89  ILE A O   1 
ATOM   681  C CB  . ILE A 1 89 ? -11.043 -3.476  -4.966  1.00 20.61 ? 89  ILE A CB  1 
ATOM   682  C CG1 . ILE A 1 89 ? -11.072 -3.998  -6.410  1.00 14.55 ? 89  ILE A CG1 1 
ATOM   683  C CG2 . ILE A 1 89 ? -11.737 -4.484  -4.024  1.00 18.96 ? 89  ILE A CG2 1 
ATOM   684  C CD1 . ILE A 1 89 ? -10.519 -5.370  -6.567  1.00 11.41 ? 89  ILE A CD1 1 
ATOM   685  N N   . LEU A 1 90 ? -11.219 -1.105  -2.721  1.00 12.99 ? 90  LEU A N   1 
ATOM   686  C CA  . LEU A 1 90 ? -11.516 -0.686  -1.347  1.00 12.41 ? 90  LEU A CA  1 
ATOM   687  C C   . LEU A 1 90 ? -12.671 0.333   -1.261  1.00 14.67 ? 90  LEU A C   1 
ATOM   688  O O   . LEU A 1 90 ? -13.504 0.242   -0.333  1.00 15.32 ? 90  LEU A O   1 
ATOM   689  C CB  . LEU A 1 90 ? -10.269 -0.124  -0.662  1.00 8.82  ? 90  LEU A CB  1 
ATOM   690  C CG  . LEU A 1 90 ? -9.058  -1.057  -0.536  1.00 12.75 ? 90  LEU A CG  1 
ATOM   691  C CD1 . LEU A 1 90 ? -7.940  -0.361  0.234   1.00 10.90 ? 90  LEU A CD1 1 
ATOM   692  C CD2 . LEU A 1 90 ? -9.444  -2.343  0.155   1.00 9.14  ? 90  LEU A CD2 1 
ATOM   693  N N   . THR A 1 91 ? -12.715 1.309   -2.182  1.00 13.18 ? 91  THR A N   1 
ATOM   694  C CA  . THR A 1 91 ? -13.801 2.304   -2.189  1.00 15.98 ? 91  THR A CA  1 
ATOM   695  C C   . THR A 1 91 ? -15.129 1.653   -2.574  1.00 17.36 ? 91  THR A C   1 
ATOM   696  O O   . THR A 1 91 ? -16.178 2.018   -2.047  1.00 19.36 ? 91  THR A O   1 
ATOM   697  C CB  . THR A 1 91 ? -13.568 3.465   -3.173  1.00 15.88 ? 91  THR A CB  1 
ATOM   698  O OG1 . THR A 1 91 ? -13.281 2.936   -4.472  1.00 21.69 ? 91  THR A OG1 1 
ATOM   699  C CG2 . THR A 1 91 ? -12.460 4.327   -2.719  1.00 12.12 ? 91  THR A CG2 1 
ATOM   700  N N   . ALA A 1 92 ? -15.088 0.689   -3.490  1.00 16.91 ? 92  ALA A N   1 
ATOM   701  C CA  . ALA A 1 92 ? -16.301 -0.007  -3.898  1.00 17.41 ? 92  ALA A CA  1 
ATOM   702  C C   . ALA A 1 92 ? -16.847 -0.751  -2.698  1.00 16.89 ? 92  ALA A C   1 
ATOM   703  O O   . ALA A 1 92 ? -18.046 -0.845  -2.532  1.00 18.20 ? 92  ALA A O   1 
ATOM   704  C CB  . ALA A 1 92 ? -16.032 -0.980  -5.069  1.00 11.67 ? 92  ALA A CB  1 
ATOM   705  N N   . LEU A 1 93 ? -15.971 -1.242  -1.834  1.00 17.81 ? 93  LEU A N   1 
ATOM   706  C CA  . LEU A 1 93 ? -16.423 -1.977  -0.659  1.00 16.87 ? 93  LEU A CA  1 
ATOM   707  C C   . LEU A 1 93 ? -16.961 -1.032  0.406   1.00 18.32 ? 93  LEU A C   1 
ATOM   708  O O   . LEU A 1 93 ? -17.805 -1.413  1.211   1.00 20.68 ? 93  LEU A O   1 
ATOM   709  C CB  . LEU A 1 93 ? -15.288 -2.824  -0.066  1.00 16.90 ? 93  LEU A CB  1 
ATOM   710  C CG  . LEU A 1 93 ? -14.586 -3.833  -0.984  1.00 22.98 ? 93  LEU A CG  1 
ATOM   711  C CD1 . LEU A 1 93 ? -13.417 -4.523  -0.262  1.00 15.18 ? 93  LEU A CD1 1 
ATOM   712  C CD2 . LEU A 1 93 ? -15.611 -4.860  -1.471  1.00 23.59 ? 93  LEU A CD2 1 
ATOM   713  N N   . GLY A 1 94 ? -16.508 0.218   0.380   1.00 18.43 ? 94  GLY A N   1 
ATOM   714  C CA  . GLY A 1 94 ? -16.931 1.157   1.406   1.00 15.34 ? 94  GLY A CA  1 
ATOM   715  C C   . GLY A 1 94 ? -15.961 1.039   2.570   1.00 19.00 ? 94  GLY A C   1 
ATOM   716  O O   . GLY A 1 94 ? -16.316 1.277   3.712   1.00 22.71 ? 94  GLY A O   1 
ATOM   717  N N   . MET A 1 95 ? -14.712 0.712   2.286   1.00 18.73 ? 95  MET A N   1 
ATOM   718  C CA  . MET A 1 95 ? -13.724 0.569   3.340   1.00 17.95 ? 95  MET A CA  1 
ATOM   719  C C   . MET A 1 95 ? -12.976 1.893   3.568   1.00 19.00 ? 95  MET A C   1 
ATOM   720  O O   . MET A 1 95 ? -12.787 2.682   2.639   1.00 22.51 ? 95  MET A O   1 
ATOM   721  C CB  . MET A 1 95 ? -12.778 -0.576  2.982   1.00 16.42 ? 95  MET A CB  1 
ATOM   722  C CG  . MET A 1 95 ? -11.862 -1.009  4.104   1.00 29.80 ? 95  MET A CG  1 
ATOM   723  S SD  . MET A 1 95 ? -11.344 -2.730  4.032   1.00 33.71 ? 95  MET A SD  1 
ATOM   724  C CE  . MET A 1 95 ? -11.784 -3.123  2.455   1.00 18.24 ? 95  MET A CE  1 
ATOM   725  N N   . SER A 1 96 ? -12.627 2.194   4.809   1.00 15.30 ? 96  SER A N   1 
ATOM   726  C CA  . SER A 1 96 ? -11.931 3.431   5.061   1.00 15.58 ? 96  SER A CA  1 
ATOM   727  C C   . SER A 1 96 ? -10.763 3.214   5.981   1.00 17.55 ? 96  SER A C   1 
ATOM   728  O O   . SER A 1 96 ? -10.632 2.141   6.590   1.00 18.46 ? 96  SER A O   1 
ATOM   729  C CB  . SER A 1 96 ? -12.874 4.438   5.704   1.00 18.75 ? 96  SER A CB  1 
ATOM   730  O OG  . SER A 1 96 ? -13.347 3.953   6.949   1.00 18.51 ? 96  SER A OG  1 
ATOM   731  N N   . LEU A 1 97 ? -9.884  4.212   6.043   1.00 18.34 ? 97  LEU A N   1 
ATOM   732  C CA  . LEU A 1 97 ? -8.732  4.158   6.930   1.00 19.88 ? 97  LEU A CA  1 
ATOM   733  C C   . LEU A 1 97 ? -9.075  5.181   8.027   1.00 22.13 ? 97  LEU A C   1 
ATOM   734  O O   . LEU A 1 97 ? -9.350  6.339   7.733   1.00 22.10 ? 97  LEU A O   1 
ATOM   735  C CB  . LEU A 1 97 ? -7.451  4.509   6.174   1.00 23.53 ? 97  LEU A CB  1 
ATOM   736  C CG  . LEU A 1 97 ? -6.083  4.396   6.849   1.00 19.17 ? 97  LEU A CG  1 
ATOM   737  C CD1 . LEU A 1 97 ? -5.773  2.968   7.248   1.00 16.66 ? 97  LEU A CD1 1 
ATOM   738  C CD2 . LEU A 1 97 ? -5.067  4.889   5.856   1.00 20.21 ? 97  LEU A CD2 1 
ATOM   739  N N   . ASN A 1 98 ? -9.087  4.730   9.278   1.00 22.24 ? 98  ASN A N   1 
ATOM   740  C CA  . ASN A 1 98 ? -9.480  5.559   10.395  1.00 24.95 ? 98  ASN A CA  1 
ATOM   741  C C   . ASN A 1 98 ? -8.403  5.864   11.408  1.00 27.12 ? 98  ASN A C   1 
ATOM   742  O O   . ASN A 1 98 ? -7.608  4.991   11.765  1.00 26.95 ? 98  ASN A O   1 
ATOM   743  C CB  . ASN A 1 98 ? -10.682 4.909   11.077  1.00 24.84 ? 98  ASN A CB  1 
ATOM   744  C CG  . ASN A 1 98 ? -11.800 4.606   10.093  1.00 32.49 ? 98  ASN A CG  1 
ATOM   745  O OD1 . ASN A 1 98 ? -12.449 5.505   9.579   1.00 42.14 ? 98  ASN A OD1 1 
ATOM   746  N ND2 . ASN A 1 98 ? -11.972 3.341   9.770   1.00 40.27 ? 98  ASN A ND2 1 
ATOM   747  N N   . LEU A 1 99 ? -8.374  7.123   11.843  1.00 30.94 ? 99  LEU A N   1 
ATOM   748  C CA  . LEU A 1 99 ? -7.427  7.611   12.842  1.00 35.08 ? 99  LEU A CA  1 
ATOM   749  C C   . LEU A 1 99 ? -8.292  8.041   14.012  1.00 35.22 ? 99  LEU A C   1 
ATOM   750  O O   . LEU A 1 99 ? -7.951  7.696   15.153  1.00 39.69 ? 99  LEU A O   1 
ATOM   751  C CB  . LEU A 1 99 ? -6.651  8.837   12.326  1.00 39.08 ? 99  LEU A CB  1 
ATOM   752  C CG  . LEU A 1 99 ? -5.235  9.117   12.872  1.00 40.71 ? 99  LEU A CG  1 
ATOM   753  C CD1 . LEU A 1 99 ? -4.914  10.562  12.639  1.00 40.87 ? 99  LEU A CD1 1 
ATOM   754  C CD2 . LEU A 1 99 ? -5.068  8.780   14.349  1.00 40.12 ? 99  LEU A CD2 1 
ATOM   755  O OXT . LEU A 1 99 ? -9.307  8.717   13.762  1.00 37.94 ? 99  LEU A OXT 1 
ATOM   756  N N   . PRO B 1 1  ? -10.294 10.946  12.674  1.00 33.72 ? 1   PRO B N   1 
ATOM   757  C CA  . PRO B 1 1  ? -10.755 11.401  11.323  1.00 32.41 ? 1   PRO B CA  1 
ATOM   758  C C   . PRO B 1 1  ? -10.572 10.252  10.349  1.00 29.94 ? 1   PRO B C   1 
ATOM   759  O O   . PRO B 1 1  ? -9.759  9.367   10.614  1.00 28.31 ? 1   PRO B O   1 
ATOM   760  C CB  . PRO B 1 1  ? -9.901  12.601  10.913  1.00 31.04 ? 1   PRO B CB  1 
ATOM   761  C CG  . PRO B 1 1  ? -8.612  12.307  11.589  1.00 31.55 ? 1   PRO B CG  1 
ATOM   762  C CD  . PRO B 1 1  ? -9.093  11.823  12.954  1.00 34.52 ? 1   PRO B CD  1 
ATOM   763  N N   . GLN B 1 2  ? -11.310 10.246  9.243   1.00 25.44 ? 2   GLN B N   1 
ATOM   764  C CA  . GLN B 1 2  ? -11.139 9.144   8.310   1.00 24.35 ? 2   GLN B CA  1 
ATOM   765  C C   . GLN B 1 2  ? -10.758 9.495   6.881   1.00 21.89 ? 2   GLN B C   1 
ATOM   766  O O   . GLN B 1 2  ? -10.973 10.609  6.438   1.00 23.69 ? 2   GLN B O   1 
ATOM   767  C CB  . GLN B 1 2  ? -12.361 8.220   8.325   1.00 26.75 ? 2   GLN B CB  1 
ATOM   768  C CG  . GLN B 1 2  ? -13.565 8.738   7.614   1.00 36.65 ? 2   GLN B CG  1 
ATOM   769  C CD  . GLN B 1 2  ? -14.705 7.736   7.614   1.00 42.25 ? 2   GLN B CD  1 
ATOM   770  O OE1 . GLN B 1 2  ? -15.090 7.211   8.670   1.00 40.48 ? 2   GLN B OE1 1 
ATOM   771  N NE2 . GLN B 1 2  ? -15.285 7.498   6.434   1.00 38.73 ? 2   GLN B NE2 1 
ATOM   772  N N   . PHE B 1 3  ? -10.149 8.525   6.203   1.00 20.52 ? 3   PHE B N   1 
ATOM   773  C CA  . PHE B 1 3  ? -9.715  8.620   4.816   1.00 20.09 ? 3   PHE B CA  1 
ATOM   774  C C   . PHE B 1 3  ? -10.651 7.668   4.071   1.00 20.39 ? 3   PHE B C   1 
ATOM   775  O O   . PHE B 1 3  ? -10.620 6.451   4.303   1.00 19.28 ? 3   PHE B O   1 
ATOM   776  C CB  . PHE B 1 3  ? -8.257  8.140   4.673   1.00 20.55 ? 3   PHE B CB  1 
ATOM   777  C CG  . PHE B 1 3  ? -7.243  9.041   5.344   1.00 26.38 ? 3   PHE B CG  1 
ATOM   778  C CD1 . PHE B 1 3  ? -6.935  8.889   6.694   1.00 19.25 ? 3   PHE B CD1 1 
ATOM   779  C CD2 . PHE B 1 3  ? -6.625  10.071  4.630   1.00 23.73 ? 3   PHE B CD2 1 
ATOM   780  C CE1 . PHE B 1 3  ? -6.035  9.755   7.326   1.00 19.08 ? 3   PHE B CE1 1 
ATOM   781  C CE2 . PHE B 1 3  ? -5.734  10.936  5.247   1.00 21.66 ? 3   PHE B CE2 1 
ATOM   782  C CZ  . PHE B 1 3  ? -5.440  10.782  6.598   1.00 21.72 ? 3   PHE B CZ  1 
ATOM   783  N N   . SER B 1 4  ? -11.474 8.213   3.183   1.00 19.42 ? 4   SER B N   1 
ATOM   784  C CA  . SER B 1 4  ? -12.451 7.409   2.432   1.00 21.67 ? 4   SER B CA  1 
ATOM   785  C C   . SER B 1 4  ? -11.872 6.662   1.199   1.00 19.94 ? 4   SER B C   1 
ATOM   786  O O   . SER B 1 4  ? -12.560 5.873   0.531   1.00 20.45 ? 4   SER B O   1 
ATOM   787  C CB  . SER B 1 4  ? -13.619 8.300   2.027   1.00 17.37 ? 4   SER B CB  1 
ATOM   788  O OG  . SER B 1 4  ? -13.135 9.341   1.206   1.00 30.30 ? 4   SER B OG  1 
ATOM   789  N N   . LEU B 1 5  ? -10.609 6.955   0.894   1.00 18.91 ? 5   LEU B N   1 
ATOM   790  C CA  . LEU B 1 5  ? -9.888  6.314   -0.200  1.00 16.06 ? 5   LEU B CA  1 
ATOM   791  C C   . LEU B 1 5  ? -10.288 6.650   -1.639  1.00 18.07 ? 5   LEU B C   1 
ATOM   792  O O   . LEU B 1 5  ? -9.746  6.067   -2.572  1.00 18.67 ? 5   LEU B O   1 
ATOM   793  C CB  . LEU B 1 5  ? -9.800  4.799   0.033   1.00 13.91 ? 5   LEU B CB  1 
ATOM   794  C CG  . LEU B 1 5  ? -9.339  4.374   1.443   1.00 13.01 ? 5   LEU B CG  1 
ATOM   795  C CD1 . LEU B 1 5  ? -9.316  2.879   1.558   1.00 10.79 ? 5   LEU B CD1 1 
ATOM   796  C CD2 . LEU B 1 5  ? -7.977  4.951   1.762   1.00 4.07  ? 5   LEU B CD2 1 
ATOM   797  N N   . TRP B 1 6  ? -11.228 7.573   -1.842  1.00 20.20 ? 6   TRP B N   1 
ATOM   798  C CA  . TRP B 1 6  ? -11.558 7.997   -3.218  1.00 20.37 ? 6   TRP B CA  1 
ATOM   799  C C   . TRP B 1 6  ? -10.306 8.678   -3.805  1.00 20.68 ? 6   TRP B C   1 
ATOM   800  O O   . TRP B 1 6  ? -10.093 8.655   -5.003  1.00 25.60 ? 6   TRP B O   1 
ATOM   801  C CB  . TRP B 1 6  ? -12.743 8.961   -3.236  1.00 19.85 ? 6   TRP B CB  1 
ATOM   802  C CG  . TRP B 1 6  ? -14.008 8.336   -2.747  1.00 21.39 ? 6   TRP B CG  1 
ATOM   803  C CD1 . TRP B 1 6  ? -14.651 8.579   -1.554  1.00 21.92 ? 6   TRP B CD1 1 
ATOM   804  C CD2 . TRP B 1 6  ? -14.796 7.357   -3.441  1.00 29.27 ? 6   TRP B CD2 1 
ATOM   805  N NE1 . TRP B 1 6  ? -15.795 7.810   -1.465  1.00 27.95 ? 6   TRP B NE1 1 
ATOM   806  C CE2 . TRP B 1 6  ? -15.909 7.052   -2.607  1.00 29.88 ? 6   TRP B CE2 1 
ATOM   807  C CE3 . TRP B 1 6  ? -14.675 6.703   -4.688  1.00 21.88 ? 6   TRP B CE3 1 
ATOM   808  C CZ2 . TRP B 1 6  ? -16.896 6.123   -2.986  1.00 21.35 ? 6   TRP B CZ2 1 
ATOM   809  C CZ3 . TRP B 1 6  ? -15.660 5.777   -5.060  1.00 22.83 ? 6   TRP B CZ3 1 
ATOM   810  C CH2 . TRP B 1 6  ? -16.755 5.499   -4.208  1.00 24.09 ? 6   TRP B CH2 1 
ATOM   811  N N   . LYS B 1 7  ? -9.470  9.254   -2.942  1.00 19.76 ? 7   LYS B N   1 
ATOM   812  C CA  . LYS B 1 7  ? -8.207  9.886   -3.332  1.00 20.02 ? 7   LYS B CA  1 
ATOM   813  C C   . LYS B 1 7  ? -7.109  9.164   -2.542  1.00 18.43 ? 7   LYS B C   1 
ATOM   814  O O   . LYS B 1 7  ? -7.395  8.584   -1.493  1.00 19.61 ? 7   LYS B O   1 
ATOM   815  C CB  . LYS B 1 7  ? -8.148  11.330  -2.836  1.00 24.43 ? 7   LYS B CB  1 
ATOM   816  C CG  . LYS B 1 7  ? -9.207  12.265  -3.301  1.00 39.71 ? 7   LYS B CG  1 
ATOM   817  C CD  . LYS B 1 7  ? -9.173  13.514  -2.409  1.00 51.26 ? 7   LYS B CD  1 
ATOM   818  C CE  . LYS B 1 7  ? -10.103 14.605  -2.944  1.00 60.81 ? 7   LYS B CE  1 
ATOM   819  N NZ  . LYS B 1 7  ? -9.726  15.034  -4.340  1.00 63.97 ? 7   LYS B NZ  1 
ATOM   820  N N   . ARG B 1 8  ? -5.857  9.269   -2.985  1.00 15.76 ? 8   ARG B N   1 
ATOM   821  C CA  . ARG B 1 8  ? -4.738  8.685   -2.250  1.00 11.19 ? 8   ARG B CA  1 
ATOM   822  C C   . ARG B 1 8  ? -4.729  9.301   -0.832  1.00 12.95 ? 8   ARG B C   1 
ATOM   823  O O   . ARG B 1 8  ? -4.888  10.521  -0.692  1.00 11.07 ? 8   ARG B O   1 
ATOM   824  C CB  . ARG B 1 8  ? -3.423  9.048   -2.918  1.00 10.49 ? 8   ARG B CB  1 
ATOM   825  C CG  . ARG B 1 8  ? -3.199  8.378   -4.245  1.00 16.57 ? 8   ARG B CG  1 
ATOM   826  C CD  . ARG B 1 8  ? -1.807  8.626   -4.761  1.00 14.54 ? 8   ARG B CD  1 
ATOM   827  N NE  . ARG B 1 8  ? -1.557  7.911   -6.009  1.00 20.44 ? 8   ARG B NE  1 
ATOM   828  C CZ  . ARG B 1 8  ? -0.486  8.076   -6.781  1.00 24.77 ? 8   ARG B CZ  1 
ATOM   829  N NH1 . ARG B 1 8  ? 0.451   8.951   -6.450  1.00 22.23 ? 8   ARG B NH1 1 
ATOM   830  N NH2 . ARG B 1 8  ? -0.300  7.294   -7.840  1.00 22.51 ? 8   ARG B NH2 1 
ATOM   831  N N   . PRO B 1 9  ? -4.613  8.466   0.230   1.00 10.20 ? 9   PRO B N   1 
ATOM   832  C CA  . PRO B 1 9  ? -4.597  8.980   1.601   1.00 11.84 ? 9   PRO B CA  1 
ATOM   833  C C   . PRO B 1 9  ? -3.233  9.643   1.921   1.00 16.71 ? 9   PRO B C   1 
ATOM   834  O O   . PRO B 1 9  ? -2.295  9.006   2.447   1.00 15.02 ? 9   PRO B O   1 
ATOM   835  C CB  . PRO B 1 9  ? -4.880  7.732   2.441   1.00 11.63 ? 9   PRO B CB  1 
ATOM   836  C CG  . PRO B 1 9  ? -4.238  6.633   1.656   1.00 6.25  ? 9   PRO B CG  1 
ATOM   837  C CD  . PRO B 1 9  ? -4.585  6.986   0.214   1.00 7.23  ? 9   PRO B CD  1 
ATOM   838  N N   . VAL B 1 10 ? -3.118  10.904  1.501   1.00 16.47 ? 10  VAL B N   1 
ATOM   839  C CA  . VAL B 1 10 ? -1.897  11.674  1.676   1.00 18.51 ? 10  VAL B CA  1 
ATOM   840  C C   . VAL B 1 10 ? -2.028  12.735  2.764   1.00 21.56 ? 10  VAL B C   1 
ATOM   841  O O   . VAL B 1 10 ? -3.064  13.392  2.864   1.00 26.24 ? 10  VAL B O   1 
ATOM   842  C CB  . VAL B 1 10 ? -1.484  12.368  0.372   1.00 15.52 ? 10  VAL B CB  1 
ATOM   843  C CG1 . VAL B 1 10 ? -0.300  13.273  0.632   1.00 22.62 ? 10  VAL B CG1 1 
ATOM   844  C CG2 . VAL B 1 10 ? -1.098  11.362  -0.663  1.00 7.12  ? 10  VAL B CG2 1 
ATOM   845  N N   . VAL B 1 11 ? -0.985  12.891  3.571   1.00 20.46 ? 11  VAL B N   1 
ATOM   846  C CA  . VAL B 1 11 ? -0.963  13.882  4.642   1.00 19.91 ? 11  VAL B CA  1 
ATOM   847  C C   . VAL B 1 11 ? 0.418   14.530  4.691   1.00 18.13 ? 11  VAL B C   1 
ATOM   848  O O   . VAL B 1 11 ? 1.352   14.085  4.034   1.00 18.63 ? 11  VAL B O   1 
ATOM   849  C CB  . VAL B 1 11 ? -1.274  13.259  6.070   1.00 21.10 ? 11  VAL B CB  1 
ATOM   850  C CG1 . VAL B 1 11 ? -2.663  12.705  6.130   1.00 23.75 ? 11  VAL B CG1 1 
ATOM   851  C CG2 . VAL B 1 11 ? -0.275  12.153  6.432   1.00 23.49 ? 11  VAL B CG2 1 
ATOM   852  N N   . THR B 1 12 ? 0.520   15.616  5.430   1.00 19.70 ? 12  THR B N   1 
ATOM   853  C CA  . THR B 1 12 ? 1.779   16.288  5.617   1.00 22.82 ? 12  THR B CA  1 
ATOM   854  C C   . THR B 1 12 ? 2.315   15.820  6.946   1.00 23.16 ? 12  THR B C   1 
ATOM   855  O O   . THR B 1 12 ? 1.671   16.017  7.956   1.00 26.29 ? 12  THR B O   1 
ATOM   856  C CB  . THR B 1 12 ? 1.584   17.781  5.701   1.00 26.79 ? 12  THR B CB  1 
ATOM   857  O OG1 . THR B 1 12 ? 1.169   18.262  4.414   1.00 31.79 ? 12  THR B OG1 1 
ATOM   858  C CG2 . THR B 1 12 ? 2.883   18.486  6.159   1.00 31.25 ? 12  THR B CG2 1 
ATOM   859  N N   . ALA B 1 13 ? 3.468   15.166  6.958   1.00 24.02 ? 13  ALA B N   1 
ATOM   860  C CA  . ALA B 1 13 ? 4.053   14.697  8.218   1.00 25.54 ? 13  ALA B CA  1 
ATOM   861  C C   . ALA B 1 13 ? 5.323   15.483  8.510   1.00 23.62 ? 13  ALA B C   1 
ATOM   862  O O   . ALA B 1 13 ? 5.960   15.988  7.593   1.00 24.25 ? 13  ALA B O   1 
ATOM   863  C CB  . ALA B 1 13 ? 4.363   13.194  8.134   1.00 19.87 ? 13  ALA B CB  1 
ATOM   864  N N   . TYR B 1 14 ? 5.649   15.662  9.785   1.00 24.35 ? 14  TYR B N   1 
ATOM   865  C CA  . TYR B 1 14 ? 6.893   16.348  10.134  1.00 24.37 ? 14  TYR B CA  1 
ATOM   866  C C   . TYR B 1 14 ? 7.843   15.277  10.651  1.00 22.42 ? 14  TYR B C   1 
ATOM   867  O O   . TYR B 1 14 ? 7.519   14.553  11.595  1.00 25.04 ? 14  TYR B O   1 
ATOM   868  C CB  . TYR B 1 14 ? 6.664   17.424  11.195  1.00 26.61 ? 14  TYR B CB  1 
ATOM   869  C CG  . TYR B 1 14 ? 5.697   18.465  10.724  1.00 31.72 ? 14  TYR B CG  1 
ATOM   870  C CD1 . TYR B 1 14 ? 4.324   18.236  10.812  1.00 34.12 ? 14  TYR B CD1 1 
ATOM   871  C CD2 . TYR B 1 14 ? 6.143   19.605  10.057  1.00 33.98 ? 14  TYR B CD2 1 
ATOM   872  C CE1 . TYR B 1 14 ? 3.417   19.095  10.235  1.00 38.50 ? 14  TYR B CE1 1 
ATOM   873  C CE2 . TYR B 1 14 ? 5.248   20.484  9.476   1.00 38.41 ? 14  TYR B CE2 1 
ATOM   874  C CZ  . TYR B 1 14 ? 3.877   20.219  9.561   1.00 43.80 ? 14  TYR B CZ  1 
ATOM   875  O OH  . TYR B 1 14 ? 2.954   21.050  8.951   1.00 50.57 ? 14  TYR B OH  1 
ATOM   876  N N   . ILE B 1 15 ? 8.963   15.115  9.974   1.00 17.26 ? 15  ILE B N   1 
ATOM   877  C CA  . ILE B 1 15 ? 9.949   14.135  10.361  1.00 19.90 ? 15  ILE B CA  1 
ATOM   878  C C   . ILE B 1 15 ? 11.144  14.901  10.888  1.00 22.65 ? 15  ILE B C   1 
ATOM   879  O O   . ILE B 1 15 ? 11.817  15.596  10.133  1.00 22.82 ? 15  ILE B O   1 
ATOM   880  C CB  . ILE B 1 15 ? 10.311  13.280  9.155   1.00 19.43 ? 15  ILE B CB  1 
ATOM   881  C CG1 . ILE B 1 15 ? 9.052   12.513  8.720   1.00 19.78 ? 15  ILE B CG1 1 
ATOM   882  C CG2 . ILE B 1 15 ? 11.458  12.378  9.483   1.00 17.70 ? 15  ILE B CG2 1 
ATOM   883  C CD1 . ILE B 1 15 ? 9.224   11.719  7.515   1.00 25.21 ? 15  ILE B CD1 1 
ATOM   884  N N   . GLU B 1 16 ? 11.356  14.818  12.205  1.00 25.52 ? 16  GLU B N   1 
ATOM   885  C CA  . GLU B 1 16 ? 12.431  15.535  12.891  1.00 24.97 ? 16  GLU B CA  1 
ATOM   886  C C   . GLU B 1 16 ? 12.291  17.000  12.521  1.00 25.44 ? 16  GLU B C   1 
ATOM   887  O O   . GLU B 1 16 ? 13.254  17.644  12.106  1.00 26.54 ? 16  GLU B O   1 
ATOM   888  C CB  . GLU B 1 16 ? 13.809  15.002  12.478  1.00 25.41 ? 16  GLU B CB  1 
ATOM   889  C CG  . GLU B 1 16 ? 14.132  13.598  13.008  1.00 24.63 ? 16  GLU B CG  1 
ATOM   890  C CD  . GLU B 1 16 ? 14.195  13.539  14.525  1.00 28.49 ? 16  GLU B CD  1 
ATOM   891  O OE1 . GLU B 1 16 ? 14.381  14.590  15.162  1.00 36.59 ? 16  GLU B OE1 1 
ATOM   892  O OE2 . GLU B 1 16 ? 14.073  12.443  15.101  1.00 33.93 ? 16  GLU B OE2 1 
ATOM   893  N N   . GLY B 1 17 ? 11.049  17.461  12.494  1.00 23.79 ? 17  GLY B N   1 
ATOM   894  C CA  . GLY B 1 17 ? 10.786  18.850  12.170  1.00 28.71 ? 17  GLY B CA  1 
ATOM   895  C C   . GLY B 1 17 ? 10.555  19.296  10.730  1.00 29.81 ? 17  GLY B C   1 
ATOM   896  O O   . GLY B 1 17 ? 10.059  20.400  10.526  1.00 31.96 ? 17  GLY B O   1 
ATOM   897  N N   . GLN B 1 18 ? 10.956  18.487  9.748   1.00 31.05 ? 18  GLN B N   1 
ATOM   898  C CA  . GLN B 1 18 ? 10.774  18.800  8.323   1.00 31.31 ? 18  GLN B CA  1 
ATOM   899  C C   . GLN B 1 18 ? 9.404   18.332  7.793   1.00 28.77 ? 18  GLN B C   1 
ATOM   900  O O   . GLN B 1 18 ? 9.026   17.193  8.019   1.00 26.30 ? 18  GLN B O   1 
ATOM   901  C CB  . GLN B 1 18 ? 11.846  18.074  7.502   1.00 36.82 ? 18  GLN B CB  1 
ATOM   902  C CG  . GLN B 1 18 ? 13.217  18.717  7.478   1.00 52.93 ? 18  GLN B CG  1 
ATOM   903  C CD  . GLN B 1 18 ? 14.105  18.106  6.398   1.00 61.71 ? 18  GLN B CD  1 
ATOM   904  O OE1 . GLN B 1 18 ? 14.329  18.708  5.342   1.00 68.59 ? 18  GLN B OE1 1 
ATOM   905  N NE2 . GLN B 1 18 ? 14.619  16.914  6.659   1.00 59.57 ? 18  GLN B NE2 1 
ATOM   906  N N   . PRO B 1 19 ? 8.638   19.208  7.113   1.00 28.40 ? 19  PRO B N   1 
ATOM   907  C CA  . PRO B 1 19 ? 7.328   18.816  6.570   1.00 28.16 ? 19  PRO B CA  1 
ATOM   908  C C   . PRO B 1 19 ? 7.550   18.008  5.297   1.00 27.39 ? 19  PRO B C   1 
ATOM   909  O O   . PRO B 1 19 ? 8.393   18.357  4.486   1.00 27.46 ? 19  PRO B O   1 
ATOM   910  C CB  . PRO B 1 19 ? 6.674   20.162  6.251   1.00 31.36 ? 19  PRO B CB  1 
ATOM   911  C CG  . PRO B 1 19 ? 7.837   21.007  5.834   1.00 29.97 ? 19  PRO B CG  1 
ATOM   912  C CD  . PRO B 1 19 ? 8.857   20.653  6.919   1.00 32.61 ? 19  PRO B CD  1 
ATOM   913  N N   . VAL B 1 20 ? 6.815   16.913  5.135   1.00 30.03 ? 20  VAL B N   1 
ATOM   914  C CA  . VAL B 1 20 ? 6.949   16.042  3.962   1.00 28.04 ? 20  VAL B CA  1 
ATOM   915  C C   . VAL B 1 20 ? 5.564   15.435  3.664   1.00 26.11 ? 20  VAL B C   1 
ATOM   916  O O   . VAL B 1 20 ? 4.776   15.200  4.588   1.00 23.55 ? 20  VAL B O   1 
ATOM   917  C CB  . VAL B 1 20 ? 8.024   14.930  4.241   1.00 25.44 ? 20  VAL B CB  1 
ATOM   918  C CG1 . VAL B 1 20 ? 7.575   14.022  5.334   1.00 32.80 ? 20  VAL B CG1 1 
ATOM   919  C CG2 . VAL B 1 20 ? 8.304   14.128  3.026   1.00 29.23 ? 20  VAL B CG2 1 
ATOM   920  N N   . GLU B 1 21 ? 5.213   15.275  2.390   1.00 25.16 ? 21  GLU B N   1 
ATOM   921  C CA  . GLU B 1 21 ? 3.916   14.675  2.070   1.00 24.27 ? 21  GLU B CA  1 
ATOM   922  C C   . GLU B 1 21 ? 4.188   13.181  2.042   1.00 23.22 ? 21  GLU B C   1 
ATOM   923  O O   . GLU B 1 21 ? 5.196   12.733  1.469   1.00 22.50 ? 21  GLU B O   1 
ATOM   924  C CB  . GLU B 1 21 ? 3.372   15.121  0.710   1.00 28.76 ? 21  GLU B CB  1 
ATOM   925  C CG  . GLU B 1 21 ? 3.313   16.630  0.493   1.00 48.98 ? 21  GLU B CG  1 
ATOM   926  C CD  . GLU B 1 21 ? 2.549   17.358  1.580   1.00 59.46 ? 21  GLU B CD  1 
ATOM   927  O OE1 . GLU B 1 21 ? 1.524   16.809  2.043   1.00 66.86 ? 21  GLU B OE1 1 
ATOM   928  O OE2 . GLU B 1 21 ? 2.975   18.473  1.970   1.00 60.78 ? 21  GLU B OE2 1 
ATOM   929  N N   . VAL B 1 22 ? 3.337   12.419  2.716   1.00 18.75 ? 22  VAL B N   1 
ATOM   930  C CA  . VAL B 1 22 ? 3.497   10.975  2.767   1.00 17.33 ? 22  VAL B CA  1 
ATOM   931  C C   . VAL B 1 22 ? 2.169   10.266  2.455   1.00 17.74 ? 22  VAL B C   1 
ATOM   932  O O   . VAL B 1 22 ? 1.086   10.763  2.797   1.00 17.69 ? 22  VAL B O   1 
ATOM   933  C CB  . VAL B 1 22 ? 4.036   10.486  4.179   1.00 14.93 ? 22  VAL B CB  1 
ATOM   934  C CG1 . VAL B 1 22 ? 5.367   11.133  4.493   1.00 13.83 ? 22  VAL B CG1 1 
ATOM   935  C CG2 . VAL B 1 22 ? 3.028   10.775  5.295   1.00 11.97 ? 22  VAL B CG2 1 
ATOM   936  N N   . LEU B 1 23 ? 2.282   9.094   1.840   1.00 15.46 ? 23  LEU B N   1 
ATOM   937  C CA  . LEU B 1 23 ? 1.156   8.251   1.488   1.00 13.31 ? 23  LEU B CA  1 
ATOM   938  C C   . LEU B 1 23 ? 0.942   7.219   2.620   1.00 13.55 ? 23  LEU B C   1 
ATOM   939  O O   . LEU B 1 23 ? 1.879   6.502   2.967   1.00 13.77 ? 23  LEU B O   1 
ATOM   940  C CB  . LEU B 1 23 ? 1.505   7.516   0.179   1.00 13.41 ? 23  LEU B CB  1 
ATOM   941  C CG  . LEU B 1 23 ? 0.599   6.392   -0.353  1.00 11.57 ? 23  LEU B CG  1 
ATOM   942  C CD1 . LEU B 1 23 ? -0.801  6.921   -0.584  1.00 8.70  ? 23  LEU B CD1 1 
ATOM   943  C CD2 . LEU B 1 23 ? 1.164   5.826   -1.632  1.00 9.18  ? 23  LEU B CD2 1 
ATOM   944  N N   . LEU B 1 24 ? -0.256  7.166   3.215   1.00 14.86 ? 24  LEU B N   1 
ATOM   945  C CA  . LEU B 1 24 ? -0.579  6.178   4.281   1.00 14.04 ? 24  LEU B CA  1 
ATOM   946  C C   . LEU B 1 24 ? -0.794  4.826   3.568   1.00 14.69 ? 24  LEU B C   1 
ATOM   947  O O   . LEU B 1 24 ? -1.752  4.625   2.800   1.00 14.88 ? 24  LEU B O   1 
ATOM   948  C CB  . LEU B 1 24 ? -1.803  6.626   5.075   1.00 13.61 ? 24  LEU B CB  1 
ATOM   949  C CG  . LEU B 1 24 ? -1.631  8.029   5.689   1.00 20.52 ? 24  LEU B CG  1 
ATOM   950  C CD1 . LEU B 1 24 ? -2.804  8.339   6.594   1.00 21.06 ? 24  LEU B CD1 1 
ATOM   951  C CD2 . LEU B 1 24 ? -0.319  8.129   6.503   1.00 10.74 ? 24  LEU B CD2 1 
ATOM   952  N N   . ASP B 1 25 ? 0.069   3.874   3.879   1.00 11.65 ? 25  ASP B N   1 
ATOM   953  C CA  . ASP B 1 25 ? 0.064   2.647   3.131   1.00 11.50 ? 25  ASP B CA  1 
ATOM   954  C C   . ASP B 1 25 ? -0.009  1.324   3.888   1.00 13.28 ? 25  ASP B C   1 
ATOM   955  O O   . ASP B 1 25 ? 1.021   0.784   4.348   1.00 15.31 ? 25  ASP B O   1 
ATOM   956  C CB  . ASP B 1 25 ? 1.333   2.744   2.281   1.00 14.48 ? 25  ASP B CB  1 
ATOM   957  C CG  . ASP B 1 25 ? 1.494   1.622   1.298   1.00 18.62 ? 25  ASP B CG  1 
ATOM   958  O OD1 . ASP B 1 25 ? 0.636   0.734   1.207   1.00 25.46 ? 25  ASP B OD1 1 
ATOM   959  O OD2 . ASP B 1 25 ? 2.528   1.635   0.613   1.00 20.90 ? 25  ASP B OD2 1 
ATOM   960  N N   . THR B 1 26 ? -1.207  0.745   3.918   1.00 11.47 ? 26  THR B N   1 
ATOM   961  C CA  . THR B 1 26 ? -1.437  -0.552  4.567   1.00 10.03 ? 26  THR B CA  1 
ATOM   962  C C   . THR B 1 26 ? -0.759  -1.716  3.818   1.00 11.97 ? 26  THR B C   1 
ATOM   963  O O   . THR B 1 26 ? -0.591  -2.815  4.383   1.00 11.23 ? 26  THR B O   1 
ATOM   964  C CB  . THR B 1 26 ? -2.944  -0.854  4.695   1.00 18.81 ? 26  THR B CB  1 
ATOM   965  O OG1 . THR B 1 26 ? -3.553  -0.921  3.382   1.00 12.27 ? 26  THR B OG1 1 
ATOM   966  C CG2 . THR B 1 26 ? -3.618  0.232   5.561   1.00 8.41  ? 26  THR B CG2 1 
ATOM   967  N N   . GLY B 1 27 ? -0.360  -1.486  2.562   1.00 10.28 ? 27  GLY B N   1 
ATOM   968  C CA  . GLY B 1 27 ? 0.304   -2.531  1.789   1.00 8.95  ? 27  GLY B CA  1 
ATOM   969  C C   . GLY B 1 27 ? 1.803   -2.469  1.974   1.00 12.36 ? 27  GLY B C   1 
ATOM   970  O O   . GLY B 1 27 ? 2.539   -3.204  1.310   1.00 11.49 ? 27  GLY B O   1 
ATOM   971  N N   . ALA B 1 28 ? 2.262   -1.603  2.880   1.00 11.71 ? 28  ALA B N   1 
ATOM   972  C CA  . ALA B 1 28 ? 3.693   -1.467  3.122   1.00 11.28 ? 28  ALA B CA  1 
ATOM   973  C C   . ALA B 1 28 ? 4.103   -1.925  4.523   1.00 13.24 ? 28  ALA B C   1 
ATOM   974  O O   . ALA B 1 28 ? 3.471   -1.560  5.516   1.00 13.25 ? 28  ALA B O   1 
ATOM   975  C CB  . ALA B 1 28 ? 4.112   -0.020  2.902   1.00 11.32 ? 28  ALA B CB  1 
ATOM   976  N N   . ASP B 1 29 ? 5.156   -2.727  4.619   1.00 13.35 ? 29  ASP B N   1 
ATOM   977  C CA  . ASP B 1 29 ? 5.600   -3.180  5.940   1.00 15.34 ? 29  ASP B CA  1 
ATOM   978  C C   . ASP B 1 29 ? 6.406   -2.094  6.643   1.00 15.36 ? 29  ASP B C   1 
ATOM   979  O O   . ASP B 1 29 ? 6.296   -1.911  7.856   1.00 16.72 ? 29  ASP B O   1 
ATOM   980  C CB  . ASP B 1 29 ? 6.485   -4.415  5.820   1.00 13.72 ? 29  ASP B CB  1 
ATOM   981  C CG  . ASP B 1 29 ? 5.756   -5.628  5.250   1.00 16.23 ? 29  ASP B CG  1 
ATOM   982  O OD1 . ASP B 1 29 ? 4.515   -5.754  5.363   1.00 19.93 ? 29  ASP B OD1 1 
ATOM   983  O OD2 . ASP B 1 29 ? 6.459   -6.494  4.717   1.00 20.89 ? 29  ASP B OD2 1 
ATOM   984  N N   . ASP B 1 30 ? 7.192   -1.365  5.850   1.00 14.94 ? 30  ASP B N   1 
ATOM   985  C CA  . ASP B 1 30 ? 8.100   -0.303  6.321   1.00 15.54 ? 30  ASP B CA  1 
ATOM   986  C C   . ASP B 1 30 ? 7.703   1.057   5.776   1.00 13.81 ? 30  ASP B C   1 
ATOM   987  O O   . ASP B 1 30 ? 6.863   1.162   4.889   1.00 11.76 ? 30  ASP B O   1 
ATOM   988  C CB  . ASP B 1 30 ? 9.524   -0.578  5.806   1.00 19.84 ? 30  ASP B CB  1 
ATOM   989  C CG  . ASP B 1 30 ? 9.964   -1.997  6.059   1.00 25.03 ? 30  ASP B CG  1 
ATOM   990  O OD1 . ASP B 1 30 ? 9.961   -2.419  7.232   1.00 31.63 ? 30  ASP B OD1 1 
ATOM   991  O OD2 . ASP B 1 30 ? 10.275  -2.696  5.083   1.00 26.71 ? 30  ASP B OD2 1 
ATOM   992  N N   . SER B 1 31 ? 8.416   2.061   6.241   1.00 11.02 ? 31  SER B N   1 
ATOM   993  C CA  . SER B 1 31 ? 8.206   3.435   5.846   1.00 13.74 ? 31  SER B CA  1 
ATOM   994  C C   . SER B 1 31 ? 9.468   3.899   5.096   1.00 14.01 ? 31  SER B C   1 
ATOM   995  O O   . SER B 1 31 ? 10.589  3.650   5.520   1.00 15.45 ? 31  SER B O   1 
ATOM   996  C CB  . SER B 1 31 ? 7.937   4.289   7.098   1.00 10.74 ? 31  SER B CB  1 
ATOM   997  O OG  . SER B 1 31 ? 6.846   3.748   7.824   1.00 11.82 ? 31  SER B OG  1 
ATOM   998  N N   . ILE B 1 32 ? 9.280   4.539   3.961   1.00 14.26 ? 32  ILE B N   1 
ATOM   999  C CA  . ILE B 1 32 ? 10.404  4.973   3.167   1.00 16.30 ? 32  ILE B CA  1 
ATOM   1000 C C   . ILE B 1 32 ? 10.150  6.402   2.715   1.00 16.08 ? 32  ILE B C   1 
ATOM   1001 O O   . ILE B 1 32 ? 9.149   6.688   2.077   1.00 18.33 ? 32  ILE B O   1 
ATOM   1002 C CB  . ILE B 1 32 ? 10.589  4.051   1.946   1.00 19.09 ? 32  ILE B CB  1 
ATOM   1003 C CG1 . ILE B 1 32 ? 10.563  2.602   2.411   1.00 22.35 ? 32  ILE B CG1 1 
ATOM   1004 C CG2 . ILE B 1 32 ? 11.915  4.350   1.222   1.00 9.81  ? 32  ILE B CG2 1 
ATOM   1005 C CD1 . ILE B 1 32 ? 10.781  1.629   1.305   1.00 30.18 ? 32  ILE B CD1 1 
ATOM   1006 N N   . VAL B 1 33 ? 11.102  7.276   3.025   1.00 17.94 ? 33  VAL B N   1 
ATOM   1007 C CA  . VAL B 1 33 ? 11.042  8.691   2.712   1.00 18.84 ? 33  VAL B CA  1 
ATOM   1008 C C   . VAL B 1 33 ? 12.275  9.088   1.893   1.00 20.94 ? 33  VAL B C   1 
ATOM   1009 O O   . VAL B 1 33 ? 13.336  8.464   1.993   1.00 23.75 ? 33  VAL B O   1 
ATOM   1010 C CB  . VAL B 1 33 ? 10.945  9.508   4.042   1.00 19.43 ? 33  VAL B CB  1 
ATOM   1011 C CG1 . VAL B 1 33 ? 11.019  10.973  3.793   1.00 26.07 ? 33  VAL B CG1 1 
ATOM   1012 C CG2 . VAL B 1 33 ? 9.612   9.233   4.692   1.00 23.40 ? 33  VAL B CG2 1 
ATOM   1013 N N   . ALA B 1 34 ? 12.129  10.067  1.019   1.00 20.80 ? 34  ALA B N   1 
ATOM   1014 C CA  . ALA B 1 34 ? 13.261  10.505  0.231   1.00 20.37 ? 34  ALA B CA  1 
ATOM   1015 C C   . ALA B 1 34 ? 13.575  11.924  0.636   1.00 22.87 ? 34  ALA B C   1 
ATOM   1016 O O   . ALA B 1 34 ? 12.719  12.619  1.173   1.00 22.79 ? 34  ALA B O   1 
ATOM   1017 C CB  . ALA B 1 34 ? 12.918  10.439  -1.234  1.00 14.68 ? 34  ALA B CB  1 
ATOM   1018 N N   . GLY B 1 35 ? 14.820  12.340  0.439   1.00 26.27 ? 35  GLY B N   1 
ATOM   1019 C CA  . GLY B 1 35 ? 15.205  13.716  0.743   1.00 29.28 ? 35  GLY B CA  1 
ATOM   1020 C C   . GLY B 1 35 ? 15.297  14.214  2.173   1.00 30.61 ? 35  GLY B C   1 
ATOM   1021 O O   . GLY B 1 35 ? 14.998  15.377  2.454   1.00 32.53 ? 35  GLY B O   1 
ATOM   1022 N N   . ILE B 1 36 ? 15.735  13.352  3.072   1.00 30.13 ? 36  ILE B N   1 
ATOM   1023 C CA  . ILE B 1 36 ? 15.874  13.700  4.477   1.00 31.35 ? 36  ILE B CA  1 
ATOM   1024 C C   . ILE B 1 36 ? 17.268  13.179  4.785   1.00 30.44 ? 36  ILE B C   1 
ATOM   1025 O O   . ILE B 1 36 ? 17.592  12.041  4.441   1.00 30.92 ? 36  ILE B O   1 
ATOM   1026 C CB  . ILE B 1 36 ? 14.821  12.939  5.344   1.00 34.95 ? 36  ILE B CB  1 
ATOM   1027 C CG1 . ILE B 1 36 ? 13.411  13.306  4.893   1.00 41.84 ? 36  ILE B CG1 1 
ATOM   1028 C CG2 . ILE B 1 36 ? 14.942  13.323  6.808   1.00 34.53 ? 36  ILE B CG2 1 
ATOM   1029 C CD1 . ILE B 1 36 ? 13.063  14.772  5.045   1.00 45.07 ? 36  ILE B CD1 1 
ATOM   1030 N N   . GLU B 1 37 ? 18.120  14.011  5.360   1.00 29.13 ? 37  GLU B N   1 
ATOM   1031 C CA  . GLU B 1 37 ? 19.467  13.569  5.671   1.00 26.83 ? 37  GLU B CA  1 
ATOM   1032 C C   . GLU B 1 37 ? 19.521  13.399  7.155   1.00 24.81 ? 37  GLU B C   1 
ATOM   1033 O O   . GLU B 1 37 ? 19.545  14.375  7.878   1.00 25.39 ? 37  GLU B O   1 
ATOM   1034 C CB  . GLU B 1 37 ? 20.470  14.601  5.202   1.00 30.91 ? 37  GLU B CB  1 
ATOM   1035 C CG  . GLU B 1 37 ? 20.573  14.679  3.691   1.00 37.81 ? 37  GLU B CG  1 
ATOM   1036 C CD  . GLU B 1 37 ? 21.625  15.666  3.240   1.00 51.59 ? 37  GLU B CD  1 
ATOM   1037 O OE1 . GLU B 1 37 ? 21.804  16.713  3.922   1.00 53.28 ? 37  GLU B OE1 1 
ATOM   1038 O OE2 . GLU B 1 37 ? 22.273  15.391  2.200   1.00 57.66 ? 37  GLU B OE2 1 
ATOM   1039 N N   . LEU B 1 38 ? 19.516  12.151  7.612   1.00 23.61 ? 38  LEU B N   1 
ATOM   1040 C CA  . LEU B 1 38 ? 19.510  11.878  9.046   1.00 18.01 ? 38  LEU B CA  1 
ATOM   1041 C C   . LEU B 1 38 ? 20.856  11.450  9.651   1.00 17.13 ? 38  LEU B C   1 
ATOM   1042 O O   . LEU B 1 38 ? 20.911  11.092  10.827  1.00 14.22 ? 38  LEU B O   1 
ATOM   1043 C CB  . LEU B 1 38 ? 18.414  10.844  9.377   1.00 17.38 ? 38  LEU B CB  1 
ATOM   1044 C CG  . LEU B 1 38 ? 16.961  11.235  9.101   1.00 20.23 ? 38  LEU B CG  1 
ATOM   1045 C CD1 . LEU B 1 38 ? 16.078  10.010  9.133   1.00 17.45 ? 38  LEU B CD1 1 
ATOM   1046 C CD2 . LEU B 1 38 ? 16.463  12.274  10.126  1.00 16.62 ? 38  LEU B CD2 1 
ATOM   1047 N N   . GLY B 1 39 ? 21.933  11.503  8.871   1.00 13.94 ? 39  GLY B N   1 
ATOM   1048 C CA  . GLY B 1 39 ? 23.207  11.118  9.425   1.00 15.82 ? 39  GLY B CA  1 
ATOM   1049 C C   . GLY B 1 39 ? 23.674  9.710   9.048   1.00 16.18 ? 39  GLY B C   1 
ATOM   1050 O O   . GLY B 1 39 ? 23.006  8.987   8.316   1.00 14.91 ? 39  GLY B O   1 
ATOM   1051 N N   . ASN B 1 40 ? 24.799  9.294   9.616   1.00 14.65 ? 40  ASN B N   1 
ATOM   1052 C CA  . ASN B 1 40 ? 25.352  8.012   9.252   1.00 15.68 ? 40  ASN B CA  1 
ATOM   1053 C C   . ASN B 1 40 ? 25.072  6.843   10.189  1.00 15.89 ? 40  ASN B C   1 
ATOM   1054 O O   . ASN B 1 40 ? 25.620  5.765   9.984   1.00 16.29 ? 40  ASN B O   1 
ATOM   1055 C CB  . ASN B 1 40 ? 26.854  8.138   8.950   1.00 13.60 ? 40  ASN B CB  1 
ATOM   1056 C CG  . ASN B 1 40 ? 27.682  8.479   10.192  1.00 24.59 ? 40  ASN B CG  1 
ATOM   1057 O OD1 . ASN B 1 40 ? 27.246  8.297   11.335  1.00 24.78 ? 40  ASN B OD1 1 
ATOM   1058 N ND2 . ASN B 1 40 ? 28.880  8.990   9.966   1.00 27.96 ? 40  ASN B ND2 1 
ATOM   1059 N N   . ASN B 1 41 ? 24.194  7.014   11.172  1.00 14.87 ? 41  ASN B N   1 
ATOM   1060 C CA  . ASN B 1 41 ? 23.906  5.893   12.049  1.00 14.16 ? 41  ASN B CA  1 
ATOM   1061 C C   . ASN B 1 41 ? 22.671  5.155   11.569  1.00 13.68 ? 41  ASN B C   1 
ATOM   1062 O O   . ASN B 1 41 ? 21.618  5.228   12.185  1.00 14.62 ? 41  ASN B O   1 
ATOM   1063 C CB  . ASN B 1 41 ? 23.698  6.337   13.502  1.00 17.27 ? 41  ASN B CB  1 
ATOM   1064 C CG  . ASN B 1 41 ? 23.582  5.153   14.471  1.00 23.02 ? 41  ASN B CG  1 
ATOM   1065 O OD1 . ASN B 1 41 ? 23.047  5.276   15.569  1.00 29.21 ? 41  ASN B OD1 1 
ATOM   1066 N ND2 . ASN B 1 41 ? 24.125  4.022   14.085  1.00 21.99 ? 41  ASN B ND2 1 
ATOM   1067 N N   . TYR B 1 42 ? 22.818  4.351   10.535  1.00 14.17 ? 42  TYR B N   1 
ATOM   1068 C CA  . TYR B 1 42 ? 21.685  3.614   9.979   1.00 14.22 ? 42  TYR B CA  1 
ATOM   1069 C C   . TYR B 1 42 ? 22.101  2.206   9.683   1.00 13.60 ? 42  TYR B C   1 
ATOM   1070 O O   . TYR B 1 42 ? 23.281  1.887   9.703   1.00 13.45 ? 42  TYR B O   1 
ATOM   1071 C CB  . TYR B 1 42 ? 21.261  4.258   8.659   1.00 7.84  ? 42  TYR B CB  1 
ATOM   1072 C CG  . TYR B 1 42 ? 22.366  4.293   7.620   1.00 11.58 ? 42  TYR B CG  1 
ATOM   1073 C CD1 . TYR B 1 42 ? 22.580  3.201   6.761   1.00 16.87 ? 42  TYR B CD1 1 
ATOM   1074 C CD2 . TYR B 1 42 ? 23.211  5.400   7.502   1.00 11.47 ? 42  TYR B CD2 1 
ATOM   1075 C CE1 . TYR B 1 42 ? 23.608  3.210   5.812   1.00 13.84 ? 42  TYR B CE1 1 
ATOM   1076 C CE2 . TYR B 1 42 ? 24.237  5.426   6.564   1.00 13.15 ? 42  TYR B CE2 1 
ATOM   1077 C CZ  . TYR B 1 42 ? 24.434  4.326   5.719   1.00 19.94 ? 42  TYR B CZ  1 
ATOM   1078 O OH  . TYR B 1 42 ? 25.459  4.344   4.784   1.00 18.22 ? 42  TYR B OH  1 
ATOM   1079 N N   . SER B 1 43 ? 21.139  1.367   9.345   1.00 15.69 ? 43  SER B N   1 
ATOM   1080 C CA  . SER B 1 43 ? 21.495  0.015   8.970   1.00 17.58 ? 43  SER B CA  1 
ATOM   1081 C C   . SER B 1 43 ? 21.114  -0.104  7.507   1.00 17.61 ? 43  SER B C   1 
ATOM   1082 O O   . SER B 1 43 ? 20.018  0.318   7.103   1.00 17.05 ? 43  SER B O   1 
ATOM   1083 C CB  . SER B 1 43 ? 20.730  -1.038  9.780   1.00 24.31 ? 43  SER B CB  1 
ATOM   1084 O OG  . SER B 1 43 ? 20.860  -0.843  11.178  1.00 35.66 ? 43  SER B OG  1 
ATOM   1085 N N   . PRO B 1 44 ? 22.020  -0.629  6.683   1.00 16.37 ? 44  PRO B N   1 
ATOM   1086 C CA  . PRO B 1 44 ? 21.735  -0.795  5.254   1.00 16.28 ? 44  PRO B CA  1 
ATOM   1087 C C   . PRO B 1 44 ? 20.673  -1.901  5.101   1.00 19.05 ? 44  PRO B C   1 
ATOM   1088 O O   . PRO B 1 44 ? 20.730  -2.909  5.798   1.00 18.90 ? 44  PRO B O   1 
ATOM   1089 C CB  . PRO B 1 44 ? 23.084  -1.237  4.700   1.00 16.56 ? 44  PRO B CB  1 
ATOM   1090 C CG  . PRO B 1 44 ? 24.095  -0.667  5.720   1.00 19.32 ? 44  PRO B CG  1 
ATOM   1091 C CD  . PRO B 1 44 ? 23.413  -0.972  7.003   1.00 11.73 ? 44  PRO B CD  1 
ATOM   1092 N N   . LYS B 1 45 ? 19.671  -1.682  4.260   1.00 20.45 ? 45  LYS B N   1 
ATOM   1093 C CA  . LYS B 1 45 ? 18.619  -2.676  4.051   1.00 19.53 ? 45  LYS B CA  1 
ATOM   1094 C C   . LYS B 1 45 ? 18.291  -2.687  2.576   1.00 20.66 ? 45  LYS B C   1 
ATOM   1095 O O   . LYS B 1 45 ? 18.728  -1.826  1.821   1.00 19.37 ? 45  LYS B O   1 
ATOM   1096 C CB  . LYS B 1 45 ? 17.330  -2.275  4.785   1.00 17.37 ? 45  LYS B CB  1 
ATOM   1097 C CG  . LYS B 1 45 ? 17.400  -2.266  6.283   1.00 23.67 ? 45  LYS B CG  1 
ATOM   1098 C CD  . LYS B 1 45 ? 17.433  -3.674  6.820   1.00 33.13 ? 45  LYS B CD  1 
ATOM   1099 C CE  . LYS B 1 45 ? 16.847  -3.750  8.227   1.00 38.61 ? 45  LYS B CE  1 
ATOM   1100 N NZ  . LYS B 1 45 ? 17.792  -3.199  9.222   1.00 50.57 ? 45  LYS B NZ  1 
ATOM   1101 N N   . ILE B 1 46 ? 17.496  -3.662  2.177   1.00 21.68 ? 46  ILE B N   1 
ATOM   1102 C CA  . ILE B 1 46 ? 17.019  -3.759  0.814   1.00 22.80 ? 46  ILE B CA  1 
ATOM   1103 C C   . ILE B 1 46 ? 15.516  -3.943  0.972   1.00 24.49 ? 46  ILE B C   1 
ATOM   1104 O O   . ILE B 1 46 ? 15.059  -4.623  1.886   1.00 27.08 ? 46  ILE B O   1 
ATOM   1105 C CB  . ILE B 1 46 ? 17.671  -4.931  0.063   1.00 25.64 ? 46  ILE B CB  1 
ATOM   1106 C CG1 . ILE B 1 46 ? 19.071  -4.505  -0.386  1.00 29.09 ? 46  ILE B CG1 1 
ATOM   1107 C CG2 . ILE B 1 46 ? 16.844  -5.314  -1.155  1.00 28.89 ? 46  ILE B CG2 1 
ATOM   1108 C CD1 . ILE B 1 46 ? 19.826  -5.548  -1.145  1.00 38.96 ? 46  ILE B CD1 1 
ATOM   1109 N N   . VAL B 1 47 ? 14.739  -3.235  0.176   1.00 24.86 ? 47  VAL B N   1 
ATOM   1110 C CA  . VAL B 1 47 ? 13.304  -3.372  0.264   1.00 22.69 ? 47  VAL B CA  1 
ATOM   1111 C C   . VAL B 1 47 ? 12.811  -3.677  -1.141  1.00 22.91 ? 47  VAL B C   1 
ATOM   1112 O O   . VAL B 1 47 ? 13.352  -3.162  -2.118  1.00 21.61 ? 47  VAL B O   1 
ATOM   1113 C CB  . VAL B 1 47 ? 12.658  -2.076  0.844   1.00 26.54 ? 47  VAL B CB  1 
ATOM   1114 C CG1 . VAL B 1 47 ? 11.140  -2.109  0.700   1.00 26.43 ? 47  VAL B CG1 1 
ATOM   1115 C CG2 . VAL B 1 47 ? 13.021  -1.951  2.336   1.00 27.91 ? 47  VAL B CG2 1 
ATOM   1116 N N   . GLY B 1 48 ? 11.859  -4.601  -1.237  1.00 22.08 ? 48  GLY B N   1 
ATOM   1117 C CA  . GLY B 1 48 ? 11.298  -4.954  -2.525  1.00 19.71 ? 48  GLY B CA  1 
ATOM   1118 C C   . GLY B 1 48 ? 9.832   -4.582  -2.621  1.00 20.92 ? 48  GLY B C   1 
ATOM   1119 O O   . GLY B 1 48 ? 9.131   -4.463  -1.610  1.00 18.03 ? 48  GLY B O   1 
ATOM   1120 N N   . GLY B 1 49 ? 9.409   -4.285  -3.842  1.00 20.00 ? 49  GLY B N   1 
ATOM   1121 C CA  . GLY B 1 49 ? 8.021   -3.960  -4.112  1.00 21.11 ? 49  GLY B CA  1 
ATOM   1122 C C   . GLY B 1 49 ? 7.712   -4.457  -5.519  1.00 20.15 ? 49  GLY B C   1 
ATOM   1123 O O   . GLY B 1 49 ? 8.282   -5.436  -5.991  1.00 18.14 ? 49  GLY B O   1 
ATOM   1124 N N   . ILE B 1 50 ? 6.785   -3.798  -6.182  1.00 21.70 ? 50  ILE B N   1 
ATOM   1125 C CA  . ILE B 1 50 ? 6.431   -4.131  -7.560  1.00 25.14 ? 50  ILE B CA  1 
ATOM   1126 C C   . ILE B 1 50 ? 7.670   -3.661  -8.327  1.00 26.53 ? 50  ILE B C   1 
ATOM   1127 O O   . ILE B 1 50 ? 8.322   -2.693  -7.910  1.00 30.90 ? 50  ILE B O   1 
ATOM   1128 C CB  . ILE B 1 50 ? 5.181   -3.279  -7.987  1.00 22.91 ? 50  ILE B CB  1 
ATOM   1129 C CG1 . ILE B 1 50 ? 3.893   -3.916  -7.472  1.00 23.32 ? 50  ILE B CG1 1 
ATOM   1130 C CG2 . ILE B 1 50 ? 5.178   -2.962  -9.469  1.00 27.59 ? 50  ILE B CG2 1 
ATOM   1131 C CD1 . ILE B 1 50 ? 3.594   -5.257  -8.004  1.00 14.77 ? 50  ILE B CD1 1 
ATOM   1132 N N   . GLY B 1 51 ? 8.072   -4.384  -9.359  1.00 25.84 ? 51  GLY B N   1 
ATOM   1133 C CA  . GLY B 1 51 ? 9.218   -3.950  -10.139 1.00 23.63 ? 51  GLY B CA  1 
ATOM   1134 C C   . GLY B 1 51 ? 10.609  -4.267  -9.638  1.00 23.26 ? 51  GLY B C   1 
ATOM   1135 O O   . GLY B 1 51 ? 11.554  -4.104  -10.383 1.00 25.67 ? 51  GLY B O   1 
ATOM   1136 N N   . GLY B 1 52 ? 10.770  -4.680  -8.389  1.00 25.23 ? 52  GLY B N   1 
ATOM   1137 C CA  . GLY B 1 52 ? 12.115  -4.981  -7.908  1.00 25.46 ? 52  GLY B CA  1 
ATOM   1138 C C   . GLY B 1 52 ? 12.491  -4.509  -6.506  1.00 26.22 ? 52  GLY B C   1 
ATOM   1139 O O   . GLY B 1 52 ? 11.630  -4.261  -5.661  1.00 27.43 ? 52  GLY B O   1 
ATOM   1140 N N   . PHE B 1 53 ? 13.789  -4.299  -6.304  1.00 27.19 ? 53  PHE B N   1 
ATOM   1141 C CA  . PHE B 1 53 ? 14.365  -3.905  -5.013  1.00 25.69 ? 53  PHE B CA  1 
ATOM   1142 C C   . PHE B 1 53 ? 15.116  -2.587  -5.029  1.00 24.96 ? 53  PHE B C   1 
ATOM   1143 O O   . PHE B 1 53 ? 15.601  -2.159  -6.068  1.00 26.87 ? 53  PHE B O   1 
ATOM   1144 C CB  . PHE B 1 53 ? 15.346  -4.995  -4.523  1.00 28.28 ? 53  PHE B CB  1 
ATOM   1145 C CG  . PHE B 1 53 ? 14.677  -6.291  -4.163  1.00 31.16 ? 53  PHE B CG  1 
ATOM   1146 C CD1 . PHE B 1 53 ? 14.343  -7.218  -5.156  1.00 35.41 ? 53  PHE B CD1 1 
ATOM   1147 C CD2 . PHE B 1 53 ? 14.307  -6.551  -2.849  1.00 28.50 ? 53  PHE B CD2 1 
ATOM   1148 C CE1 . PHE B 1 53 ? 13.638  -8.375  -4.841  1.00 34.96 ? 53  PHE B CE1 1 
ATOM   1149 C CE2 . PHE B 1 53 ? 13.603  -7.703  -2.519  1.00 31.38 ? 53  PHE B CE2 1 
ATOM   1150 C CZ  . PHE B 1 53 ? 13.265  -8.618  -3.520  1.00 33.02 ? 53  PHE B CZ  1 
ATOM   1151 N N   . ILE B 1 54 ? 15.209  -1.951  -3.865  1.00 20.85 ? 54  ILE B N   1 
ATOM   1152 C CA  . ILE B 1 54 ? 15.956  -0.715  -3.719  1.00 18.11 ? 54  ILE B CA  1 
ATOM   1153 C C   . ILE B 1 54 ? 16.739  -0.790  -2.405  1.00 19.33 ? 54  ILE B C   1 
ATOM   1154 O O   . ILE B 1 54 ? 16.386  -1.559  -1.489  1.00 21.41 ? 54  ILE B O   1 
ATOM   1155 C CB  . ILE B 1 54 ? 15.065  0.555   -3.728  1.00 19.40 ? 54  ILE B CB  1 
ATOM   1156 C CG1 . ILE B 1 54 ? 14.065  0.554   -2.565  1.00 8.86  ? 54  ILE B CG1 1 
ATOM   1157 C CG2 . ILE B 1 54 ? 14.333  0.700   -5.101  1.00 20.52 ? 54  ILE B CG2 1 
ATOM   1158 C CD1 . ILE B 1 54 ? 13.480  1.937   -2.317  1.00 12.20 ? 54  ILE B CD1 1 
ATOM   1159 N N   . ASN B 1 55 ? 17.854  -0.075  -2.354  1.00 16.66 ? 55  ASN B N   1 
ATOM   1160 C CA  . ASN B 1 55 ? 18.670  -0.035  -1.161  1.00 17.08 ? 55  ASN B CA  1 
ATOM   1161 C C   . ASN B 1 55 ? 18.151  1.088   -0.310  1.00 17.80 ? 55  ASN B C   1 
ATOM   1162 O O   . ASN B 1 55 ? 17.813  2.174   -0.820  1.00 20.52 ? 55  ASN B O   1 
ATOM   1163 C CB  . ASN B 1 55 ? 20.117  0.219   -1.519  1.00 20.33 ? 55  ASN B CB  1 
ATOM   1164 C CG  . ASN B 1 55 ? 20.718  -0.946  -2.238  1.00 24.41 ? 55  ASN B CG  1 
ATOM   1165 O OD1 . ASN B 1 55 ? 20.851  -2.029  -1.683  1.00 33.90 ? 55  ASN B OD1 1 
ATOM   1166 N ND2 . ASN B 1 55 ? 20.994  -0.763  -3.502  1.00 35.59 ? 55  ASN B ND2 1 
ATOM   1167 N N   . THR B 1 56 ? 18.049  0.841   0.978   1.00 13.66 ? 56  THR B N   1 
ATOM   1168 C CA  . THR B 1 56 ? 17.550  1.862   1.868   1.00 16.09 ? 56  THR B CA  1 
ATOM   1169 C C   . THR B 1 56 ? 18.501  1.961   3.056   1.00 16.05 ? 56  THR B C   1 
ATOM   1170 O O   . THR B 1 56 ? 19.369  1.095   3.245   1.00 16.49 ? 56  THR B O   1 
ATOM   1171 C CB  . THR B 1 56 ? 16.166  1.473   2.384   1.00 14.83 ? 56  THR B CB  1 
ATOM   1172 O OG1 . THR B 1 56 ? 16.302  0.267   3.147   1.00 19.22 ? 56  THR B OG1 1 
ATOM   1173 C CG2 . THR B 1 56 ? 15.168  1.244   1.206   1.00 6.26  ? 56  THR B CG2 1 
ATOM   1174 N N   . LYS B 1 57 ? 18.318  3.019   3.842   1.00 15.33 ? 57  LYS B N   1 
ATOM   1175 C CA  . LYS B 1 57 ? 19.088  3.279   5.043   1.00 13.93 ? 57  LYS B CA  1 
ATOM   1176 C C   . LYS B 1 57 ? 18.046  3.398   6.136   1.00 13.44 ? 57  LYS B C   1 
ATOM   1177 O O   . LYS B 1 57 ? 17.192  4.267   6.069   1.00 12.45 ? 57  LYS B O   1 
ATOM   1178 C CB  . LYS B 1 57 ? 19.849  4.592   4.935   1.00 15.86 ? 57  LYS B CB  1 
ATOM   1179 C CG  . LYS B 1 57 ? 20.895  4.593   3.833   1.00 13.62 ? 57  LYS B CG  1 
ATOM   1180 C CD  . LYS B 1 57 ? 21.554  5.943   3.733   1.00 17.14 ? 57  LYS B CD  1 
ATOM   1181 C CE  . LYS B 1 57 ? 22.615  5.952   2.642   1.00 22.32 ? 57  LYS B CE  1 
ATOM   1182 N NZ  . LYS B 1 57 ? 23.309  7.256   2.664   1.00 32.73 ? 57  LYS B NZ  1 
ATOM   1183 N N   . GLU B 1 58 ? 18.098  2.494   7.114   1.00 12.52 ? 58  GLU B N   1 
ATOM   1184 C CA  . GLU B 1 58 ? 17.146  2.486   8.209   1.00 11.32 ? 58  GLU B CA  1 
ATOM   1185 C C   . GLU B 1 58 ? 17.631  3.186   9.471   1.00 10.39 ? 58  GLU B C   1 
ATOM   1186 O O   . GLU B 1 58 ? 18.716  2.891   9.974   1.00 9.72  ? 58  GLU B O   1 
ATOM   1187 C CB  . GLU B 1 58 ? 16.767  1.046   8.525   1.00 10.81 ? 58  GLU B CB  1 
ATOM   1188 C CG  . GLU B 1 58 ? 15.997  0.844   9.824   1.00 20.70 ? 58  GLU B CG  1 
ATOM   1189 C CD  . GLU B 1 58 ? 15.909  -0.620  10.201  1.00 27.32 ? 58  GLU B CD  1 
ATOM   1190 O OE1 . GLU B 1 58 ? 16.818  -1.107  10.904  1.00 33.76 ? 58  GLU B OE1 1 
ATOM   1191 O OE2 . GLU B 1 58 ? 14.948  -1.288  9.774   1.00 32.21 ? 58  GLU B OE2 1 
ATOM   1192 N N   . TYR B 1 59 ? 16.803  4.096   9.979   1.00 10.56 ? 59  TYR B N   1 
ATOM   1193 C CA  . TYR B 1 59 ? 17.070  4.833   11.199  1.00 9.96  ? 59  TYR B CA  1 
ATOM   1194 C C   . TYR B 1 59 ? 15.985  4.466   12.210  1.00 13.52 ? 59  TYR B C   1 
ATOM   1195 O O   . TYR B 1 59 ? 14.806  4.335   11.855  1.00 12.69 ? 59  TYR B O   1 
ATOM   1196 C CB  . TYR B 1 59 ? 16.988  6.338   10.944  1.00 12.83 ? 59  TYR B CB  1 
ATOM   1197 C CG  . TYR B 1 59 ? 17.981  6.832   9.924   1.00 16.51 ? 59  TYR B CG  1 
ATOM   1198 C CD1 . TYR B 1 59 ? 17.696  6.729   8.552   1.00 19.25 ? 59  TYR B CD1 1 
ATOM   1199 C CD2 . TYR B 1 59 ? 19.210  7.369   10.313  1.00 11.52 ? 59  TYR B CD2 1 
ATOM   1200 C CE1 . TYR B 1 59 ? 18.614  7.145   7.580   1.00 18.15 ? 59  TYR B CE1 1 
ATOM   1201 C CE2 . TYR B 1 59 ? 20.143  7.798   9.339   1.00 16.24 ? 59  TYR B CE2 1 
ATOM   1202 C CZ  . TYR B 1 59 ? 19.831  7.678   7.979   1.00 15.89 ? 59  TYR B CZ  1 
ATOM   1203 O OH  . TYR B 1 59 ? 20.721  8.077   7.017   1.00 12.36 ? 59  TYR B OH  1 
ATOM   1204 N N   . LYS B 1 60 ? 16.388  4.323   13.471  1.00 13.84 ? 60  LYS B N   1 
ATOM   1205 C CA  . LYS B 1 60 ? 15.478  3.996   14.558  1.00 15.29 ? 60  LYS B CA  1 
ATOM   1206 C C   . LYS B 1 60 ? 15.190  5.255   15.368  1.00 12.01 ? 60  LYS B C   1 
ATOM   1207 O O   . LYS B 1 60 ? 15.967  6.195   15.335  1.00 12.58 ? 60  LYS B O   1 
ATOM   1208 C CB  . LYS B 1 60 ? 16.154  3.005   15.498  1.00 19.87 ? 60  LYS B CB  1 
ATOM   1209 C CG  . LYS B 1 60 ? 16.592  1.741   14.849  1.00 30.71 ? 60  LYS B CG  1 
ATOM   1210 C CD  . LYS B 1 60 ? 15.669  0.604   15.242  1.00 39.76 ? 60  LYS B CD  1 
ATOM   1211 C CE  . LYS B 1 60 ? 16.219  -0.721  14.731  1.00 39.36 ? 60  LYS B CE  1 
ATOM   1212 N NZ  . LYS B 1 60 ? 15.252  -1.818  14.982  1.00 53.15 ? 60  LYS B NZ  1 
ATOM   1213 N N   . ASN B 1 61 ? 14.039  5.290   16.024  1.00 12.46 ? 61  ASN B N   1 
ATOM   1214 C CA  . ASN B 1 61 ? 13.681  6.388   16.927  1.00 13.93 ? 61  ASN B CA  1 
ATOM   1215 C C   . ASN B 1 61 ? 13.592  7.755   16.319  1.00 15.53 ? 61  ASN B C   1 
ATOM   1216 O O   . ASN B 1 61 ? 13.997  8.755   16.928  1.00 17.45 ? 61  ASN B O   1 
ATOM   1217 C CB  . ASN B 1 61 ? 14.649  6.438   18.128  1.00 14.94 ? 61  ASN B CB  1 
ATOM   1218 C CG  . ASN B 1 61 ? 14.589  5.186   18.982  1.00 20.28 ? 61  ASN B CG  1 
ATOM   1219 O OD1 . ASN B 1 61 ? 13.509  4.666   19.259  1.00 23.17 ? 61  ASN B OD1 1 
ATOM   1220 N ND2 . ASN B 1 61 ? 15.746  4.679   19.380  1.00 27.20 ? 61  ASN B ND2 1 
ATOM   1221 N N   . VAL B 1 62 ? 13.076  7.824   15.112  1.00 15.66 ? 62  VAL B N   1 
ATOM   1222 C CA  . VAL B 1 62 ? 12.940  9.097   14.447  1.00 15.33 ? 62  VAL B CA  1 
ATOM   1223 C C   . VAL B 1 62 ? 11.629  9.755   14.893  1.00 16.24 ? 62  VAL B C   1 
ATOM   1224 O O   . VAL B 1 62 ? 10.610  9.076   15.032  1.00 15.96 ? 62  VAL B O   1 
ATOM   1225 C CB  . VAL B 1 62 ? 12.962  8.885   12.932  1.00 15.08 ? 62  VAL B CB  1 
ATOM   1226 C CG1 . VAL B 1 62 ? 12.781  10.222  12.223  1.00 17.16 ? 62  VAL B CG1 1 
ATOM   1227 C CG2 . VAL B 1 62 ? 14.297  8.253   12.519  1.00 9.15  ? 62  VAL B CG2 1 
ATOM   1228 N N   . GLU B 1 63 ? 11.657  11.071  15.121  1.00 17.81 ? 63  GLU B N   1 
ATOM   1229 C CA  . GLU B 1 63 ? 10.469  11.800  15.553  1.00 19.81 ? 63  GLU B CA  1 
ATOM   1230 C C   . GLU B 1 63 ? 9.538   12.065  14.384  1.00 21.07 ? 63  GLU B C   1 
ATOM   1231 O O   . GLU B 1 63 ? 9.926   12.704  13.406  1.00 21.35 ? 63  GLU B O   1 
ATOM   1232 C CB  . GLU B 1 63 ? 10.833  13.137  16.175  1.00 24.56 ? 63  GLU B CB  1 
ATOM   1233 C CG  . GLU B 1 63 ? 9.612   13.984  16.543  1.00 37.49 ? 63  GLU B CG  1 
ATOM   1234 C CD  . GLU B 1 63 ? 9.913   15.481  16.669  1.00 50.13 ? 63  GLU B CD  1 
ATOM   1235 O OE1 . GLU B 1 63 ? 10.732  16.024  15.887  1.00 56.24 ? 63  GLU B OE1 1 
ATOM   1236 O OE2 . GLU B 1 63 ? 9.317   16.127  17.559  1.00 58.45 ? 63  GLU B OE2 1 
ATOM   1237 N N   . ILE B 1 64 ? 8.297   11.612  14.509  1.00 23.08 ? 64  ILE B N   1 
ATOM   1238 C CA  . ILE B 1 64 ? 7.298   11.806  13.477  1.00 22.88 ? 64  ILE B CA  1 
ATOM   1239 C C   . ILE B 1 64 ? 6.033   12.398  14.082  1.00 24.84 ? 64  ILE B C   1 
ATOM   1240 O O   . ILE B 1 64 ? 5.538   11.934  15.121  1.00 20.87 ? 64  ILE B O   1 
ATOM   1241 C CB  . ILE B 1 64 ? 6.941   10.465  12.760  1.00 22.16 ? 64  ILE B CB  1 
ATOM   1242 C CG1 . ILE B 1 64 ? 8.131   9.991   11.929  1.00 23.87 ? 64  ILE B CG1 1 
ATOM   1243 C CG2 . ILE B 1 64 ? 5.719   10.647  11.852  1.00 17.49 ? 64  ILE B CG2 1 
ATOM   1244 C CD1 . ILE B 1 64 ? 8.595   8.586   12.264  1.00 31.90 ? 64  ILE B CD1 1 
ATOM   1245 N N   . GLU B 1 65 ? 5.549   13.459  13.438  1.00 27.33 ? 65  GLU B N   1 
ATOM   1246 C CA  . GLU B 1 65 ? 4.307   14.128  13.826  1.00 27.41 ? 65  GLU B CA  1 
ATOM   1247 C C   . GLU B 1 65 ? 3.333   14.116  12.635  1.00 25.13 ? 65  GLU B C   1 
ATOM   1248 O O   . GLU B 1 65 ? 3.681   14.549  11.526  1.00 23.84 ? 65  GLU B O   1 
ATOM   1249 C CB  . GLU B 1 65 ? 4.563   15.559  14.247  1.00 28.02 ? 65  GLU B CB  1 
ATOM   1250 C CG  . GLU B 1 65 ? 3.327   16.180  14.844  1.00 42.49 ? 65  GLU B CG  1 
ATOM   1251 C CD  . GLU B 1 65 ? 3.567   17.580  15.338  1.00 54.34 ? 65  GLU B CD  1 
ATOM   1252 O OE1 . GLU B 1 65 ? 4.707   17.881  15.753  1.00 58.80 ? 65  GLU B OE1 1 
ATOM   1253 O OE2 . GLU B 1 65 ? 2.614   18.382  15.309  1.00 64.93 ? 65  GLU B OE2 1 
ATOM   1254 N N   . VAL B 1 66 ? 2.135   13.579  12.867  1.00 23.71 ? 66  VAL B N   1 
ATOM   1255 C CA  . VAL B 1 66 ? 1.108   13.496  11.840  1.00 23.50 ? 66  VAL B CA  1 
ATOM   1256 C C   . VAL B 1 66 ? -0.185  13.908  12.477  1.00 23.08 ? 66  VAL B C   1 
ATOM   1257 O O   . VAL B 1 66 ? -0.638  13.282  13.441  1.00 20.76 ? 66  VAL B O   1 
ATOM   1258 C CB  . VAL B 1 66 ? 0.929   12.049  11.288  1.00 27.04 ? 66  VAL B CB  1 
ATOM   1259 C CG1 . VAL B 1 66 ? -0.139  12.023  10.216  1.00 27.07 ? 66  VAL B CG1 1 
ATOM   1260 C CG2 . VAL B 1 66 ? 2.245   11.525  10.715  1.00 27.49 ? 66  VAL B CG2 1 
ATOM   1261 N N   . LEU B 1 67 ? -0.802  14.939  11.906  1.00 24.53 ? 67  LEU B N   1 
ATOM   1262 C CA  . LEU B 1 67 ? -2.068  15.474  12.403  1.00 27.80 ? 67  LEU B CA  1 
ATOM   1263 C C   . LEU B 1 67 ? -2.033  15.583  13.937  1.00 29.10 ? 67  LEU B C   1 
ATOM   1264 O O   . LEU B 1 67 ? -2.864  15.020  14.659  1.00 29.51 ? 67  LEU B O   1 
ATOM   1265 C CB  . LEU B 1 67 ? -3.270  14.639  11.910  1.00 29.17 ? 67  LEU B CB  1 
ATOM   1266 C CG  . LEU B 1 67 ? -3.608  14.758  10.414  1.00 26.67 ? 67  LEU B CG  1 
ATOM   1267 C CD1 . LEU B 1 67 ? -4.650  13.682  10.038  1.00 23.29 ? 67  LEU B CD1 1 
ATOM   1268 C CD2 . LEU B 1 67 ? -4.064  16.158  10.027  1.00 18.28 ? 67  LEU B CD2 1 
ATOM   1269 N N   . ASN B 1 68 ? -0.997  16.249  14.424  1.00 31.72 ? 68  ASN B N   1 
ATOM   1270 C CA  . ASN B 1 68 ? -0.834  16.460  15.848  1.00 36.29 ? 68  ASN B CA  1 
ATOM   1271 C C   . ASN B 1 68 ? -0.626  15.232  16.719  1.00 34.97 ? 68  ASN B C   1 
ATOM   1272 O O   . ASN B 1 68 ? -1.013  15.237  17.885  1.00 37.37 ? 68  ASN B O   1 
ATOM   1273 C CB  . ASN B 1 68 ? -1.995  17.293  16.404  1.00 43.64 ? 68  ASN B CB  1 
ATOM   1274 C CG  . ASN B 1 68 ? -1.542  18.638  16.896  1.00 51.51 ? 68  ASN B CG  1 
ATOM   1275 O OD1 . ASN B 1 68 ? -1.461  19.594  16.126  1.00 58.71 ? 68  ASN B OD1 1 
ATOM   1276 N ND2 . ASN B 1 68 ? -1.198  18.716  18.180  1.00 61.46 ? 68  ASN B ND2 1 
ATOM   1277 N N   . LYS B 1 69 ? -0.104  14.154  16.157  1.00 32.49 ? 69  LYS B N   1 
ATOM   1278 C CA  . LYS B 1 69 ? 0.204   12.982  16.966  1.00 33.06 ? 69  LYS B CA  1 
ATOM   1279 C C   . LYS B 1 69 ? 1.706   12.874  16.829  1.00 31.38 ? 69  LYS B C   1 
ATOM   1280 O O   . LYS B 1 69 ? 2.246   13.208  15.775  1.00 34.01 ? 69  LYS B O   1 
ATOM   1281 C CB  . LYS B 1 69 ? -0.479  11.727  16.428  1.00 37.19 ? 69  LYS B CB  1 
ATOM   1282 C CG  . LYS B 1 69 ? -1.987  11.809  16.457  1.00 50.64 ? 69  LYS B CG  1 
ATOM   1283 C CD  . LYS B 1 69 ? -2.541  11.587  17.855  1.00 59.07 ? 69  LYS B CD  1 
ATOM   1284 C CE  . LYS B 1 69 ? -2.587  10.111  18.183  1.00 63.47 ? 69  LYS B CE  1 
ATOM   1285 N NZ  . LYS B 1 69 ? -3.643  9.416   17.379  1.00 70.63 ? 69  LYS B NZ  1 
ATOM   1286 N N   . LYS B 1 70 ? 2.395   12.540  17.909  1.00 30.83 ? 70  LYS B N   1 
ATOM   1287 C CA  . LYS B 1 70 ? 3.846   12.401  17.851  1.00 30.15 ? 70  LYS B CA  1 
ATOM   1288 C C   . LYS B 1 70 ? 4.291   11.036  18.304  1.00 28.15 ? 70  LYS B C   1 
ATOM   1289 O O   . LYS B 1 70 ? 4.005   10.649  19.424  1.00 31.37 ? 70  LYS B O   1 
ATOM   1290 C CB  . LYS B 1 70 ? 4.553   13.434  18.730  1.00 32.80 ? 70  LYS B CB  1 
ATOM   1291 C CG  . LYS B 1 70 ? 5.020   14.673  18.004  1.00 41.42 ? 70  LYS B CG  1 
ATOM   1292 C CD  . LYS B 1 70 ? 5.682   15.620  18.987  1.00 54.39 ? 70  LYS B CD  1 
ATOM   1293 C CE  . LYS B 1 70 ? 6.108   16.935  18.334  1.00 61.64 ? 70  LYS B CE  1 
ATOM   1294 N NZ  . LYS B 1 70 ? 6.814   17.877  19.273  1.00 62.77 ? 70  LYS B NZ  1 
ATOM   1295 N N   . VAL B 1 71 ? 5.019   10.333  17.443  1.00 26.14 ? 71  VAL B N   1 
ATOM   1296 C CA  . VAL B 1 71 ? 5.560   9.014   17.766  1.00 22.33 ? 71  VAL B CA  1 
ATOM   1297 C C   . VAL B 1 71 ? 7.033   9.011   17.347  1.00 21.79 ? 71  VAL B C   1 
ATOM   1298 O O   . VAL B 1 71 ? 7.490   9.950   16.683  1.00 21.50 ? 71  VAL B O   1 
ATOM   1299 C CB  . VAL B 1 71 ? 4.821   7.875   16.992  1.00 20.18 ? 71  VAL B CB  1 
ATOM   1300 C CG1 . VAL B 1 71 ? 3.376   7.770   17.438  1.00 20.52 ? 71  VAL B CG1 1 
ATOM   1301 C CG2 . VAL B 1 71 ? 4.905   8.110   15.485  1.00 7.61  ? 71  VAL B CG2 1 
ATOM   1302 N N   . ARG B 1 72 ? 7.777   8.017   17.808  1.00 20.19 ? 72  ARG B N   1 
ATOM   1303 C CA  . ARG B 1 72 ? 9.178   7.815   17.435  1.00 21.96 ? 72  ARG B CA  1 
ATOM   1304 C C   . ARG B 1 72 ? 9.074   6.474   16.733  1.00 20.29 ? 72  ARG B C   1 
ATOM   1305 O O   . ARG B 1 72 ? 8.463   5.540   17.255  1.00 21.00 ? 72  ARG B O   1 
ATOM   1306 C CB  . ARG B 1 72 ? 10.043  7.655   18.677  1.00 20.71 ? 72  ARG B CB  1 
ATOM   1307 C CG  . ARG B 1 72 ? 10.323  8.957   19.402  1.00 30.41 ? 72  ARG B CG  1 
ATOM   1308 C CD  . ARG B 1 72 ? 11.721  9.454   19.120  1.00 39.13 ? 72  ARG B CD  1 
ATOM   1309 N NE  . ARG B 1 72 ? 11.790  10.870  19.452  1.00 35.58 ? 72  ARG B NE  1 
ATOM   1310 C CZ  . ARG B 1 72 ? 12.734  11.719  19.048  1.00 36.21 ? 72  ARG B CZ  1 
ATOM   1311 N NH1 . ARG B 1 72 ? 13.772  11.337  18.287  1.00 33.72 ? 72  ARG B NH1 1 
ATOM   1312 N NH2 . ARG B 1 72 ? 12.577  13.005  19.345  1.00 41.08 ? 72  ARG B NH2 1 
ATOM   1313 N N   . ALA B 1 73 ? 9.617   6.373   15.533  1.00 18.96 ? 73  ALA B N   1 
ATOM   1314 C CA  . ALA B 1 73 ? 9.481   5.122   14.804  1.00 19.15 ? 73  ALA B CA  1 
ATOM   1315 C C   . ALA B 1 73 ? 10.669  4.889   13.906  1.00 17.91 ? 73  ALA B C   1 
ATOM   1316 O O   . ALA B 1 73 ? 11.540  5.755   13.787  1.00 17.93 ? 73  ALA B O   1 
ATOM   1317 C CB  . ALA B 1 73 ? 8.192   5.171   13.982  1.00 19.18 ? 73  ALA B CB  1 
ATOM   1318 N N   . THR B 1 74 ? 10.717  3.701   13.311  1.00 16.94 ? 74  THR B N   1 
ATOM   1319 C CA  . THR B 1 74 ? 11.775  3.347   12.388  1.00 16.48 ? 74  THR B CA  1 
ATOM   1320 C C   . THR B 1 74 ? 11.398  3.920   11.042  1.00 16.91 ? 74  THR B C   1 
ATOM   1321 O O   . THR B 1 74 ? 10.240  3.883   10.648  1.00 15.97 ? 74  THR B O   1 
ATOM   1322 C CB  . THR B 1 74 ? 11.965  1.848   12.334  1.00 18.59 ? 74  THR B CB  1 
ATOM   1323 O OG1 . THR B 1 74 ? 12.225  1.401   13.669  1.00 20.09 ? 74  THR B OG1 1 
ATOM   1324 C CG2 . THR B 1 74 ? 13.132  1.474   11.400  1.00 12.84 ? 74  THR B CG2 1 
ATOM   1325 N N   . ILE B 1 75 ? 12.373  4.465   10.338  1.00 18.16 ? 75  ILE B N   1 
ATOM   1326 C CA  . ILE B 1 75 ? 12.113  5.094   9.041   1.00 19.26 ? 75  ILE B CA  1 
ATOM   1327 C C   . ILE B 1 75 ? 13.291  4.760   8.125   1.00 18.71 ? 75  ILE B C   1 
ATOM   1328 O O   . ILE B 1 75 ? 14.416  4.589   8.599   1.00 19.37 ? 75  ILE B O   1 
ATOM   1329 C CB  . ILE B 1 75 ? 11.992  6.642   9.256   1.00 19.06 ? 75  ILE B CB  1 
ATOM   1330 C CG1 . ILE B 1 75 ? 10.552  7.106   9.068   1.00 24.11 ? 75  ILE B CG1 1 
ATOM   1331 C CG2 . ILE B 1 75 ? 12.899  7.406   8.320   1.00 16.72 ? 75  ILE B CG2 1 
ATOM   1332 C CD1 . ILE B 1 75 ? 10.250  7.500   7.615   1.00 22.30 ? 75  ILE B CD1 1 
ATOM   1333 N N   . MET B 1 76 ? 13.035  4.615   6.830   1.00 16.04 ? 76  MET B N   1 
ATOM   1334 C CA  . MET B 1 76 ? 14.113  4.327   5.897   1.00 13.61 ? 76  MET B CA  1 
ATOM   1335 C C   . MET B 1 76 ? 14.154  5.443   4.877   1.00 16.15 ? 76  MET B C   1 
ATOM   1336 O O   . MET B 1 76 ? 13.128  6.118   4.641   1.00 15.61 ? 76  MET B O   1 
ATOM   1337 C CB  . MET B 1 76 ? 13.857  3.021   5.156   1.00 12.68 ? 76  MET B CB  1 
ATOM   1338 C CG  . MET B 1 76 ? 13.915  1.795   6.008   1.00 16.88 ? 76  MET B CG  1 
ATOM   1339 S SD  . MET B 1 76 ? 13.546  0.360   4.994   1.00 23.60 ? 76  MET B SD  1 
ATOM   1340 C CE  . MET B 1 76 ? 13.945  -0.916  6.117   1.00 24.85 ? 76  MET B CE  1 
ATOM   1341 N N   . THR B 1 77 ? 15.351  5.743   4.391   1.00 13.33 ? 77  THR B N   1 
ATOM   1342 C CA  . THR B 1 77 ? 15.479  6.724   3.328   1.00 13.92 ? 77  THR B CA  1 
ATOM   1343 C C   . THR B 1 77 ? 15.972  5.920   2.118   1.00 13.69 ? 77  THR B C   1 
ATOM   1344 O O   . THR B 1 77 ? 16.657  4.889   2.254   1.00 13.95 ? 77  THR B O   1 
ATOM   1345 C CB  . THR B 1 77 ? 16.423  7.903   3.656   1.00 11.90 ? 77  THR B CB  1 
ATOM   1346 O OG1 . THR B 1 77 ? 17.781  7.449   3.780   1.00 15.85 ? 77  THR B OG1 1 
ATOM   1347 C CG2 . THR B 1 77 ? 15.978  8.577   4.925   1.00 7.47  ? 77  THR B CG2 1 
ATOM   1348 N N   . GLY B 1 78 ? 15.549  6.337   0.940   1.00 15.61 ? 78  GLY B N   1 
ATOM   1349 C CA  . GLY B 1 78 ? 15.938  5.653   -0.275  1.00 14.15 ? 78  GLY B CA  1 
ATOM   1350 C C   . GLY B 1 78 ? 15.275  6.376   -1.417  1.00 15.70 ? 78  GLY B C   1 
ATOM   1351 O O   . GLY B 1 78 ? 14.407  7.253   -1.222  1.00 17.68 ? 78  GLY B O   1 
ATOM   1352 N N   . ASP B 1 79 ? 15.689  6.029   -2.616  1.00 15.45 ? 79  ASP B N   1 
ATOM   1353 C CA  . ASP B 1 79 ? 15.149  6.657   -3.792  1.00 14.93 ? 79  ASP B CA  1 
ATOM   1354 C C   . ASP B 1 79 ? 13.736  6.139   -4.062  1.00 15.54 ? 79  ASP B C   1 
ATOM   1355 O O   . ASP B 1 79 ? 13.557  5.164   -4.749  1.00 19.13 ? 79  ASP B O   1 
ATOM   1356 C CB  . ASP B 1 79 ? 16.078  6.364   -4.972  1.00 14.46 ? 79  ASP B CB  1 
ATOM   1357 C CG  . ASP B 1 79 ? 15.613  7.018   -6.260  1.00 21.99 ? 79  ASP B CG  1 
ATOM   1358 O OD1 . ASP B 1 79 ? 14.673  7.838   -6.221  1.00 24.27 ? 79  ASP B OD1 1 
ATOM   1359 O OD2 . ASP B 1 79 ? 16.186  6.705   -7.322  1.00 20.29 ? 79  ASP B OD2 1 
ATOM   1360 N N   . THR B 1 80 ? 12.728  6.802   -3.521  1.00 16.68 ? 80  THR B N   1 
ATOM   1361 C CA  . THR B 1 80 ? 11.366  6.383   -3.744  1.00 16.86 ? 80  THR B CA  1 
ATOM   1362 C C   . THR B 1 80 ? 10.637  7.522   -4.438  1.00 22.31 ? 80  THR B C   1 
ATOM   1363 O O   . THR B 1 80 ? 10.871  8.694   -4.134  1.00 20.93 ? 80  THR B O   1 
ATOM   1364 C CB  . THR B 1 80 ? 10.653  6.017   -2.412  1.00 19.74 ? 80  THR B CB  1 
ATOM   1365 O OG1 . THR B 1 80 ? 9.287   5.678   -2.679  1.00 25.16 ? 80  THR B OG1 1 
ATOM   1366 C CG2 . THR B 1 80 ? 10.696  7.180   -1.422  1.00 11.83 ? 80  THR B CG2 1 
ATOM   1367 N N   . PRO B 1 81 ? 9.731   7.197   -5.377  1.00 24.03 ? 81  PRO B N   1 
ATOM   1368 C CA  . PRO B 1 81 ? 8.975   8.224   -6.101  1.00 23.13 ? 81  PRO B CA  1 
ATOM   1369 C C   . PRO B 1 81 ? 7.997   8.912   -5.169  1.00 26.27 ? 81  PRO B C   1 
ATOM   1370 O O   . PRO B 1 81 ? 7.735   10.111  -5.301  1.00 30.65 ? 81  PRO B O   1 
ATOM   1371 C CB  . PRO B 1 81 ? 8.227   7.421   -7.152  1.00 24.04 ? 81  PRO B CB  1 
ATOM   1372 C CG  . PRO B 1 81 ? 8.972   6.099   -7.234  1.00 29.95 ? 81  PRO B CG  1 
ATOM   1373 C CD  . PRO B 1 81 ? 9.356   5.848   -5.828  1.00 26.28 ? 81  PRO B CD  1 
ATOM   1374 N N   . ILE B 1 82 ? 7.475   8.169   -4.197  1.00 25.48 ? 82  ILE B N   1 
ATOM   1375 C CA  . ILE B 1 82 ? 6.525   8.740   -3.247  1.00 22.12 ? 82  ILE B CA  1 
ATOM   1376 C C   . ILE B 1 82 ? 6.963   8.345   -1.841  1.00 18.52 ? 82  ILE B C   1 
ATOM   1377 O O   . ILE B 1 82 ? 7.502   7.262   -1.662  1.00 18.07 ? 82  ILE B O   1 
ATOM   1378 C CB  . ILE B 1 82 ? 5.070   8.187   -3.506  1.00 25.19 ? 82  ILE B CB  1 
ATOM   1379 C CG1 . ILE B 1 82 ? 4.661   8.386   -4.964  1.00 30.37 ? 82  ILE B CG1 1 
ATOM   1380 C CG2 . ILE B 1 82 ? 4.053   8.963   -2.699  1.00 26.88 ? 82  ILE B CG2 1 
ATOM   1381 C CD1 . ILE B 1 82 ? 3.240   7.930   -5.276  1.00 41.92 ? 82  ILE B CD1 1 
ATOM   1382 N N   . ASN B 1 83 ? 6.815   9.242   -0.867  1.00 15.97 ? 83  ASN B N   1 
ATOM   1383 C CA  . ASN B 1 83 ? 7.148   8.906   0.524   1.00 15.88 ? 83  ASN B CA  1 
ATOM   1384 C C   . ASN B 1 83 ? 6.001   8.032   1.093   1.00 15.30 ? 83  ASN B C   1 
ATOM   1385 O O   . ASN B 1 83 ? 4.815   8.331   0.932   1.00 16.92 ? 83  ASN B O   1 
ATOM   1386 C CB  . ASN B 1 83 ? 7.323   10.171  1.359   1.00 16.68 ? 83  ASN B CB  1 
ATOM   1387 C CG  . ASN B 1 83 ? 8.315   11.114  0.757   1.00 20.56 ? 83  ASN B CG  1 
ATOM   1388 O OD1 . ASN B 1 83 ? 9.393   10.700  0.330   1.00 18.19 ? 83  ASN B OD1 1 
ATOM   1389 N ND2 . ASN B 1 83 ? 7.940   12.386  0.649   1.00 16.63 ? 83  ASN B ND2 1 
ATOM   1390 N N   . ILE B 1 84 ? 6.361   6.973   1.791   1.00 14.22 ? 84  ILE B N   1 
ATOM   1391 C CA  . ILE B 1 84 ? 5.394   6.022   2.312   1.00 15.29 ? 84  ILE B CA  1 
ATOM   1392 C C   . ILE B 1 84 ? 5.492   5.814   3.832   1.00 14.25 ? 84  ILE B C   1 
ATOM   1393 O O   . ILE B 1 84 ? 6.595   5.635   4.363   1.00 13.25 ? 84  ILE B O   1 
ATOM   1394 C CB  . ILE B 1 84 ? 5.661   4.573   1.666   1.00 22.41 ? 84  ILE B CB  1 
ATOM   1395 C CG1 . ILE B 1 84 ? 5.516   4.595   0.143   1.00 20.64 ? 84  ILE B CG1 1 
ATOM   1396 C CG2 . ILE B 1 84 ? 4.778   3.480   2.302   1.00 16.47 ? 84  ILE B CG2 1 
ATOM   1397 C CD1 . ILE B 1 84 ? 4.138   4.956   -0.266  1.00 36.00 ? 84  ILE B CD1 1 
ATOM   1398 N N   . PHE B 1 85 ? 4.344   5.834   4.510   1.00 11.23 ? 85  PHE B N   1 
ATOM   1399 C CA  . PHE B 1 85 ? 4.271   5.497   5.924   1.00 10.49 ? 85  PHE B CA  1 
ATOM   1400 C C   . PHE B 1 85 ? 3.554   4.175   5.875   1.00 11.49 ? 85  PHE B C   1 
ATOM   1401 O O   . PHE B 1 85 ? 2.375   4.120   5.484   1.00 11.37 ? 85  PHE B O   1 
ATOM   1402 C CB  . PHE B 1 85 ? 3.467   6.489   6.744   1.00 6.71  ? 85  PHE B CB  1 
ATOM   1403 C CG  . PHE B 1 85 ? 4.287   7.645   7.243   1.00 12.14 ? 85  PHE B CG  1 
ATOM   1404 C CD1 . PHE B 1 85 ? 5.626   7.806   6.819   1.00 14.35 ? 85  PHE B CD1 1 
ATOM   1405 C CD2 . PHE B 1 85 ? 3.735   8.571   8.123   1.00 15.06 ? 85  PHE B CD2 1 
ATOM   1406 C CE1 . PHE B 1 85 ? 6.405   8.871   7.269   1.00 18.00 ? 85  PHE B CE1 1 
ATOM   1407 C CE2 . PHE B 1 85 ? 4.499   9.660   8.592   1.00 21.22 ? 85  PHE B CE2 1 
ATOM   1408 C CZ  . PHE B 1 85 ? 5.841   9.811   8.163   1.00 20.84 ? 85  PHE B CZ  1 
ATOM   1409 N N   . GLY B 1 86 ? 4.298   3.116   6.192   1.00 9.91  ? 86  GLY B N   1 
ATOM   1410 C CA  . GLY B 1 86 ? 3.768   1.770   6.175   1.00 9.00  ? 86  GLY B CA  1 
ATOM   1411 C C   . GLY B 1 86 ? 3.200   1.377   7.524   1.00 9.70  ? 86  GLY B C   1 
ATOM   1412 O O   . GLY B 1 86 ? 3.124   2.219   8.439   1.00 7.17  ? 86  GLY B O   1 
ATOM   1413 N N   . ARG B 1 87 ? 2.840   0.100   7.666   1.00 8.91  ? 87  ARG B N   1 
ATOM   1414 C CA  . ARG B 1 87 ? 2.209   -0.416  8.883   1.00 13.33 ? 87  ARG B CA  1 
ATOM   1415 C C   . ARG B 1 87 ? 2.917   -0.165  10.226  1.00 14.85 ? 87  ARG B C   1 
ATOM   1416 O O   . ARG B 1 87 ? 2.245   0.028   11.245  1.00 16.22 ? 87  ARG B O   1 
ATOM   1417 C CB  . ARG B 1 87 ? 1.853   -1.896  8.731   1.00 9.71  ? 87  ARG B CB  1 
ATOM   1418 C CG  . ARG B 1 87 ? 0.763   -2.222  7.672   1.00 9.38  ? 87  ARG B CG  1 
ATOM   1419 C CD  . ARG B 1 87 ? 0.442   -3.738  7.714   1.00 14.93 ? 87  ARG B CD  1 
ATOM   1420 N NE  . ARG B 1 87 ? 1.612   -4.565  7.406   1.00 8.89  ? 87  ARG B NE  1 
ATOM   1421 C CZ  . ARG B 1 87 ? 2.327   -5.274  8.286   1.00 13.23 ? 87  ARG B CZ  1 
ATOM   1422 N NH1 . ARG B 1 87 ? 2.024   -5.307  9.587   1.00 10.31 ? 87  ARG B NH1 1 
ATOM   1423 N NH2 . ARG B 1 87 ? 3.403   -5.906  7.861   1.00 8.27  ? 87  ARG B NH2 1 
ATOM   1424 N N   . ASN B 1 88 ? 4.246   -0.079  10.231  1.00 14.84 ? 88  ASN B N   1 
ATOM   1425 C CA  . ASN B 1 88 ? 4.946   0.175   11.498  1.00 17.63 ? 88  ASN B CA  1 
ATOM   1426 C C   . ASN B 1 88 ? 4.558   1.541   12.086  1.00 18.43 ? 88  ASN B C   1 
ATOM   1427 O O   . ASN B 1 88 ? 4.407   1.685   13.293  1.00 21.22 ? 88  ASN B O   1 
ATOM   1428 C CB  . ASN B 1 88 ? 6.462   0.049   11.350  1.00 13.83 ? 88  ASN B CB  1 
ATOM   1429 C CG  . ASN B 1 88 ? 7.058   1.177   10.547  1.00 17.78 ? 88  ASN B CG  1 
ATOM   1430 O OD1 . ASN B 1 88 ? 6.620   1.462   9.432   1.00 15.51 ? 88  ASN B OD1 1 
ATOM   1431 N ND2 . ASN B 1 88 ? 8.043   1.840   11.117  1.00 14.09 ? 88  ASN B ND2 1 
ATOM   1432 N N   . ILE B 1 89 ? 4.329   2.524   11.231  1.00 18.69 ? 89  ILE B N   1 
ATOM   1433 C CA  . ILE B 1 89 ? 3.922   3.835   11.704  1.00 16.67 ? 89  ILE B CA  1 
ATOM   1434 C C   . ILE B 1 89 ? 2.401   3.917   11.865  1.00 16.34 ? 89  ILE B C   1 
ATOM   1435 O O   . ILE B 1 89 ? 1.902   4.563   12.784  1.00 17.29 ? 89  ILE B O   1 
ATOM   1436 C CB  . ILE B 1 89 ? 4.435   4.957   10.776  1.00 15.74 ? 89  ILE B CB  1 
ATOM   1437 C CG1 . ILE B 1 89 ? 5.949   5.138   10.963  1.00 12.11 ? 89  ILE B CG1 1 
ATOM   1438 C CG2 . ILE B 1 89 ? 3.723   6.259   11.074  1.00 13.91 ? 89  ILE B CG2 1 
ATOM   1439 C CD1 . ILE B 1 89 ? 6.595   6.129   9.988   1.00 18.32 ? 89  ILE B CD1 1 
ATOM   1440 N N   . LEU B 1 90 ? 1.654   3.248   10.998  1.00 18.63 ? 90  LEU B N   1 
ATOM   1441 C CA  . LEU B 1 90 ? 0.187   3.294   11.124  1.00 15.26 ? 90  LEU B CA  1 
ATOM   1442 C C   . LEU B 1 90 ? -0.263  2.682   12.463  1.00 14.63 ? 90  LEU B C   1 
ATOM   1443 O O   . LEU B 1 90 ? -1.172  3.216   13.116  1.00 15.28 ? 90  LEU B O   1 
ATOM   1444 C CB  . LEU B 1 90 ? -0.488  2.570   9.950   1.00 15.43 ? 90  LEU B CB  1 
ATOM   1445 C CG  . LEU B 1 90 ? -0.027  3.017   8.552   1.00 17.91 ? 90  LEU B CG  1 
ATOM   1446 C CD1 . LEU B 1 90 ? -0.756  2.248   7.439   1.00 9.54  ? 90  LEU B CD1 1 
ATOM   1447 C CD2 . LEU B 1 90 ? -0.235  4.498   8.403   1.00 9.37  ? 90  LEU B CD2 1 
ATOM   1448 N N   . THR B 1 91 ? 0.376   1.595   12.900  1.00 12.81 ? 91  THR B N   1 
ATOM   1449 C CA  . THR B 1 91 ? -0.010  0.979   14.168  1.00 14.97 ? 91  THR B CA  1 
ATOM   1450 C C   . THR B 1 91 ? 0.361   1.875   15.341  1.00 18.75 ? 91  THR B C   1 
ATOM   1451 O O   . THR B 1 91 ? -0.409  2.022   16.286  1.00 20.42 ? 91  THR B O   1 
ATOM   1452 C CB  . THR B 1 91 ? 0.659   -0.366  14.370  1.00 11.10 ? 91  THR B CB  1 
ATOM   1453 O OG1 . THR B 1 91 ? 2.062   -0.213  14.177  1.00 19.93 ? 91  THR B OG1 1 
ATOM   1454 C CG2 . THR B 1 91 ? 0.127   -1.375  13.377  1.00 15.14 ? 91  THR B CG2 1 
ATOM   1455 N N   . ALA B 1 92 ? 1.514   2.531   15.234  1.00 20.51 ? 92  ALA B N   1 
ATOM   1456 C CA  . ALA B 1 92 ? 1.990   3.434   16.290  1.00 22.46 ? 92  ALA B CA  1 
ATOM   1457 C C   . ALA B 1 92 ? 1.025   4.587   16.456  1.00 23.38 ? 92  ALA B C   1 
ATOM   1458 O O   . ALA B 1 92 ? 0.914   5.163   17.540  1.00 26.99 ? 92  ALA B O   1 
ATOM   1459 C CB  . ALA B 1 92 ? 3.386   3.973   15.936  1.00 17.17 ? 92  ALA B CB  1 
ATOM   1460 N N   . LEU B 1 93 ? 0.378   4.976   15.360  1.00 24.77 ? 93  LEU B N   1 
ATOM   1461 C CA  . LEU B 1 93 ? -0.582  6.079   15.400  1.00 22.32 ? 93  LEU B CA  1 
ATOM   1462 C C   . LEU B 1 93 ? -1.967  5.589   15.819  1.00 23.55 ? 93  LEU B C   1 
ATOM   1463 O O   . LEU B 1 93 ? -2.843  6.388   16.108  1.00 27.21 ? 93  LEU B O   1 
ATOM   1464 C CB  . LEU B 1 93 ? -0.663  6.803   14.043  1.00 17.89 ? 93  LEU B CB  1 
ATOM   1465 C CG  . LEU B 1 93 ? 0.544   7.607   13.507  1.00 21.47 ? 93  LEU B CG  1 
ATOM   1466 C CD1 . LEU B 1 93 ? 0.302   8.025   12.057  1.00 19.59 ? 93  LEU B CD1 1 
ATOM   1467 C CD2 . LEU B 1 93 ? 0.824   8.835   14.360  1.00 20.21 ? 93  LEU B CD2 1 
ATOM   1468 N N   . GLY B 1 94 ? -2.163  4.274   15.846  1.00 22.83 ? 94  GLY B N   1 
ATOM   1469 C CA  . GLY B 1 94 ? -3.457  3.730   16.229  1.00 21.54 ? 94  GLY B CA  1 
ATOM   1470 C C   . GLY B 1 94 ? -4.464  3.666   15.104  1.00 22.18 ? 94  GLY B C   1 
ATOM   1471 O O   . GLY B 1 94 ? -5.674  3.564   15.342  1.00 22.00 ? 94  GLY B O   1 
ATOM   1472 N N   . MET B 1 95 ? -3.984  3.723   13.868  1.00 21.18 ? 95  MET B N   1 
ATOM   1473 C CA  . MET B 1 95 ? -4.871  3.646   12.713  1.00 22.63 ? 95  MET B CA  1 
ATOM   1474 C C   . MET B 1 95 ? -5.344  2.227   12.439  1.00 21.99 ? 95  MET B C   1 
ATOM   1475 O O   . MET B 1 95 ? -4.684  1.261   12.812  1.00 22.81 ? 95  MET B O   1 
ATOM   1476 C CB  . MET B 1 95 ? -4.188  4.190   11.466  1.00 22.63 ? 95  MET B CB  1 
ATOM   1477 C CG  . MET B 1 95 ? -4.148  5.702   11.417  1.00 28.42 ? 95  MET B CG  1 
ATOM   1478 S SD  . MET B 1 95 ? -3.641  6.292   9.818   1.00 34.68 ? 95  MET B SD  1 
ATOM   1479 C CE  . MET B 1 95 ? -2.657  7.667   10.275  1.00 44.32 ? 95  MET B CE  1 
ATOM   1480 N N   . SER B 1 96 ? -6.516  2.108   11.820  1.00 19.27 ? 96  SER B N   1 
ATOM   1481 C CA  . SER B 1 96 ? -7.060  0.802   11.488  1.00 17.14 ? 96  SER B CA  1 
ATOM   1482 C C   . SER B 1 96 ? -7.828  0.950   10.177  1.00 17.41 ? 96  SER B C   1 
ATOM   1483 O O   . SER B 1 96 ? -8.228  2.051   9.788   1.00 16.88 ? 96  SER B O   1 
ATOM   1484 C CB  . SER B 1 96 ? -7.980  0.302   12.610  1.00 13.30 ? 96  SER B CB  1 
ATOM   1485 O OG  . SER B 1 96 ? -9.092  1.168   12.753  1.00 18.45 ? 96  SER B OG  1 
ATOM   1486 N N   . LEU B 1 97 ? -8.002  -0.165  9.488   1.00 16.15 ? 97  LEU B N   1 
ATOM   1487 C CA  . LEU B 1 97 ? -8.697  -0.209  8.213   1.00 19.36 ? 97  LEU B CA  1 
ATOM   1488 C C   . LEU B 1 97 ? -10.043 -0.829  8.558   1.00 19.88 ? 97  LEU B C   1 
ATOM   1489 O O   . LEU B 1 97 ? -10.095 -1.933  9.128   1.00 21.20 ? 97  LEU B O   1 
ATOM   1490 C CB  . LEU B 1 97 ? -7.895  -1.107  7.282   1.00 17.60 ? 97  LEU B CB  1 
ATOM   1491 C CG  . LEU B 1 97 ? -8.167  -1.231  5.802   1.00 15.93 ? 97  LEU B CG  1 
ATOM   1492 C CD1 . LEU B 1 97 ? -8.178  0.143   5.114   1.00 15.55 ? 97  LEU B CD1 1 
ATOM   1493 C CD2 . LEU B 1 97 ? -7.052  -2.094  5.263   1.00 12.14 ? 97  LEU B CD2 1 
ATOM   1494 N N   . ASN B 1 98 ? -11.128 -0.122  8.252   1.00 20.07 ? 98  ASN B N   1 
ATOM   1495 C CA  . ASN B 1 98 ? -12.456 -0.616  8.624   1.00 23.23 ? 98  ASN B CA  1 
ATOM   1496 C C   . ASN B 1 98 ? -13.457 -0.774  7.505   1.00 24.85 ? 98  ASN B C   1 
ATOM   1497 O O   . ASN B 1 98 ? -13.398 -0.069  6.504   1.00 24.30 ? 98  ASN B O   1 
ATOM   1498 C CB  . ASN B 1 98 ? -13.061 0.293   9.684   1.00 22.33 ? 98  ASN B CB  1 
ATOM   1499 C CG  . ASN B 1 98 ? -12.193 0.373   10.928  1.00 28.39 ? 98  ASN B CG  1 
ATOM   1500 O OD1 . ASN B 1 98 ? -11.151 1.011   10.924  1.00 22.86 ? 98  ASN B OD1 1 
ATOM   1501 N ND2 . ASN B 1 98 ? -12.614 -0.290  11.988  1.00 32.61 ? 98  ASN B ND2 1 
ATOM   1502 N N   . LEU B 1 99 ? -14.403 -1.674  7.737   1.00 25.16 ? 99  LEU B N   1 
ATOM   1503 C CA  . LEU B 1 99 ? -15.475 -1.986  6.810   1.00 26.22 ? 99  LEU B CA  1 
ATOM   1504 C C   . LEU B 1 99 ? -16.679 -2.204  7.711   1.00 27.19 ? 99  LEU B C   1 
ATOM   1505 O O   . LEU B 1 99 ? -17.695 -1.514  7.516   1.00 31.13 ? 99  LEU B O   1 
ATOM   1506 C CB  . LEU B 1 99 ? -15.183 -3.301  6.075   1.00 25.70 ? 99  LEU B CB  1 
ATOM   1507 C CG  . LEU B 1 99 ? -15.826 -3.536  4.708   1.00 26.60 ? 99  LEU B CG  1 
ATOM   1508 C CD1 . LEU B 1 99 ? -16.077 -5.006  4.598   1.00 30.02 ? 99  LEU B CD1 1 
ATOM   1509 C CD2 . LEU B 1 99 ? -17.148 -2.789  4.531   1.00 29.53 ? 99  LEU B CD2 1 
ATOM   1510 O OXT . LEU B 1 99 ? -16.587 -3.074  8.601   1.00 26.18 ? 99  LEU B OXT 1 
HETATM 1511 S S   . SO4 C 2 .  ? -12.562 0.591   -11.742 1.00 53.82 ? 100 SO4 A S   1 
HETATM 1512 O O1  . SO4 C 2 .  ? -13.535 1.440   -11.119 1.00 57.72 ? 100 SO4 A O1  1 
HETATM 1513 O O2  . SO4 C 2 .  ? -13.098 0.122   -12.975 1.00 58.86 ? 100 SO4 A O2  1 
HETATM 1514 O O3  . SO4 C 2 .  ? -11.404 1.388   -12.036 1.00 57.04 ? 100 SO4 A O3  1 
HETATM 1515 O O4  . SO4 C 2 .  ? -12.212 -0.540  -10.904 1.00 42.12 ? 100 SO4 A O4  1 
HETATM 1516 S S   . SO4 D 2 .  ? 1.995   9.490   -9.892  1.00 74.77 ? 100 SO4 B S   1 
HETATM 1517 O O1  . SO4 D 2 .  ? 3.286   10.064  -10.124 1.00 78.58 ? 100 SO4 B O1  1 
HETATM 1518 O O2  . SO4 D 2 .  ? 1.257   10.389  -9.061  1.00 74.06 ? 100 SO4 B O2  1 
HETATM 1519 O O3  . SO4 D 2 .  ? 1.302   9.300   -11.143 1.00 74.01 ? 100 SO4 B O3  1 
HETATM 1520 O O4  . SO4 D 2 .  ? 2.168   8.221   -9.260  1.00 76.00 ? 100 SO4 B O4  1 
HETATM 1521 C C1  . C20 E 3 .  ? 7.415   -5.555  1.193   1.00 12.85 ? 101 C20 B C1  1 
HETATM 1522 C C2  . C20 E 3 .  ? 6.753   -4.172  1.204   1.00 14.63 ? 101 C20 B C2  1 
HETATM 1523 O O3  . C20 E 3 .  ? 6.008   -3.836  2.138   1.00 16.95 ? 101 C20 B O3  1 
HETATM 1524 N N4  . C20 E 3 .  ? 7.036   -3.371  0.177   1.00 15.46 ? 101 C20 B N4  1 
HETATM 1525 C C5  . C20 E 3 .  ? 6.367   -2.087  -0.002  1.00 13.42 ? 101 C20 B C5  1 
HETATM 1526 C C6  . C20 E 3 .  ? 7.391   -0.919  0.122   1.00 13.54 ? 101 C20 B C6  1 
HETATM 1527 C C7  . C20 E 3 .  ? 6.721   0.453   -0.098  1.00 11.09 ? 101 C20 B C7  1 
HETATM 1528 C C8  . C20 E 3 .  ? 8.068   -0.963  1.513   1.00 17.68 ? 101 C20 B C8  1 
HETATM 1529 C C9  . C20 E 3 .  ? 5.579   -2.005  -1.324  1.00 18.58 ? 101 C20 B C9  1 
HETATM 1530 O O10 . C20 E 3 .  ? 6.172   -1.886  -2.410  1.00 12.73 ? 101 C20 B O10 1 
HETATM 1531 N N11 . C20 E 3 .  ? 4.250   -2.076  -1.220  1.00 11.84 ? 101 C20 B N11 1 
HETATM 1532 C C12 . C20 E 3 .  ? 3.359   -1.985  -2.375  1.00 11.27 ? 101 C20 B C12 1 
HETATM 1533 C C13 . C20 E 3 .  ? 2.641   -3.308  -2.576  1.00 23.62 ? 101 C20 B C13 1 
HETATM 1534 C C14 . C20 E 3 .  ? 3.585   -4.488  -2.604  1.00 23.08 ? 101 C20 B C14 1 
HETATM 1535 C C15 . C20 E 3 .  ? 4.122   -5.062  -1.345  1.00 24.70 ? 101 C20 B C15 1 
HETATM 1536 C C16 . C20 E 3 .  ? 5.009   -6.137  -1.435  1.00 29.55 ? 101 C20 B C16 1 
HETATM 1537 C C17 . C20 E 3 .  ? 5.376   -6.681  -2.685  1.00 26.81 ? 101 C20 B C17 1 
HETATM 1538 C C18 . C20 E 3 .  ? 4.882   -6.166  -3.893  1.00 23.32 ? 101 C20 B C18 1 
HETATM 1539 C C19 . C20 E 3 .  ? 3.994   -5.090  -3.896  1.00 23.91 ? 101 C20 B C19 1 
HETATM 1540 C C20 . C20 E 3 .  ? 2.306   -0.861  -2.218  1.00 12.13 ? 101 C20 B C20 1 
HETATM 1541 O O21 . C20 E 3 .  ? 1.663   -0.919  -0.951  1.00 20.69 ? 101 C20 B O21 1 
HETATM 1542 C C22 . C20 E 3 .  ? 2.917   0.509   -2.230  1.00 17.09 ? 101 C20 B C22 1 
HETATM 1543 N N23 . C20 E 3 .  ? 3.278   0.935   -3.542  1.00 20.70 ? 101 C20 B N23 1 
HETATM 1544 C C24 . C20 E 3 .  ? 3.575   2.338   -3.367  1.00 20.50 ? 101 C20 B C24 1 
HETATM 1545 C C25 . C20 E 3 .  ? 4.205   2.807   -4.653  1.00 24.09 ? 101 C20 B C25 1 
HETATM 1546 C C26 . C20 E 3 .  ? 5.569   3.423   -4.416  1.00 26.30 ? 101 C20 B C26 1 
HETATM 1547 C C27 . C20 E 3 .  ? 6.180   3.928   -5.686  1.00 29.64 ? 101 C20 B C27 1 
HETATM 1548 C C28 . C20 E 3 .  ? 5.276   4.934   -6.327  1.00 28.85 ? 101 C20 B C28 1 
HETATM 1549 C C29 . C20 E 3 .  ? 3.889   4.370   -6.556  1.00 22.52 ? 101 C20 B C29 1 
HETATM 1550 C C30 . C20 E 3 .  ? 3.318   3.867   -5.276  1.00 21.91 ? 101 C20 B C30 1 
HETATM 1551 N N31 . C20 E 3 .  ? 2.164   0.697   -4.437  1.00 17.80 ? 101 C20 B N31 1 
HETATM 1552 C C32 . C20 E 3 .  ? 2.332   0.106   -5.624  1.00 21.81 ? 101 C20 B C32 1 
HETATM 1553 O O33 . C20 E 3 .  ? 3.365   -0.502  -5.941  1.00 18.43 ? 101 C20 B O33 1 
HETATM 1554 C C34 . C20 E 3 .  ? 1.164   0.210   -6.607  1.00 19.75 ? 101 C20 B C34 1 
HETATM 1555 N N35 . C20 E 3 .  ? 1.387   1.291   -7.560  1.00 19.67 ? 101 C20 B N35 1 
HETATM 1556 C C36 . C20 E 3 .  ? 0.941   -1.149  -7.336  1.00 17.89 ? 101 C20 B C36 1 
HETATM 1557 C C37 . C20 E 3 .  ? 0.842   -2.302  -6.338  1.00 14.34 ? 101 C20 B C37 1 
HETATM 1558 C C38 . C20 E 3 .  ? -0.349  -1.085  -8.141  1.00 14.79 ? 101 C20 B C38 1 
HETATM 1559 C C39 . C20 E 3 .  ? 0.588   2.354   -7.621  1.00 25.74 ? 101 C20 B C39 1 
HETATM 1560 O O40 . C20 E 3 .  ? -0.409  2.494   -6.892  1.00 22.57 ? 101 C20 B O40 1 
HETATM 1561 C C41 . C20 E 3 .  ? 0.884   3.441   -8.638  1.00 24.19 ? 101 C20 B C41 1 
HETATM 1562 O O   . HOH F 4 .  ? -4.221  -6.007  9.843   1.00 16.03 ? 101 HOH A O   1 
HETATM 1563 O O   . HOH F 4 .  ? -7.103  -2.244  -11.269 1.00 16.81 ? 102 HOH A O   1 
HETATM 1564 O O   . HOH F 4 .  ? -16.196 -14.338 -8.018  1.00 17.12 ? 103 HOH A O   1 
HETATM 1565 O O   . HOH F 4 .  ? -3.875  -0.285  14.688  1.00 18.54 ? 104 HOH A O   1 
HETATM 1566 O O   . HOH F 4 .  ? -11.683 -11.814 -20.922 1.00 19.18 ? 105 HOH A O   1 
HETATM 1567 O O   . HOH F 4 .  ? -0.805  4.769   -4.533  1.00 21.57 ? 106 HOH A O   1 
HETATM 1568 O O   . HOH F 4 .  ? -3.115  5.332   -3.024  1.00 23.11 ? 107 HOH A O   1 
HETATM 1569 O O   . HOH F 4 .  ? -3.347  -7.379  12.821  1.00 24.09 ? 108 HOH A O   1 
HETATM 1570 O O   . HOH F 4 .  ? -1.051  -12.653 -2.070  1.00 24.59 ? 109 HOH A O   1 
HETATM 1571 O O   . HOH F 4 .  ? -8.677  -3.085  -20.363 1.00 25.20 ? 110 HOH A O   1 
HETATM 1572 O O   . HOH F 4 .  ? -13.360 -12.350 1.897   1.00 27.32 ? 111 HOH A O   1 
HETATM 1573 O O   . HOH F 4 .  ? -14.454 -2.190  -14.187 1.00 27.61 ? 112 HOH A O   1 
HETATM 1574 O O   . HOH F 4 .  ? -10.811 -5.029  -20.218 1.00 29.43 ? 113 HOH A O   1 
HETATM 1575 O O   . HOH F 4 .  ? -3.395  -16.565 -3.549  1.00 30.54 ? 114 HOH A O   1 
HETATM 1576 O O   . HOH F 4 .  ? -0.722  -11.228 -16.822 1.00 30.64 ? 115 HOH A O   1 
HETATM 1577 O O   . HOH F 4 .  ? -15.777 -0.909  -16.861 1.00 31.88 ? 116 HOH A O   1 
HETATM 1578 O O   . HOH F 4 .  ? -16.985 -13.127 0.727   1.00 32.02 ? 117 HOH A O   1 
HETATM 1579 O O   . HOH F 4 .  ? 1.015   -13.035 -6.192  1.00 34.05 ? 118 HOH A O   1 
HETATM 1580 O O   . HOH F 4 .  ? 1.823   3.091   -12.097 1.00 34.46 ? 119 HOH A O   1 
HETATM 1581 O O   . HOH F 4 .  ? 1.211   -9.725  -17.606 1.00 35.11 ? 120 HOH A O   1 
HETATM 1582 O O   . HOH F 4 .  ? -16.766 4.056   -0.351  1.00 35.67 ? 121 HOH A O   1 
HETATM 1583 O O   . HOH F 4 .  ? 3.724   5.087   -10.912 1.00 36.63 ? 122 HOH A O   1 
HETATM 1584 O O   . HOH F 4 .  ? 6.810   -6.887  -16.474 1.00 37.26 ? 123 HOH A O   1 
HETATM 1585 O O   . HOH F 4 .  ? -1.524  -11.773 7.917   1.00 37.48 ? 124 HOH A O   1 
HETATM 1586 O O   . HOH F 4 .  ? -8.091  4.015   -7.621  1.00 39.17 ? 125 HOH A O   1 
HETATM 1587 O O   . HOH F 4 .  ? -7.020  6.219   -9.303  1.00 40.28 ? 126 HOH A O   1 
HETATM 1588 O O   . HOH F 4 .  ? 1.137   -6.169  -21.014 1.00 40.28 ? 127 HOH A O   1 
HETATM 1589 O O   . HOH F 4 .  ? -14.543 -0.495  -8.944  1.00 41.72 ? 128 HOH A O   1 
HETATM 1590 O O   . HOH F 4 .  ? -10.389 -2.558  -22.293 1.00 42.33 ? 129 HOH A O   1 
HETATM 1591 O O   . HOH F 4 .  ? -11.829 -14.833 -23.426 1.00 42.53 ? 130 HOH A O   1 
HETATM 1592 O O   . HOH F 4 .  ? -10.643 -13.603 4.363   1.00 42.58 ? 131 HOH A O   1 
HETATM 1593 O O   . HOH F 4 .  ? 0.500   -12.445 5.385   1.00 42.77 ? 132 HOH A O   1 
HETATM 1594 O O   . HOH F 4 .  ? -22.486 -6.600  -2.202  1.00 42.98 ? 133 HOH A O   1 
HETATM 1595 O O   . HOH F 4 .  ? 1.753   -10.246 8.597   1.00 43.10 ? 134 HOH A O   1 
HETATM 1596 O O   . HOH F 4 .  ? -5.009  -13.250 -17.518 1.00 43.53 ? 135 HOH A O   1 
HETATM 1597 O O   . HOH F 4 .  ? -11.176 -10.577 -26.996 1.00 43.55 ? 136 HOH A O   1 
HETATM 1598 O O   . HOH F 4 .  ? -1.986  4.315   -11.107 1.00 44.15 ? 137 HOH A O   1 
HETATM 1599 O O   . HOH F 4 .  ? -13.691 -12.287 -16.974 1.00 45.10 ? 138 HOH A O   1 
HETATM 1600 O O   . HOH F 4 .  ? -21.425 -17.457 -4.526  1.00 45.15 ? 139 HOH A O   1 
HETATM 1601 O O   . HOH F 4 .  ? 11.669  -0.494  -14.204 1.00 45.64 ? 140 HOH A O   1 
HETATM 1602 O O   . HOH F 4 .  ? 1.409   -12.078 2.966   1.00 45.90 ? 141 HOH A O   1 
HETATM 1603 O O   . HOH F 4 .  ? -6.585  -0.404  15.440  1.00 46.12 ? 142 HOH A O   1 
HETATM 1604 O O   . HOH F 4 .  ? -20.105 -3.337  -8.280  1.00 46.41 ? 143 HOH A O   1 
HETATM 1605 O O   . HOH F 4 .  ? -18.401 0.190   4.943   1.00 47.44 ? 144 HOH A O   1 
HETATM 1606 O O   . HOH F 4 .  ? -2.444  -15.900 -6.985  1.00 47.81 ? 145 HOH A O   1 
HETATM 1607 O O   . HOH F 4 .  ? 2.797   -3.734  -21.461 1.00 48.43 ? 146 HOH A O   1 
HETATM 1608 O O   . HOH F 4 .  ? -8.636  1.232   -14.804 1.00 49.49 ? 147 HOH A O   1 
HETATM 1609 O O   . HOH F 4 .  ? -19.521 -13.386 -1.750  1.00 49.73 ? 148 HOH A O   1 
HETATM 1610 O O   . HOH F 4 .  ? -13.235 -3.446  -21.662 1.00 49.81 ? 149 HOH A O   1 
HETATM 1611 O O   . HOH F 4 .  ? -17.100 -0.665  -8.313  1.00 50.44 ? 150 HOH A O   1 
HETATM 1612 O O   . HOH F 4 .  ? 10.955  -3.384  -13.486 1.00 50.85 ? 151 HOH A O   1 
HETATM 1613 O O   . HOH F 4 .  ? -7.847  2.121   -20.090 1.00 51.51 ? 152 HOH A O   1 
HETATM 1614 O O   . HOH F 4 .  ? -6.212  -15.501 -19.633 1.00 51.52 ? 153 HOH A O   1 
HETATM 1615 O O   . HOH F 4 .  ? -15.330 2.432   -6.840  1.00 51.61 ? 154 HOH A O   1 
HETATM 1616 O O   . HOH F 4 .  ? 4.261   -8.971  -15.316 1.00 51.76 ? 155 HOH A O   1 
HETATM 1617 O O   . HOH F 4 .  ? -4.916  -0.509  -21.422 1.00 51.77 ? 156 HOH A O   1 
HETATM 1618 O O   . HOH F 4 .  ? -15.798 2.014   6.967   1.00 51.78 ? 157 HOH A O   1 
HETATM 1619 O O   . HOH F 4 .  ? -12.588 -7.152  -19.721 1.00 51.92 ? 158 HOH A O   1 
HETATM 1620 O O   . HOH F 4 .  ? -18.975 -13.711 -13.688 1.00 52.26 ? 159 HOH A O   1 
HETATM 1621 O O   . HOH F 4 .  ? 7.804   3.530   -9.936  1.00 53.11 ? 160 HOH A O   1 
HETATM 1622 O O   . HOH F 4 .  ? -17.781 -18.146 -4.776  1.00 53.62 ? 161 HOH A O   1 
HETATM 1623 O O   . HOH F 4 .  ? -8.071  -14.377 6.176   1.00 54.41 ? 162 HOH A O   1 
HETATM 1624 O O   . HOH F 4 .  ? 10.775  3.994   -9.070  1.00 54.46 ? 163 HOH A O   1 
HETATM 1625 O O   . HOH F 4 .  ? -7.642  0.486   -11.664 1.00 54.57 ? 164 HOH A O   1 
HETATM 1626 O O   . HOH F 4 .  ? -15.874 -20.235 -6.071  1.00 54.58 ? 165 HOH A O   1 
HETATM 1627 O O   . HOH F 4 .  ? -7.855  3.299   -17.168 1.00 56.00 ? 166 HOH A O   1 
HETATM 1628 O O   . HOH F 4 .  ? -0.601  -14.973 -3.405  1.00 56.04 ? 167 HOH A O   1 
HETATM 1629 O O   . HOH F 4 .  ? -4.552  2.282   -15.792 1.00 56.96 ? 168 HOH A O   1 
HETATM 1630 O O   . HOH F 4 .  ? 0.435   -14.509 -13.643 1.00 58.21 ? 169 HOH A O   1 
HETATM 1631 O O   . HOH F 4 .  ? -17.886 -16.690 -2.572  1.00 59.25 ? 170 HOH A O   1 
HETATM 1632 O O   . HOH F 4 .  ? -3.091  1.416   -21.849 1.00 59.61 ? 171 HOH A O   1 
HETATM 1633 O O   . HOH F 4 .  ? -7.519  3.252   -10.567 1.00 59.91 ? 172 HOH A O   1 
HETATM 1634 O O   . HOH F 4 .  ? -8.099  -3.944  15.352  1.00 59.93 ? 173 HOH A O   1 
HETATM 1635 O O   . HOH F 4 .  ? -12.733 2.070   -15.135 1.00 60.65 ? 174 HOH A O   1 
HETATM 1636 O O   . HOH F 4 .  ? 2.531   4.346   -15.294 1.00 61.19 ? 175 HOH A O   1 
HETATM 1637 O O   . HOH F 4 .  ? -13.485 -17.922 -14.012 1.00 61.30 ? 176 HOH A O   1 
HETATM 1638 O O   . HOH F 4 .  ? 1.643   -8.697  -20.054 1.00 62.18 ? 177 HOH A O   1 
HETATM 1639 O O   . HOH F 4 .  ? -9.862  5.473   -10.805 1.00 63.22 ? 178 HOH A O   1 
HETATM 1640 O O   . HOH F 4 .  ? -18.066 -11.244 -14.810 1.00 63.38 ? 179 HOH A O   1 
HETATM 1641 O O   . HOH F 4 .  ? 8.444   -10.965 -14.761 1.00 64.75 ? 180 HOH A O   1 
HETATM 1642 O O   . HOH F 4 .  ? -3.029  -13.680 -12.793 1.00 65.34 ? 181 HOH A O   1 
HETATM 1643 O O   . HOH F 4 .  ? -7.519  -19.615 -8.485  1.00 66.18 ? 182 HOH A O   1 
HETATM 1644 O O   . HOH F 4 .  ? -15.135 -5.197  -20.192 1.00 66.53 ? 183 HOH A O   1 
HETATM 1645 O O   . HOH F 4 .  ? -3.057  8.444   -9.033  1.00 68.04 ? 184 HOH A O   1 
HETATM 1646 O O   . HOH F 4 .  ? 4.348   -14.052 -8.901  1.00 68.65 ? 185 HOH A O   1 
HETATM 1647 O O   . HOH F 4 .  ? -2.766  -15.576 3.406   1.00 69.41 ? 186 HOH A O   1 
HETATM 1648 O O   . HOH F 4 .  ? 10.395  -2.789  -17.484 1.00 72.71 ? 187 HOH A O   1 
HETATM 1649 O O   . HOH F 4 .  ? -11.322 -21.114 -0.210  1.00 77.76 ? 188 HOH A O   1 
HETATM 1650 O O   . HOH G 4 .  ? 5.878   -1.430  -4.938  1.00 14.35 ? 102 HOH B O   1 
HETATM 1651 O O   . HOH G 4 .  ? -8.346  8.997   1.089   1.00 14.58 ? 103 HOH B O   1 
HETATM 1652 O O   . HOH G 4 .  ? 8.724   1.707   13.723  1.00 15.63 ? 104 HOH B O   1 
HETATM 1653 O O   . HOH G 4 .  ? 1.373   -4.687  4.792   1.00 16.81 ? 105 HOH B O   1 
HETATM 1654 O O   . HOH G 4 .  ? 10.530  1.411   8.451   1.00 17.26 ? 106 HOH B O   1 
HETATM 1655 O O   . HOH G 4 .  ? -11.139 10.469  -0.209  1.00 19.98 ? 107 HOH B O   1 
HETATM 1656 O O   . HOH G 4 .  ? 9.066   16.212  13.732  1.00 20.58 ? 108 HOH B O   1 
HETATM 1657 O O   . HOH G 4 .  ? 12.296  6.846   -7.475  1.00 22.41 ? 109 HOH B O   1 
HETATM 1658 O O   . HOH G 4 .  ? -14.255 4.081   1.067   1.00 23.11 ? 110 HOH B O   1 
HETATM 1659 O O   . HOH G 4 .  ? -11.872 10.983  3.660   1.00 23.17 ? 111 HOH B O   1 
HETATM 1660 O O   . HOH G 4 .  ? 3.218   -5.472  2.758   1.00 23.19 ? 112 HOH B O   1 
HETATM 1661 O O   . HOH G 4 .  ? -12.426 12.890  9.301   1.00 23.69 ? 113 HOH B O   1 
HETATM 1662 O O   . HOH G 4 .  ? 21.531  -1.571  1.227   1.00 24.35 ? 114 HOH B O   1 
HETATM 1663 O O   . HOH G 4 .  ? 21.218  -4.545  7.879   1.00 25.31 ? 115 HOH B O   1 
HETATM 1664 O O   . HOH G 4 .  ? 19.095  1.222   12.394  1.00 25.38 ? 116 HOH B O   1 
HETATM 1665 O O   . HOH G 4 .  ? 19.516  9.717   5.216   1.00 26.11 ? 117 HOH B O   1 
HETATM 1666 O O   . HOH G 4 .  ? 18.787  1.293   -5.332  1.00 27.42 ? 118 HOH B O   1 
HETATM 1667 O O   . HOH G 4 .  ? 14.512  14.346  18.055  1.00 28.32 ? 119 HOH B O   1 
HETATM 1668 O O   . HOH G 4 .  ? 12.489  3.027   16.096  1.00 28.44 ? 120 HOH B O   1 
HETATM 1669 O O   . HOH G 4 .  ? 17.370  3.899   -2.824  1.00 28.50 ? 121 HOH B O   1 
HETATM 1670 O O   . HOH G 4 .  ? 7.085   15.827  0.229   1.00 28.54 ? 122 HOH B O   1 
HETATM 1671 O O   . HOH G 4 .  ? -10.858 15.752  10.073  1.00 28.80 ? 123 HOH B O   1 
HETATM 1672 O O   . HOH G 4 .  ? -4.664  12.784  -2.370  1.00 30.03 ? 124 HOH B O   1 
HETATM 1673 O O   . HOH G 4 .  ? 5.601   11.948  -1.162  1.00 30.62 ? 125 HOH B O   1 
HETATM 1674 O O   . HOH G 4 .  ? 9.697   10.877  -2.694  1.00 31.52 ? 126 HOH B O   1 
HETATM 1675 O O   . HOH G 4 .  ? 0.110   16.528  9.942   1.00 35.69 ? 127 HOH B O   1 
HETATM 1676 O O   . HOH G 4 .  ? 9.419   -6.312  4.168   1.00 36.49 ? 128 HOH B O   1 
HETATM 1677 O O   . HOH G 4 .  ? 17.773  -6.249  4.137   1.00 37.24 ? 129 HOH B O   1 
HETATM 1678 O O   . HOH G 4 .  ? 19.305  4.558   13.580  1.00 37.43 ? 130 HOH B O   1 
HETATM 1679 O O   . HOH G 4 .  ? 10.425  14.336  -0.015  1.00 37.57 ? 131 HOH B O   1 
HETATM 1680 O O   . HOH G 4 .  ? 19.018  7.219   1.517   1.00 38.14 ? 132 HOH B O   1 
HETATM 1681 O O   . HOH G 4 .  ? 24.950  -0.486  10.891  1.00 38.35 ? 133 HOH B O   1 
HETATM 1682 O O   . HOH G 4 .  ? 22.611  9.249   12.082  1.00 39.04 ? 134 HOH B O   1 
HETATM 1683 O O   . HOH G 4 .  ? 19.737  4.615   0.125   1.00 39.67 ? 135 HOH B O   1 
HETATM 1684 O O   . HOH G 4 .  ? 9.824   -7.838  -4.481  1.00 40.06 ? 136 HOH B O   1 
HETATM 1685 O O   . HOH G 4 .  ? 5.754   -3.479  9.997   1.00 40.14 ? 137 HOH B O   1 
HETATM 1686 O O   . HOH G 4 .  ? 8.998   -8.107  -1.947  1.00 40.54 ? 138 HOH B O   1 
HETATM 1687 O O   . HOH G 4 .  ? 22.705  17.639  6.409   1.00 41.38 ? 139 HOH B O   1 
HETATM 1688 O O   . HOH G 4 .  ? 19.550  -6.586  6.503   1.00 41.52 ? 140 HOH B O   1 
HETATM 1689 O O   . HOH G 4 .  ? 6.314   6.250   19.723  1.00 41.59 ? 141 HOH B O   1 
HETATM 1690 O O   . HOH G 4 .  ? 11.804  7.889   -9.890  1.00 41.64 ? 142 HOH B O   1 
HETATM 1691 O O   . HOH G 4 .  ? 10.776  -6.310  0.995   1.00 42.14 ? 143 HOH B O   1 
HETATM 1692 O O   . HOH G 4 .  ? 23.285  -2.534  11.348  1.00 42.27 ? 144 HOH B O   1 
HETATM 1693 O O   . HOH G 4 .  ? -2.618  0.649   17.029  1.00 42.60 ? 145 HOH B O   1 
HETATM 1694 O O   . HOH G 4 .  ? 4.224   0.052   16.169  1.00 42.64 ? 146 HOH B O   1 
HETATM 1695 O O   . HOH G 4 .  ? 17.843  8.521   14.255  1.00 42.65 ? 147 HOH B O   1 
HETATM 1696 O O   . HOH G 4 .  ? 1.169   17.472  12.429  1.00 45.13 ? 148 HOH B O   1 
HETATM 1697 O O   . HOH G 4 .  ? 3.777   -7.527  10.645  1.00 45.19 ? 149 HOH B O   1 
HETATM 1698 O O   . HOH G 4 .  ? 7.189   18.073  14.601  1.00 45.98 ? 150 HOH B O   1 
HETATM 1699 O O   . HOH G 4 .  ? 6.929   -6.809  -9.205  1.00 46.34 ? 151 HOH B O   1 
HETATM 1700 O O   . HOH G 4 .  ? -1.754  4.800   19.686  1.00 46.38 ? 152 HOH B O   1 
HETATM 1701 O O   . HOH G 4 .  ? 17.903  8.952   -3.557  1.00 46.94 ? 153 HOH B O   1 
HETATM 1702 O O   . HOH G 4 .  ? 10.079  6.174   -11.787 1.00 47.06 ? 154 HOH B O   1 
HETATM 1703 O O   . HOH G 4 .  ? 17.134  9.734   -0.497  1.00 47.51 ? 155 HOH B O   1 
HETATM 1704 O O   . HOH G 4 .  ? -1.976  12.757  -4.330  1.00 47.82 ? 156 HOH B O   1 
HETATM 1705 O O   . HOH G 4 .  ? 15.163  -1.160  -8.662  1.00 48.01 ? 157 HOH B O   1 
HETATM 1706 O O   . HOH G 4 .  ? 18.648  16.131  0.920   1.00 48.06 ? 158 HOH B O   1 
HETATM 1707 O O   . HOH G 4 .  ? 9.777   0.729   15.749  1.00 49.51 ? 159 HOH B O   1 
HETATM 1708 O O   . HOH G 4 .  ? 6.355   3.799   17.758  1.00 50.20 ? 160 HOH B O   1 
HETATM 1709 O O   . HOH G 4 .  ? -8.251  13.333  -6.363  1.00 50.54 ? 161 HOH B O   1 
HETATM 1710 O O   . HOH G 4 .  ? 13.153  10.272  -5.347  1.00 50.63 ? 162 HOH B O   1 
HETATM 1711 O O   . HOH G 4 .  ? -8.022  2.981   14.696  1.00 51.45 ? 163 HOH B O   1 
HETATM 1712 O O   . HOH G 4 .  ? 12.978  -2.487  11.960  1.00 51.50 ? 164 HOH B O   1 
HETATM 1713 O O   . HOH G 4 .  ? 14.216  17.485  15.388  1.00 51.61 ? 165 HOH B O   1 
HETATM 1714 O O   . HOH G 4 .  ? 5.558   7.625   -9.607  1.00 51.93 ? 166 HOH B O   1 
HETATM 1715 O O   . HOH G 4 .  ? 9.872   -1.256  9.524   1.00 51.97 ? 167 HOH B O   1 
HETATM 1716 O O   . HOH G 4 .  ? -5.572  10.965  -6.163  1.00 52.30 ? 168 HOH B O   1 
HETATM 1717 O O   . HOH G 4 .  ? 12.040  -1.141  14.495  1.00 52.78 ? 169 HOH B O   1 
HETATM 1718 O O   . HOH G 4 .  ? 25.122  9.300   13.216  1.00 55.69 ? 170 HOH B O   1 
HETATM 1719 O O   . HOH G 4 .  ? 0.971   6.809   -12.183 1.00 55.78 ? 171 HOH B O   1 
HETATM 1720 O O   . HOH G 4 .  ? 2.736   4.768   19.460  1.00 56.14 ? 172 HOH B O   1 
HETATM 1721 O O   . HOH G 4 .  ? 13.505  6.644   -11.940 1.00 57.04 ? 173 HOH B O   1 
HETATM 1722 O O   . HOH G 4 .  ? 20.562  10.837  -2.207  1.00 57.62 ? 174 HOH B O   1 
HETATM 1723 O O   . HOH G 4 .  ? -18.315 7.570   8.874   1.00 57.71 ? 175 HOH B O   1 
HETATM 1724 O O   . HOH G 4 .  ? 14.700  -3.762  -9.337  1.00 57.73 ? 176 HOH B O   1 
HETATM 1725 O O   . HOH G 4 .  ? 10.424  3.430   17.885  1.00 58.03 ? 177 HOH B O   1 
HETATM 1726 O O   . HOH G 4 .  ? -16.744 10.847  6.916   1.00 58.70 ? 178 HOH B O   1 
HETATM 1727 O O   . HOH G 4 .  ? 9.816   -0.840  12.814  1.00 58.72 ? 179 HOH B O   1 
HETATM 1728 O O   . HOH G 4 .  ? -1.218  17.016  2.304   1.00 59.07 ? 180 HOH B O   1 
HETATM 1729 O O   . HOH G 4 .  ? 16.235  10.959  15.992  1.00 59.51 ? 181 HOH B O   1 
HETATM 1730 O O   . HOH G 4 .  ? 5.764   -6.100  9.754   1.00 59.66 ? 182 HOH B O   1 
HETATM 1731 O O   . HOH G 4 .  ? 20.999  7.987   14.280  1.00 60.29 ? 183 HOH B O   1 
HETATM 1732 O O   . HOH G 4 .  ? 22.242  4.388   18.013  1.00 61.00 ? 184 HOH B O   1 
HETATM 1733 O O   . HOH G 4 .  ? 17.016  16.418  5.781   1.00 61.14 ? 185 HOH B O   1 
HETATM 1734 O O   . HOH G 4 .  ? 6.528   1.924   15.438  1.00 61.40 ? 186 HOH B O   1 
HETATM 1735 O O   . HOH G 4 .  ? 13.986  15.388  8.940   1.00 62.14 ? 187 HOH B O   1 
HETATM 1736 O O   . HOH G 4 .  ? 10.315  -5.965  -13.016 1.00 62.17 ? 188 HOH B O   1 
HETATM 1737 O O   . HOH G 4 .  ? 0.272   10.865  -4.379  1.00 62.73 ? 189 HOH B O   1 
HETATM 1738 O O   . HOH G 4 .  ? 5.459   19.480  2.412   1.00 64.24 ? 190 HOH B O   1 
HETATM 1739 O O   . HOH G 4 .  ? -1.975  15.120  -2.778  1.00 64.69 ? 191 HOH B O   1 
HETATM 1740 O O   . HOH G 4 .  ? 7.206   12.198  -3.560  1.00 65.03 ? 192 HOH B O   1 
HETATM 1741 O O   . HOH G 4 .  ? 7.278   18.587  0.349   1.00 66.83 ? 193 HOH B O   1 
HETATM 1742 O O   . HOH G 4 .  ? -15.836 -1.127  11.162  1.00 66.92 ? 194 HOH B O   1 
HETATM 1743 O O   . HOH G 4 .  ? 18.786  5.218   -7.185  1.00 67.36 ? 195 HOH B O   1 
HETATM 1744 O O   . HOH G 4 .  ? -0.359  2.227   19.321  1.00 68.11 ? 196 HOH B O   1 
HETATM 1745 O O   . HOH G 4 .  ? 21.817  10.229  1.522   1.00 68.99 ? 197 HOH B O   1 
HETATM 1746 O O   . HOH G 4 .  ? 20.041  18.380  0.175   1.00 69.06 ? 198 HOH B O   1 
HETATM 1747 O O   . HOH G 4 .  ? 25.352  5.893   -0.029  1.00 71.32 ? 199 HOH B O   1 
HETATM 1748 O O   . HOH G 4 .  ? -9.695  16.723  -6.627  1.00 71.32 ? 200 HOH B O   1 
HETATM 1749 O O   . HOH G 4 .  ? 14.142  1.423   18.140  1.00 72.80 ? 201 HOH B O   1 
HETATM 1750 O O   . HOH G 4 .  ? 19.502  13.302  1.081   1.00 72.81 ? 202 HOH B O   1 
HETATM 1751 O O   . HOH G 4 .  ? 8.448   -7.798  -7.286  1.00 75.48 ? 203 HOH B O   1 
HETATM 1752 O O   . HOH G 4 .  ? 10.615  -5.235  6.836   1.00 78.37 ? 204 HOH B O   1 
HETATM 1753 O O   . HOH G 4 .  ? 19.257  6.180   -2.476  1.00 78.52 ? 205 HOH B O   1 
HETATM 1754 O O   . HOH G 4 .  ? 17.106  18.905  -0.085  1.00 79.12 ? 206 HOH B O   1 
HETATM 1755 O O   . HOH G 4 .  ? 13.394  -6.344  3.159   1.00 79.67 ? 207 HOH B O   1 
# 
